data_8OIZ
#
_entry.id   8OIZ
#
_cell.length_a   71.841
_cell.length_b   128.508
_cell.length_c   198.377
_cell.angle_alpha   90.000
_cell.angle_beta   90.000
_cell.angle_gamma   90.000
#
_symmetry.space_group_name_H-M   'P 21 21 21'
#
loop_
_entity.id
_entity.type
_entity.pdbx_description
1 polymer 'DNA damage-binding protein 1'
2 polymer 'Protein cereblon'
3 non-polymer 1,2-ETHANEDIOL
4 non-polymer 'ZINC ION'
5 non-polymer S-Pomalidomide
6 water water
#
loop_
_entity_poly.entity_id
_entity_poly.type
_entity_poly.pdbx_seq_one_letter_code
_entity_poly.pdbx_strand_id
1 'polypeptide(L)'
;MSYNYVVTAQKPTAVNGCVTGHFTSAEDLNLLIAKNTRLEIYVVTAEGLRPVKEVGMYGKIAVMELFRPKGESKDLLFIL
TAKYNACILEYKQSGESIDIITRAHGNVQDRIGRPSETGIIGIIDPECRMIGLRLYDGLFKVIPLDRDNKELKAFNIRLE
ELHVIDVKFLYGCQAPTICFVYQDPQGRHVKTYEVSLREKEFNKGPWKQENVEAEASMVIAVPEPFGGAIIIGQESITYH
NGDKYLAIAPPIIKQSTIVCHNRVDPNGSRYLLGDMEGRLFMLLLEKEEQMDGTVTLKDLRVELLGETSIAECLTYLDNG
VVFVGSRLGDSQLVKLNVDSNEQGSYVVAMETFTNLGPIVDMCVVDLERQGQGQLVTCSGAFKEGSLRIIRNGIGIHEHA
SIDLPGIKGLWPLRSDPNRETDDTLVLSFVGQTRVLMLNGEEVEETELMGFVDDQQTFFCGNVAHQQLIQITSASVRLVS
QEPKALVSEWKEPQAKNISVASCNSSQVVVAVGRALYYLQIHPQELRQISHTEMEHEVACLDITPLGDSNGLSPLCAIGL
WTDISARILKLPSFELLHKEMLGGEIIPRSILMTTFESSHYLLCALGDGALFYFGLNIETGLLSDRKKVTLGTQPTVLRT
FRSLSTTNVFACSDRPTVIYSSNHKLVFSNVNLKEVNYMCPLNSDGYPDSLALANNSTLTIGTIDEIQKLHIRTVPLYES
PRKICYQEVSQCFGVLSSRIEVQDTSGGTTALRPSASTQALSSSVSSSKLFSSSTAPHETSFGEEVEVHNLLIIDQHTFE
VLHAHQFLQNEYALSLVSCKLGKDPNTYFIVGTAMVYPEEAEPKQGRIVVFQYSDGKLQTVAEKEVKGAVYSMVEFNGKL
LASINSTVRLYEWTTEKELRTECNHYNNIMALYLKTKGDFILVGDLMRSVLLLAYKPMEGNFEEIARDFNPNWMSAVEIL
DDDNFLGAENAFNLFVCQKDSAATTDEERQHLQEVGLFHLGEFVNVFCHGSLVMQNLGETSTPTQGSVLFGTVNGMIGLV
TSLSESWYNLLLDMQNRLNKVIKSVGKIEHSFWRSFHTERKTEPATGFIDGDLIESFLDISRPKMQEVVANLQYDDGSGM
KREATADDLIKVVEELTRIHWSHPQFEK
;
A
2 'polypeptide(L)'
;GPHMEAKKPNIINFDTSLPTSHTYLGADMEEFHGRTLHDDDSCQVIPVLPQVMMILIPGQTLPLQLFHPQEVSMVRNLIQ
KDRTFAVLAYSNVQEREAQFGTTAEIYAYREEQDFGIEIVKVKAIGRQRFKVLELRTQSDGIQQAKVQILPECVLPSTMS
AVQLESLNKCQIFPSKPVSREDQCSYKWWQKYQKRKFHCANLTSWPRWLYSLYDAETLMDRIKKQLREWDENLKDDSLPS
NPIDFSYRVAACLPIDDVLRIQLLKIGSAIQRLRCELDIMNKCTSLCCKQCQETEITTKNEIFSLSLCGPMAAYVNPHGY
VHETLTVYKACNLNLIGRPSTEHSWFPGYAWTVAQCKICASHIGWKFTATKKDMSPQKFWGLTRSALLPTIPDTEDEISP
DKVILCL
;
B
#
loop_
_chem_comp.id
_chem_comp.type
_chem_comp.name
_chem_comp.formula
EDO non-polymer 1,2-ETHANEDIOL 'C2 H6 O2'
Y70 non-polymer S-Pomalidomide 'C13 H11 N3 O4'
ZN non-polymer 'ZINC ION' 'Zn 2'
#
# COMPACT_ATOMS: atom_id res chain seq x y z
N MET A 1 -1.74 -0.95 19.61
CA MET A 1 -2.54 -0.23 20.60
C MET A 1 -2.65 1.26 20.26
N SER A 2 -2.68 2.12 21.29
CA SER A 2 -2.76 3.58 21.14
C SER A 2 -1.42 4.20 20.75
N TYR A 3 -0.29 3.46 20.92
CA TYR A 3 1.07 3.95 20.67
C TYR A 3 1.74 3.01 19.74
N ASN A 4 2.15 3.49 18.58
CA ASN A 4 2.74 2.62 17.58
C ASN A 4 4.07 3.12 17.05
N TYR A 5 4.90 2.20 16.64
CA TYR A 5 6.19 2.45 16.07
C TYR A 5 6.08 1.97 14.62
N VAL A 6 6.33 2.85 13.65
CA VAL A 6 6.28 2.48 12.25
C VAL A 6 7.70 2.65 11.64
N VAL A 7 8.25 1.56 11.10
CA VAL A 7 9.59 1.56 10.54
C VAL A 7 9.63 0.84 9.18
N THR A 8 10.55 1.24 8.31
CA THR A 8 10.75 0.64 7.00
C THR A 8 11.54 -0.68 7.08
N ALA A 9 11.05 -1.73 6.44
CA ALA A 9 11.75 -3.01 6.35
C ALA A 9 12.43 -3.14 4.94
N GLN A 10 11.85 -2.50 3.92
CA GLN A 10 12.40 -2.47 2.57
C GLN A 10 11.99 -1.14 1.99
N LYS A 11 12.95 -0.30 1.62
CA LYS A 11 12.72 1.00 0.99
C LYS A 11 11.95 0.83 -0.33
N PRO A 12 11.21 1.85 -0.81
CA PRO A 12 10.50 1.70 -2.09
C PRO A 12 11.43 1.33 -3.24
N THR A 13 11.02 0.38 -4.08
CA THR A 13 11.83 -0.05 -5.19
C THR A 13 11.38 0.55 -6.53
N ALA A 14 10.08 0.89 -6.66
CA ALA A 14 9.52 1.44 -7.89
C ALA A 14 10.17 2.77 -8.28
N VAL A 15 10.42 2.99 -9.60
CA VAL A 15 11.06 4.23 -10.07
C VAL A 15 10.01 5.20 -10.65
N ASN A 16 9.91 6.43 -10.10
CA ASN A 16 8.98 7.42 -10.64
C ASN A 16 9.61 8.51 -11.49
N GLY A 17 10.92 8.67 -11.40
CA GLY A 17 11.63 9.66 -12.19
C GLY A 17 13.06 9.28 -12.42
N CYS A 18 13.66 9.78 -13.48
CA CYS A 18 15.07 9.54 -13.77
C CYS A 18 15.59 10.61 -14.70
N VAL A 19 16.70 11.27 -14.32
CA VAL A 19 17.30 12.31 -15.14
C VAL A 19 18.81 12.12 -15.24
N THR A 20 19.42 12.64 -16.31
CA THR A 20 20.87 12.64 -16.45
C THR A 20 21.37 14.09 -16.52
N GLY A 21 22.65 14.27 -16.26
CA GLY A 21 23.27 15.58 -16.27
C GLY A 21 24.62 15.52 -15.61
N HIS A 22 25.07 16.65 -15.07
CA HIS A 22 26.39 16.73 -14.44
C HIS A 22 26.26 17.37 -13.07
N PHE A 23 25.86 16.53 -12.11
CA PHE A 23 25.58 16.92 -10.74
C PHE A 23 26.77 16.85 -9.79
N THR A 24 27.49 15.72 -9.80
CA THR A 24 28.60 15.43 -8.90
C THR A 24 29.89 16.16 -9.28
N SER A 25 30.04 16.51 -10.57
CA SER A 25 31.13 17.30 -11.13
C SER A 25 30.78 17.63 -12.59
N ALA A 26 31.40 18.67 -13.16
CA ALA A 26 31.20 19.01 -14.57
C ALA A 26 31.72 17.89 -15.53
N GLU A 27 32.69 17.09 -15.05
CA GLU A 27 33.33 16.01 -15.78
C GLU A 27 32.55 14.69 -15.73
N ASP A 28 31.73 14.50 -14.69
CA ASP A 28 30.97 13.25 -14.55
C ASP A 28 29.64 13.30 -15.24
N LEU A 29 29.15 12.16 -15.73
CA LEU A 29 27.79 12.07 -16.27
C LEU A 29 27.02 11.30 -15.21
N ASN A 30 25.99 11.88 -14.61
CA ASN A 30 25.25 11.21 -13.57
C ASN A 30 23.93 10.65 -14.04
N LEU A 31 23.38 9.72 -13.27
CA LEU A 31 22.05 9.20 -13.47
C LEU A 31 21.41 9.37 -12.09
N LEU A 32 20.39 10.22 -12.01
CA LEU A 32 19.66 10.50 -10.78
C LEU A 32 18.33 9.76 -10.89
N ILE A 33 18.00 8.96 -9.88
CA ILE A 33 16.79 8.15 -9.89
C ILE A 33 15.94 8.49 -8.68
N ALA A 34 14.66 8.72 -8.90
CA ALA A 34 13.77 9.01 -7.82
C ALA A 34 12.96 7.78 -7.51
N LYS A 35 12.97 7.39 -6.26
CA LYS A 35 12.20 6.26 -5.81
C LYS A 35 11.41 6.77 -4.66
N ASN A 36 10.36 7.50 -4.99
CA ASN A 36 9.46 8.11 -4.02
C ASN A 36 10.20 9.12 -3.14
N THR A 37 10.46 8.71 -1.93
CA THR A 37 11.11 9.54 -0.90
C THR A 37 12.64 9.53 -1.00
N ARG A 38 13.20 8.72 -1.91
CA ARG A 38 14.62 8.52 -2.05
C ARG A 38 15.11 9.04 -3.39
N LEU A 39 16.34 9.54 -3.39
CA LEU A 39 17.08 10.01 -4.55
C LEU A 39 18.40 9.22 -4.57
N GLU A 40 18.67 8.48 -5.66
CA GLU A 40 19.89 7.71 -5.82
C GLU A 40 20.69 8.44 -6.87
N ILE A 41 21.99 8.62 -6.62
CA ILE A 41 22.91 9.30 -7.53
C ILE A 41 23.97 8.31 -7.95
N TYR A 42 24.10 8.12 -9.26
CA TYR A 42 25.04 7.18 -9.85
C TYR A 42 25.96 7.92 -10.80
N VAL A 43 27.13 7.36 -11.08
CA VAL A 43 28.03 7.90 -12.07
C VAL A 43 28.01 6.93 -13.23
N VAL A 44 27.68 7.41 -14.40
CA VAL A 44 27.64 6.56 -15.56
C VAL A 44 29.07 6.24 -15.93
N THR A 45 29.35 4.96 -16.10
CA THR A 45 30.68 4.51 -16.45
C THR A 45 30.56 3.67 -17.69
N ALA A 46 31.68 3.44 -18.36
CA ALA A 46 31.65 2.65 -19.56
C ALA A 46 31.16 1.25 -19.25
N GLU A 47 31.63 0.65 -18.16
CA GLU A 47 31.11 -0.63 -17.82
C GLU A 47 29.63 -0.55 -17.44
N GLY A 48 29.28 0.36 -16.53
CA GLY A 48 27.90 0.42 -16.06
C GLY A 48 27.68 1.56 -15.11
N LEU A 49 26.86 1.39 -14.08
CA LEU A 49 26.59 2.47 -13.13
C LEU A 49 27.31 2.31 -11.81
N ARG A 50 27.85 3.41 -11.29
CA ARG A 50 28.51 3.35 -9.99
C ARG A 50 27.73 4.16 -8.98
N PRO A 51 27.32 3.54 -7.87
CA PRO A 51 26.55 4.25 -6.84
C PRO A 51 27.43 5.17 -6.01
N VAL A 52 27.12 6.48 -6.00
CA VAL A 52 27.97 7.41 -5.26
C VAL A 52 27.28 7.92 -4.01
N LYS A 53 25.97 8.18 -4.07
CA LYS A 53 25.27 8.75 -2.92
C LYS A 53 23.77 8.52 -3.03
N GLU A 54 23.12 8.17 -1.91
CA GLU A 54 21.69 7.99 -1.86
C GLU A 54 21.15 8.78 -0.69
N VAL A 55 20.15 9.60 -0.94
CA VAL A 55 19.55 10.43 0.10
C VAL A 55 18.05 10.21 0.19
N GLY A 56 17.52 10.48 1.37
CA GLY A 56 16.11 10.41 1.65
C GLY A 56 15.60 11.82 1.92
N MET A 57 14.36 12.08 1.53
CA MET A 57 13.76 13.37 1.74
C MET A 57 12.51 13.24 2.59
N TYR A 58 12.17 14.31 3.27
CA TYR A 58 10.96 14.37 4.04
C TYR A 58 9.89 14.83 3.06
N GLY A 59 9.71 14.06 1.99
CA GLY A 59 8.74 14.36 0.95
C GLY A 59 8.68 13.29 -0.12
N LYS A 60 7.59 13.30 -0.89
CA LYS A 60 7.43 12.41 -2.02
C LYS A 60 7.89 13.25 -3.21
N ILE A 61 8.99 12.87 -3.89
CA ILE A 61 9.52 13.62 -5.03
C ILE A 61 8.51 13.69 -6.16
N ALA A 62 7.94 14.87 -6.43
CA ALA A 62 6.98 15.06 -7.52
C ALA A 62 7.62 15.67 -8.79
N VAL A 63 8.72 16.43 -8.63
CA VAL A 63 9.46 17.03 -9.74
C VAL A 63 10.94 16.86 -9.40
N MET A 64 11.76 16.48 -10.38
CA MET A 64 13.19 16.32 -10.19
C MET A 64 13.81 16.70 -11.54
N GLU A 65 14.53 17.84 -11.60
CA GLU A 65 15.12 18.33 -12.85
C GLU A 65 16.48 18.96 -12.61
N LEU A 66 17.49 18.57 -13.40
CA LEU A 66 18.82 19.17 -13.29
C LEU A 66 18.88 20.41 -14.20
N PHE A 67 19.67 21.42 -13.80
CA PHE A 67 19.79 22.63 -14.61
C PHE A 67 21.11 23.35 -14.33
N ARG A 68 21.61 24.12 -15.32
CA ARG A 68 22.84 24.89 -15.10
C ARG A 68 22.64 26.36 -15.24
N PRO A 69 22.54 27.07 -14.11
CA PRO A 69 22.44 28.54 -14.20
C PRO A 69 23.78 29.14 -14.63
N LYS A 70 23.75 30.33 -15.28
CA LYS A 70 24.99 30.99 -15.73
C LYS A 70 25.94 31.24 -14.55
N GLY A 71 27.23 30.99 -14.76
CA GLY A 71 28.22 31.18 -13.70
C GLY A 71 28.45 29.96 -12.80
N GLU A 72 27.61 28.92 -12.93
CA GLU A 72 27.78 27.72 -12.13
C GLU A 72 28.65 26.72 -12.87
N SER A 73 29.61 26.11 -12.16
CA SER A 73 30.56 25.15 -12.71
C SER A 73 29.90 23.84 -13.17
N LYS A 74 28.94 23.32 -12.37
CA LYS A 74 28.18 22.11 -12.64
C LYS A 74 26.69 22.31 -12.32
N ASP A 75 25.84 21.37 -12.79
CA ASP A 75 24.40 21.42 -12.59
C ASP A 75 23.94 21.47 -11.14
N LEU A 76 22.79 22.09 -10.92
CA LEU A 76 22.07 22.13 -9.65
C LEU A 76 20.80 21.26 -9.83
N LEU A 77 20.17 20.85 -8.74
CA LEU A 77 19.01 19.98 -8.82
C LEU A 77 17.75 20.62 -8.23
N PHE A 78 16.66 20.67 -9.00
CA PHE A 78 15.43 21.22 -8.46
C PHE A 78 14.54 20.06 -8.06
N ILE A 79 14.05 20.06 -6.82
CA ILE A 79 13.12 19.03 -6.36
C ILE A 79 11.89 19.75 -5.83
N LEU A 80 10.70 19.27 -6.21
CA LEU A 80 9.44 19.75 -5.67
C LEU A 80 8.74 18.51 -5.12
N THR A 81 8.25 18.56 -3.86
CA THR A 81 7.56 17.43 -3.23
C THR A 81 6.04 17.51 -3.37
N ALA A 82 5.30 16.39 -3.13
CA ALA A 82 3.85 16.38 -3.23
C ALA A 82 3.20 17.44 -2.32
N LYS A 83 3.85 17.80 -1.19
CA LYS A 83 3.37 18.82 -0.26
C LYS A 83 3.90 20.22 -0.57
N TYR A 84 4.36 20.44 -1.82
CA TYR A 84 4.83 21.68 -2.40
C TYR A 84 6.08 22.25 -1.76
N ASN A 85 6.94 21.38 -1.23
CA ASN A 85 8.24 21.83 -0.72
C ASN A 85 9.20 21.88 -1.91
N ALA A 86 9.65 23.07 -2.29
CA ALA A 86 10.57 23.24 -3.40
C ALA A 86 11.97 23.48 -2.87
N CYS A 87 12.99 23.03 -3.62
CA CYS A 87 14.37 23.24 -3.23
C CYS A 87 15.35 23.13 -4.39
N ILE A 88 16.50 23.77 -4.25
CA ILE A 88 17.57 23.70 -5.21
C ILE A 88 18.73 23.13 -4.42
N LEU A 89 19.25 21.97 -4.86
CA LEU A 89 20.29 21.23 -4.17
C LEU A 89 21.59 21.23 -4.94
N GLU A 90 22.69 21.18 -4.22
CA GLU A 90 24.00 21.13 -4.82
C GLU A 90 24.79 19.97 -4.22
N TYR A 91 25.52 19.25 -5.07
CA TYR A 91 26.35 18.15 -4.62
C TYR A 91 27.70 18.70 -4.24
N LYS A 92 28.11 18.51 -3.00
CA LYS A 92 29.41 18.97 -2.54
C LYS A 92 30.21 17.78 -2.03
N GLN A 93 31.45 17.62 -2.51
CA GLN A 93 32.30 16.52 -2.05
C GLN A 93 33.70 16.95 -1.62
N SER A 94 34.11 16.57 -0.42
CA SER A 94 35.46 16.83 0.06
C SER A 94 36.09 15.47 0.33
N GLY A 95 36.95 15.01 -0.57
CA GLY A 95 37.61 13.72 -0.43
C GLY A 95 36.64 12.56 -0.35
N GLU A 96 36.50 11.95 0.84
CA GLU A 96 35.54 10.85 1.03
C GLU A 96 34.29 11.29 1.82
N SER A 97 33.99 12.60 1.84
CA SER A 97 32.86 13.15 2.58
C SER A 97 31.90 13.82 1.61
N ILE A 98 30.64 13.34 1.57
CA ILE A 98 29.62 13.85 0.66
C ILE A 98 28.40 14.47 1.34
N ASP A 99 28.05 15.68 0.94
CA ASP A 99 26.86 16.36 1.44
C ASP A 99 26.00 16.86 0.26
N ILE A 100 24.68 16.94 0.47
CA ILE A 100 23.76 17.51 -0.51
C ILE A 100 23.28 18.78 0.19
N ILE A 101 23.82 19.95 -0.19
CA ILE A 101 23.44 21.19 0.49
C ILE A 101 22.25 21.90 -0.19
N THR A 102 21.42 22.55 0.61
CA THR A 102 20.27 23.29 0.09
C THR A 102 20.69 24.72 -0.26
N ARG A 103 20.69 25.05 -1.55
CA ARG A 103 21.04 26.39 -2.02
C ARG A 103 19.85 27.33 -1.78
N ALA A 104 18.64 26.87 -2.10
CA ALA A 104 17.40 27.62 -1.94
C ALA A 104 16.26 26.66 -1.56
N HIS A 105 15.23 27.13 -0.85
CA HIS A 105 14.09 26.30 -0.48
C HIS A 105 12.89 27.13 -0.06
N GLY A 106 11.71 26.55 -0.16
CA GLY A 106 10.48 27.24 0.24
C GLY A 106 9.25 26.48 -0.18
N ASN A 107 8.13 26.68 0.54
CA ASN A 107 6.88 26.00 0.19
C ASN A 107 6.08 26.86 -0.79
N VAL A 108 5.80 26.33 -1.99
CA VAL A 108 5.13 27.08 -3.04
C VAL A 108 3.65 26.77 -3.18
N GLN A 109 3.01 26.33 -2.10
CA GLN A 109 1.57 26.03 -2.13
C GLN A 109 0.77 27.32 -2.04
N ASP A 110 -0.39 27.38 -2.70
CA ASP A 110 -1.27 28.55 -2.61
C ASP A 110 -2.43 28.25 -1.66
N ARG A 111 -2.97 29.28 -0.98
CA ARG A 111 -4.07 29.10 -0.02
C ARG A 111 -5.28 28.54 -0.75
N ILE A 112 -5.60 29.09 -1.91
CA ILE A 112 -6.67 28.57 -2.73
C ILE A 112 -6.07 27.99 -4.02
N GLY A 113 -6.81 27.13 -4.68
CA GLY A 113 -6.35 26.53 -5.92
C GLY A 113 -6.85 25.13 -6.12
N ARG A 114 -7.40 24.86 -7.29
CA ARG A 114 -7.88 23.55 -7.61
C ARG A 114 -6.73 22.77 -8.27
N PRO A 115 -6.16 21.77 -7.58
CA PRO A 115 -5.07 20.98 -8.18
C PRO A 115 -5.48 20.37 -9.52
N SER A 116 -4.62 20.52 -10.53
CA SER A 116 -4.89 20.06 -11.88
C SER A 116 -5.07 18.56 -12.03
N GLU A 117 -5.89 18.17 -13.04
CA GLU A 117 -6.22 16.78 -13.35
C GLU A 117 -5.01 16.03 -13.86
N THR A 118 -4.15 16.69 -14.64
CA THR A 118 -2.92 16.04 -15.12
C THR A 118 -1.71 16.29 -14.16
N GLY A 119 -1.99 16.58 -12.89
CA GLY A 119 -1.01 16.74 -11.82
C GLY A 119 0.02 17.83 -11.96
N ILE A 120 1.00 17.82 -11.05
CA ILE A 120 2.10 18.77 -10.98
C ILE A 120 3.07 18.70 -12.16
N ILE A 121 3.26 19.82 -12.88
CA ILE A 121 4.24 19.89 -13.96
C ILE A 121 5.30 20.95 -13.58
N GLY A 122 6.57 20.56 -13.57
CA GLY A 122 7.69 21.46 -13.25
C GLY A 122 8.66 21.50 -14.40
N ILE A 123 8.81 22.67 -15.01
CA ILE A 123 9.65 22.87 -16.19
C ILE A 123 10.63 24.02 -16.00
N ILE A 124 11.83 23.92 -16.58
CA ILE A 124 12.84 24.97 -16.50
C ILE A 124 13.21 25.40 -17.92
N ASP A 125 13.29 26.70 -18.17
CA ASP A 125 13.57 27.17 -19.53
C ASP A 125 15.04 27.00 -19.87
N PRO A 126 15.37 26.85 -21.17
CA PRO A 126 16.77 26.62 -21.54
C PRO A 126 17.78 27.63 -20.99
N GLU A 127 17.39 28.90 -20.87
CA GLU A 127 18.29 29.93 -20.36
C GLU A 127 18.44 29.93 -18.83
N CYS A 128 17.67 29.09 -18.14
CA CYS A 128 17.67 28.97 -16.68
C CYS A 128 17.29 30.28 -16.02
N ARG A 129 16.34 31.04 -16.61
CA ARG A 129 15.87 32.28 -16.00
C ARG A 129 14.90 31.95 -14.87
N MET A 130 14.06 30.90 -15.05
CA MET A 130 13.01 30.59 -14.08
C MET A 130 12.67 29.10 -13.98
N ILE A 131 11.84 28.76 -12.98
CA ILE A 131 11.18 27.48 -12.83
C ILE A 131 9.69 27.80 -13.07
N GLY A 132 9.04 27.04 -13.92
CA GLY A 132 7.62 27.21 -14.20
C GLY A 132 6.90 26.04 -13.59
N LEU A 133 5.89 26.28 -12.73
CA LEU A 133 5.14 25.22 -12.07
C LEU A 133 3.68 25.31 -12.39
N ARG A 134 3.11 24.22 -12.90
CA ARG A 134 1.68 24.14 -13.14
C ARG A 134 1.14 23.22 -12.04
N LEU A 135 0.66 23.84 -10.96
CA LEU A 135 0.12 23.22 -9.77
C LEU A 135 -1.40 23.23 -9.80
N TYR A 136 -2.00 24.38 -10.18
CA TYR A 136 -3.45 24.55 -10.17
C TYR A 136 -4.01 25.01 -11.50
N ASP A 137 -5.28 24.69 -11.72
CA ASP A 137 -5.97 25.10 -12.92
C ASP A 137 -6.12 26.63 -12.91
N GLY A 138 -5.83 27.26 -14.06
CA GLY A 138 -5.91 28.69 -14.21
C GLY A 138 -4.69 29.49 -13.76
N LEU A 139 -3.68 28.84 -13.19
CA LEU A 139 -2.47 29.53 -12.75
C LEU A 139 -1.18 28.91 -13.28
N PHE A 140 -0.19 29.76 -13.51
CA PHE A 140 1.14 29.30 -13.91
C PHE A 140 2.12 30.00 -12.97
N LYS A 141 2.68 29.25 -12.01
CA LYS A 141 3.60 29.83 -11.01
C LYS A 141 5.00 29.94 -11.58
N VAL A 142 5.66 31.06 -11.34
CA VAL A 142 6.98 31.31 -11.88
C VAL A 142 7.93 31.69 -10.75
N ILE A 143 9.00 30.90 -10.56
CA ILE A 143 10.04 31.18 -9.56
C ILE A 143 11.29 31.64 -10.29
N PRO A 144 11.63 32.93 -10.21
CA PRO A 144 12.86 33.40 -10.87
C PRO A 144 14.10 32.75 -10.27
N LEU A 145 15.07 32.42 -11.09
CA LEU A 145 16.31 31.82 -10.64
C LEU A 145 17.40 32.85 -10.44
N ASP A 146 17.06 33.96 -9.75
CA ASP A 146 18.02 34.98 -9.37
C ASP A 146 18.84 34.43 -8.18
N ARG A 147 20.14 34.74 -8.12
CA ARG A 147 21.01 34.24 -7.06
C ARG A 147 20.49 34.56 -5.65
N ASP A 148 19.80 35.69 -5.52
CA ASP A 148 19.26 36.18 -4.24
C ASP A 148 17.86 35.64 -3.90
N ASN A 149 17.25 34.81 -4.76
CA ASN A 149 15.92 34.26 -4.49
C ASN A 149 16.02 32.95 -3.69
N LYS A 150 16.73 32.99 -2.56
CA LYS A 150 16.99 31.84 -1.69
C LYS A 150 15.73 31.25 -1.02
N GLU A 151 14.65 32.03 -0.96
CA GLU A 151 13.39 31.56 -0.39
C GLU A 151 12.39 31.13 -1.48
N LEU A 152 12.86 30.94 -2.73
CA LEU A 152 12.10 30.54 -3.90
C LEU A 152 10.77 31.29 -4.03
N LYS A 153 10.81 32.61 -3.81
CA LYS A 153 9.66 33.50 -3.97
C LYS A 153 9.19 33.44 -5.41
N ALA A 154 7.88 33.48 -5.59
CA ALA A 154 7.28 33.25 -6.90
C ALA A 154 6.08 34.16 -7.18
N PHE A 155 5.60 34.19 -8.44
CA PHE A 155 4.42 34.93 -8.80
C PHE A 155 3.55 34.09 -9.70
N ASN A 156 2.25 34.36 -9.70
CA ASN A 156 1.33 33.60 -10.53
C ASN A 156 0.89 34.39 -11.71
N ILE A 157 0.87 33.76 -12.87
CA ILE A 157 0.37 34.37 -14.07
C ILE A 157 -0.90 33.61 -14.42
N ARG A 158 -2.02 34.32 -14.53
CA ARG A 158 -3.32 33.76 -14.85
C ARG A 158 -3.32 33.20 -16.27
N LEU A 159 -3.77 31.96 -16.39
CA LEU A 159 -3.85 31.24 -17.66
C LEU A 159 -5.33 31.12 -17.96
N GLU A 160 -5.79 31.70 -19.07
CA GLU A 160 -7.20 31.60 -19.47
C GLU A 160 -7.64 30.13 -19.66
N GLU A 161 -6.75 29.30 -20.23
CA GLU A 161 -6.99 27.87 -20.46
C GLU A 161 -6.95 27.08 -19.15
N LEU A 162 -8.10 26.57 -18.72
CA LEU A 162 -8.20 25.87 -17.43
C LEU A 162 -7.81 24.42 -17.43
N HIS A 163 -7.93 23.73 -18.55
CA HIS A 163 -7.61 22.30 -18.62
C HIS A 163 -6.37 22.03 -19.45
N VAL A 164 -5.20 22.25 -18.87
CA VAL A 164 -3.93 22.01 -19.57
C VAL A 164 -3.50 20.55 -19.34
N ILE A 165 -3.09 19.87 -20.41
CA ILE A 165 -2.68 18.47 -20.35
C ILE A 165 -1.19 18.37 -20.09
N ASP A 166 -0.39 19.10 -20.86
CA ASP A 166 1.06 19.10 -20.69
C ASP A 166 1.68 20.43 -21.15
N VAL A 167 2.77 20.86 -20.52
CA VAL A 167 3.46 22.10 -20.89
C VAL A 167 4.99 21.93 -20.87
N LYS A 168 5.69 22.64 -21.79
CA LYS A 168 7.15 22.67 -21.92
C LYS A 168 7.60 24.05 -22.38
N PHE A 169 8.81 24.46 -21.99
CA PHE A 169 9.43 25.69 -22.45
C PHE A 169 10.09 25.39 -23.80
N LEU A 170 9.85 26.21 -24.84
CA LEU A 170 10.45 25.99 -26.15
C LEU A 170 11.90 26.48 -26.22
N TYR A 171 12.63 26.01 -27.24
CA TYR A 171 14.02 26.40 -27.49
C TYR A 171 14.08 27.38 -28.66
N GLY A 172 15.12 28.19 -28.71
CA GLY A 172 15.35 29.13 -29.81
C GLY A 172 14.37 30.27 -29.86
N CYS A 173 13.85 30.66 -28.70
CA CYS A 173 12.89 31.75 -28.64
C CYS A 173 13.52 33.04 -28.12
N GLN A 174 12.98 34.21 -28.53
CA GLN A 174 13.52 35.51 -28.11
C GLN A 174 13.29 35.84 -26.61
N ALA A 175 12.44 35.07 -25.94
CA ALA A 175 12.08 35.24 -24.53
C ALA A 175 11.52 33.93 -24.02
N PRO A 176 11.56 33.64 -22.70
CA PRO A 176 10.96 32.38 -22.20
C PRO A 176 9.55 32.13 -22.73
N THR A 177 9.38 31.09 -23.54
CA THR A 177 8.11 30.79 -24.21
C THR A 177 7.61 29.38 -23.86
N ILE A 178 6.36 29.27 -23.37
CA ILE A 178 5.79 27.96 -23.06
C ILE A 178 4.92 27.45 -24.21
N CYS A 179 4.81 26.14 -24.33
CA CYS A 179 4.00 25.49 -25.34
C CYS A 179 3.22 24.43 -24.62
N PHE A 180 1.89 24.46 -24.76
CA PHE A 180 1.06 23.48 -24.09
C PHE A 180 -0.11 22.93 -24.93
N VAL A 181 -0.62 21.76 -24.53
CA VAL A 181 -1.80 21.13 -25.10
C VAL A 181 -2.92 21.35 -24.07
N TYR A 182 -4.08 21.82 -24.51
CA TYR A 182 -5.21 22.05 -23.61
C TYR A 182 -6.52 21.59 -24.26
N GLN A 183 -7.56 21.42 -23.44
CA GLN A 183 -8.86 21.04 -23.96
C GLN A 183 -9.90 22.07 -23.56
N ASP A 184 -10.89 22.28 -24.44
CA ASP A 184 -12.00 23.20 -24.22
C ASP A 184 -13.26 22.68 -24.97
N PRO A 185 -14.44 23.32 -24.88
CA PRO A 185 -15.62 22.82 -25.62
C PRO A 185 -15.42 22.52 -27.11
N GLN A 186 -14.55 23.27 -27.79
CA GLN A 186 -14.31 23.04 -29.23
C GLN A 186 -13.22 22.01 -29.54
N GLY A 187 -12.74 21.28 -28.53
CA GLY A 187 -11.75 20.23 -28.74
C GLY A 187 -10.40 20.40 -28.04
N ARG A 188 -9.38 19.69 -28.54
CA ARG A 188 -8.03 19.75 -28.00
C ARG A 188 -7.13 20.58 -28.92
N HIS A 189 -6.30 21.46 -28.35
CA HIS A 189 -5.49 22.38 -29.15
C HIS A 189 -4.08 22.58 -28.56
N VAL A 190 -3.18 23.19 -29.34
CA VAL A 190 -1.84 23.52 -28.89
C VAL A 190 -1.68 25.03 -28.97
N LYS A 191 -1.11 25.66 -27.94
CA LYS A 191 -0.95 27.11 -27.90
C LYS A 191 0.37 27.49 -27.26
N THR A 192 0.93 28.64 -27.64
CA THR A 192 2.18 29.12 -27.04
C THR A 192 2.00 30.49 -26.40
N TYR A 193 2.88 30.87 -25.48
CA TYR A 193 2.84 32.16 -24.80
C TYR A 193 4.24 32.58 -24.45
N GLU A 194 4.52 33.87 -24.55
CA GLU A 194 5.80 34.39 -24.09
C GLU A 194 5.60 34.86 -22.66
N VAL A 195 6.63 34.74 -21.85
CA VAL A 195 6.59 35.21 -20.49
C VAL A 195 7.30 36.53 -20.52
N SER A 196 6.57 37.62 -20.30
CA SER A 196 7.17 38.94 -20.27
C SER A 196 7.85 39.03 -18.91
N LEU A 197 9.18 39.16 -18.88
CA LEU A 197 9.92 39.23 -17.62
C LEU A 197 9.69 40.56 -16.92
N ARG A 198 9.56 41.67 -17.68
CA ARG A 198 9.27 42.98 -17.09
C ARG A 198 7.80 43.03 -16.59
N GLU A 199 6.85 42.64 -17.45
CA GLU A 199 5.44 42.70 -17.07
C GLU A 199 4.99 41.57 -16.14
N LYS A 200 5.69 40.44 -16.12
CA LYS A 200 5.34 39.27 -15.30
C LYS A 200 3.95 38.76 -15.67
N GLU A 201 3.71 38.69 -16.99
CA GLU A 201 2.46 38.29 -17.63
C GLU A 201 2.75 37.50 -18.92
N PHE A 202 1.71 36.91 -19.52
CA PHE A 202 1.85 36.23 -20.80
C PHE A 202 1.70 37.24 -21.94
N ASN A 203 2.46 37.04 -23.00
CA ASN A 203 2.38 37.81 -24.23
C ASN A 203 1.96 36.83 -25.33
N LYS A 204 1.42 37.32 -26.45
CA LYS A 204 1.03 36.45 -27.57
C LYS A 204 2.24 35.58 -28.03
N GLY A 205 2.03 34.28 -28.09
CA GLY A 205 3.08 33.35 -28.46
C GLY A 205 3.39 33.37 -29.94
N PRO A 206 4.50 32.75 -30.34
CA PRO A 206 4.86 32.74 -31.77
C PRO A 206 3.89 31.99 -32.67
N TRP A 207 3.34 30.85 -32.21
CA TRP A 207 2.43 30.06 -33.01
C TRP A 207 1.37 29.31 -32.20
N LYS A 208 0.35 28.79 -32.88
CA LYS A 208 -0.69 27.97 -32.26
C LYS A 208 -1.30 27.01 -33.28
N GLN A 209 -1.96 25.95 -32.80
CA GLN A 209 -2.59 24.99 -33.68
C GLN A 209 -3.84 24.47 -33.04
N GLU A 210 -4.99 24.94 -33.52
CA GLU A 210 -6.27 24.48 -32.99
C GLU A 210 -6.68 23.16 -33.64
N ASN A 211 -7.58 22.45 -32.96
CA ASN A 211 -8.10 21.15 -33.33
C ASN A 211 -7.00 20.12 -33.64
N VAL A 212 -6.08 19.90 -32.69
CA VAL A 212 -5.06 18.85 -32.80
C VAL A 212 -5.77 17.49 -32.47
N GLU A 213 -5.05 16.36 -32.46
CA GLU A 213 -5.64 15.06 -32.16
C GLU A 213 -6.40 15.05 -30.82
N ALA A 214 -7.56 14.41 -30.79
CA ALA A 214 -8.39 14.29 -29.58
C ALA A 214 -7.61 13.71 -28.41
N GLU A 215 -6.60 12.91 -28.70
CA GLU A 215 -5.81 12.25 -27.69
C GLU A 215 -4.39 12.77 -27.50
N ALA A 216 -4.07 13.93 -28.04
CA ALA A 216 -2.70 14.42 -27.88
C ALA A 216 -2.44 14.70 -26.42
N SER A 217 -1.38 14.12 -25.88
CA SER A 217 -1.07 14.33 -24.48
C SER A 217 0.37 14.69 -24.11
N MET A 218 1.28 14.60 -25.05
CA MET A 218 2.67 14.84 -24.71
C MET A 218 3.32 15.95 -25.53
N VAL A 219 3.94 16.90 -24.85
CA VAL A 219 4.64 17.98 -25.52
C VAL A 219 6.15 17.71 -25.43
N ILE A 220 6.85 17.76 -26.56
CA ILE A 220 8.29 17.59 -26.57
C ILE A 220 8.89 18.85 -27.18
N ALA A 221 9.78 19.55 -26.44
CA ALA A 221 10.42 20.73 -26.96
C ALA A 221 11.67 20.29 -27.72
N VAL A 222 11.70 20.57 -29.02
CA VAL A 222 12.81 20.19 -29.87
C VAL A 222 13.90 21.27 -29.75
N PRO A 223 15.16 20.91 -29.50
CA PRO A 223 16.20 21.95 -29.35
C PRO A 223 16.63 22.57 -30.69
N GLU A 224 17.57 23.51 -30.65
CA GLU A 224 18.08 24.13 -31.88
C GLU A 224 18.92 23.09 -32.65
N PRO A 225 19.08 23.24 -33.97
CA PRO A 225 18.64 24.38 -34.81
C PRO A 225 17.16 24.43 -35.17
N PHE A 226 16.44 23.30 -35.16
CA PHE A 226 15.05 23.30 -35.61
C PHE A 226 14.07 23.96 -34.66
N GLY A 227 14.23 23.74 -33.37
CA GLY A 227 13.28 24.26 -32.40
C GLY A 227 11.89 23.66 -32.59
N GLY A 228 10.87 24.31 -32.09
CA GLY A 228 9.50 23.85 -32.28
C GLY A 228 9.07 22.84 -31.26
N ALA A 229 8.01 22.11 -31.55
CA ALA A 229 7.49 21.14 -30.62
C ALA A 229 6.94 19.93 -31.31
N ILE A 230 6.98 18.81 -30.60
CA ILE A 230 6.45 17.57 -31.11
C ILE A 230 5.32 17.16 -30.23
N ILE A 231 4.18 16.85 -30.83
CA ILE A 231 3.03 16.45 -30.06
C ILE A 231 2.71 14.99 -30.31
N ILE A 232 2.63 14.22 -29.26
CA ILE A 232 2.29 12.81 -29.40
C ILE A 232 0.91 12.55 -28.86
N GLY A 233 0.08 11.90 -29.69
CA GLY A 233 -1.27 11.50 -29.32
C GLY A 233 -1.44 9.99 -29.26
N GLN A 234 -2.68 9.51 -29.45
CA GLN A 234 -2.99 8.09 -29.45
C GLN A 234 -2.59 7.44 -30.76
N GLU A 235 -2.96 8.06 -31.89
CA GLU A 235 -2.69 7.49 -33.20
C GLU A 235 -1.72 8.28 -34.06
N SER A 236 -1.24 9.45 -33.59
CA SER A 236 -0.39 10.27 -34.44
C SER A 236 0.65 11.08 -33.70
N ILE A 237 1.72 11.48 -34.41
CA ILE A 237 2.79 12.33 -33.90
C ILE A 237 2.90 13.52 -34.85
N THR A 238 2.85 14.75 -34.32
CA THR A 238 2.93 15.94 -35.17
C THR A 238 4.04 16.90 -34.73
N TYR A 239 4.62 17.62 -35.68
CA TYR A 239 5.64 18.62 -35.39
C TYR A 239 5.06 19.99 -35.72
N HIS A 240 5.42 21.01 -34.93
CA HIS A 240 4.94 22.35 -35.17
C HIS A 240 6.00 23.37 -34.88
N ASN A 241 6.03 24.40 -35.69
CA ASN A 241 6.85 25.58 -35.50
C ASN A 241 6.04 26.77 -36.08
N GLY A 242 6.63 27.96 -36.14
CA GLY A 242 5.93 29.14 -36.66
C GLY A 242 5.29 28.92 -38.01
N ASP A 243 6.06 28.31 -38.91
CA ASP A 243 5.62 28.05 -40.28
C ASP A 243 5.39 26.55 -40.60
N LYS A 244 6.32 25.69 -40.18
CA LYS A 244 6.26 24.25 -40.45
C LYS A 244 5.18 23.46 -39.69
N TYR A 245 4.67 22.42 -40.35
CA TYR A 245 3.70 21.50 -39.76
C TYR A 245 3.91 20.11 -40.35
N LEU A 246 4.37 19.17 -39.53
CA LEU A 246 4.57 17.78 -39.99
C LEU A 246 3.56 16.88 -39.27
N ALA A 247 3.04 15.85 -39.94
CA ALA A 247 2.08 14.94 -39.30
C ALA A 247 2.20 13.50 -39.78
N ILE A 248 2.47 12.59 -38.85
CA ILE A 248 2.51 11.17 -39.16
C ILE A 248 1.49 10.43 -38.30
N ALA A 249 1.07 9.25 -38.75
CA ALA A 249 0.15 8.39 -38.02
C ALA A 249 0.47 6.96 -38.50
N PRO A 250 1.63 6.42 -38.09
CA PRO A 250 2.04 5.12 -38.63
C PRO A 250 1.37 3.93 -37.98
N PRO A 251 1.21 2.82 -38.71
CA PRO A 251 0.60 1.62 -38.11
C PRO A 251 1.36 1.02 -36.92
N ILE A 252 2.68 1.28 -36.84
CA ILE A 252 3.55 0.74 -35.79
C ILE A 252 3.14 1.23 -34.39
N ILE A 253 2.53 2.41 -34.30
CA ILE A 253 2.05 2.98 -33.04
C ILE A 253 0.52 2.90 -32.90
N LYS A 254 -0.20 2.37 -33.92
CA LYS A 254 -1.67 2.26 -33.90
C LYS A 254 -2.20 1.63 -32.61
N GLN A 255 -1.68 0.46 -32.21
CA GLN A 255 -2.14 -0.18 -30.99
C GLN A 255 -1.28 0.13 -29.75
N SER A 256 -0.72 1.32 -29.68
CA SER A 256 0.13 1.72 -28.55
C SER A 256 -0.29 3.06 -28.00
N THR A 257 -0.22 3.23 -26.67
CA THR A 257 -0.43 4.54 -26.08
C THR A 257 0.92 4.96 -25.55
N ILE A 258 1.59 5.94 -26.18
CA ILE A 258 2.91 6.39 -25.75
C ILE A 258 2.73 7.17 -24.46
N VAL A 259 3.45 6.83 -23.38
CA VAL A 259 3.28 7.56 -22.12
C VAL A 259 4.57 8.19 -21.58
N CYS A 260 5.73 7.88 -22.17
CA CYS A 260 6.98 8.50 -21.76
C CYS A 260 7.92 8.73 -22.95
N HIS A 261 8.96 9.53 -22.78
CA HIS A 261 9.90 9.84 -23.83
C HIS A 261 11.27 10.32 -23.28
N ASN A 262 12.28 10.41 -24.16
CA ASN A 262 13.59 10.94 -23.81
C ASN A 262 14.36 11.39 -25.05
N ARG A 263 15.12 12.48 -24.94
CA ARG A 263 15.93 12.96 -26.06
C ARG A 263 17.25 12.19 -26.10
N VAL A 264 17.57 11.56 -27.24
CA VAL A 264 18.79 10.78 -27.35
C VAL A 264 20.01 11.70 -27.48
N ASP A 265 19.96 12.62 -28.45
CA ASP A 265 21.09 13.51 -28.70
C ASP A 265 20.75 15.01 -28.51
N PRO A 266 21.75 15.87 -28.26
CA PRO A 266 21.47 17.29 -28.02
C PRO A 266 20.73 18.01 -29.14
N ASN A 267 21.00 17.67 -30.42
CA ASN A 267 20.29 18.29 -31.55
C ASN A 267 18.80 17.90 -31.68
N GLY A 268 18.36 16.89 -30.90
CA GLY A 268 17.00 16.42 -30.88
C GLY A 268 16.56 15.72 -32.15
N SER A 269 17.51 15.15 -32.87
CA SER A 269 17.20 14.42 -34.08
C SER A 269 16.61 13.03 -33.78
N ARG A 270 16.76 12.52 -32.52
CA ARG A 270 16.25 11.23 -32.09
C ARG A 270 15.64 11.26 -30.68
N TYR A 271 14.52 10.56 -30.52
CA TYR A 271 13.80 10.45 -29.26
C TYR A 271 13.44 9.00 -29.00
N LEU A 272 13.42 8.60 -27.74
CA LEU A 272 12.99 7.26 -27.37
C LEU A 272 11.57 7.40 -26.87
N LEU A 273 10.68 6.50 -27.26
CA LEU A 273 9.29 6.55 -26.81
C LEU A 273 8.92 5.21 -26.21
N GLY A 274 8.12 5.22 -25.16
CA GLY A 274 7.68 4.00 -24.51
C GLY A 274 6.18 3.97 -24.32
N ASP A 275 5.53 2.87 -24.71
CA ASP A 275 4.08 2.75 -24.52
C ASP A 275 3.76 2.08 -23.16
N MET A 276 2.47 1.93 -22.83
CA MET A 276 2.01 1.28 -21.59
C MET A 276 2.25 -0.23 -21.57
N GLU A 277 2.76 -0.81 -22.65
CA GLU A 277 2.91 -2.25 -22.75
C GLU A 277 4.35 -2.74 -22.87
N GLY A 278 5.33 -1.86 -22.77
CA GLY A 278 6.72 -2.27 -22.83
C GLY A 278 7.39 -2.12 -24.17
N ARG A 279 6.68 -1.57 -25.18
CA ARG A 279 7.30 -1.37 -26.48
C ARG A 279 8.18 -0.11 -26.41
N LEU A 280 9.35 -0.19 -27.01
CA LEU A 280 10.27 0.93 -27.06
C LEU A 280 10.40 1.30 -28.52
N PHE A 281 10.19 2.58 -28.82
CA PHE A 281 10.25 3.14 -30.18
C PHE A 281 11.39 4.18 -30.31
N MET A 282 11.76 4.48 -31.54
CA MET A 282 12.71 5.55 -31.82
C MET A 282 12.03 6.51 -32.78
N LEU A 283 11.82 7.74 -32.34
CA LEU A 283 11.28 8.78 -33.20
C LEU A 283 12.47 9.54 -33.80
N LEU A 284 12.53 9.60 -35.10
CA LEU A 284 13.60 10.26 -35.83
C LEU A 284 13.06 11.48 -36.56
N LEU A 285 13.73 12.63 -36.44
CA LEU A 285 13.33 13.84 -37.17
C LEU A 285 14.23 13.85 -38.40
N GLU A 286 13.64 13.65 -39.57
CA GLU A 286 14.39 13.55 -40.82
C GLU A 286 14.61 14.92 -41.45
N LYS A 287 15.89 15.31 -41.63
CA LYS A 287 16.22 16.60 -42.22
C LYS A 287 16.59 16.48 -43.69
N GLU A 288 16.39 17.57 -44.45
CA GLU A 288 16.70 17.62 -45.88
C GLU A 288 17.38 18.95 -46.27
CA VAL A 295 18.94 21.66 -44.01
C VAL A 295 17.71 21.97 -43.15
N THR A 296 16.53 21.61 -43.64
CA THR A 296 15.29 21.87 -42.90
C THR A 296 14.65 20.57 -42.39
N LEU A 297 13.67 20.66 -41.46
CA LEU A 297 12.99 19.47 -40.96
C LEU A 297 11.90 19.01 -41.96
N LYS A 298 12.16 17.88 -42.64
CA LYS A 298 11.28 17.36 -43.70
C LYS A 298 10.19 16.36 -43.26
N ASP A 299 10.53 15.32 -42.47
CA ASP A 299 9.53 14.33 -42.08
C ASP A 299 9.84 13.66 -40.74
N LEU A 300 8.89 12.88 -40.20
CA LEU A 300 9.05 12.15 -38.95
C LEU A 300 8.97 10.65 -39.28
N ARG A 301 9.66 9.83 -38.50
CA ARG A 301 9.67 8.39 -38.71
C ARG A 301 9.76 7.68 -37.35
N VAL A 302 8.94 6.63 -37.14
CA VAL A 302 8.95 5.85 -35.90
C VAL A 302 9.42 4.43 -36.18
N GLU A 303 10.31 3.92 -35.33
CA GLU A 303 10.85 2.57 -35.48
C GLU A 303 10.61 1.81 -34.22
N LEU A 304 10.05 0.61 -34.29
CA LEU A 304 9.88 -0.20 -33.09
C LEU A 304 11.22 -0.88 -32.82
N LEU A 305 11.87 -0.58 -31.67
CA LEU A 305 13.16 -1.16 -31.27
C LEU A 305 13.02 -2.50 -30.59
N GLY A 306 11.95 -2.70 -29.84
CA GLY A 306 11.74 -3.94 -29.13
C GLY A 306 11.00 -3.79 -27.82
N GLU A 307 11.14 -4.81 -26.96
CA GLU A 307 10.47 -4.82 -25.68
C GLU A 307 11.43 -4.61 -24.52
N THR A 308 11.00 -3.79 -23.57
CA THR A 308 11.64 -3.46 -22.31
C THR A 308 10.54 -3.71 -21.25
N SER A 309 10.84 -3.50 -19.95
CA SER A 309 9.83 -3.56 -18.92
C SER A 309 8.85 -2.40 -19.18
N ILE A 310 7.60 -2.47 -18.66
CA ILE A 310 6.66 -1.35 -18.80
C ILE A 310 7.31 -0.12 -18.14
N ALA A 311 7.69 0.87 -18.98
CA ALA A 311 8.45 2.03 -18.56
C ALA A 311 7.65 3.22 -18.12
N GLU A 312 7.91 3.66 -16.89
CA GLU A 312 7.39 4.89 -16.34
C GLU A 312 8.21 6.06 -16.91
N CYS A 313 9.53 5.86 -17.02
CA CYS A 313 10.47 6.84 -17.53
C CYS A 313 11.63 6.17 -18.24
N LEU A 314 12.22 6.87 -19.19
CA LEU A 314 13.38 6.39 -19.94
C LEU A 314 14.44 7.45 -19.87
N THR A 315 15.70 7.05 -19.90
CA THR A 315 16.79 8.03 -19.96
C THR A 315 17.95 7.39 -20.75
N TYR A 316 18.37 8.06 -21.82
CA TYR A 316 19.51 7.60 -22.60
C TYR A 316 20.75 8.01 -21.82
N LEU A 317 21.70 7.10 -21.66
CA LEU A 317 22.89 7.38 -20.87
C LEU A 317 24.10 7.71 -21.76
N ASP A 318 24.72 6.70 -22.35
CA ASP A 318 25.85 6.81 -23.25
C ASP A 318 26.16 5.40 -23.74
N ASN A 319 26.89 5.28 -24.86
CA ASN A 319 27.28 4.00 -25.42
C ASN A 319 26.08 3.12 -25.79
N GLY A 320 24.98 3.75 -26.22
CA GLY A 320 23.78 3.03 -26.57
C GLY A 320 23.14 2.36 -25.37
N VAL A 321 23.36 2.90 -24.16
CA VAL A 321 22.77 2.33 -22.96
C VAL A 321 21.63 3.22 -22.50
N VAL A 322 20.46 2.61 -22.27
CA VAL A 322 19.25 3.30 -21.85
C VAL A 322 18.81 2.75 -20.50
N PHE A 323 18.47 3.64 -19.56
CA PHE A 323 17.92 3.23 -18.28
C PHE A 323 16.41 3.27 -18.42
N VAL A 324 15.76 2.14 -18.11
CA VAL A 324 14.32 2.00 -18.12
C VAL A 324 13.86 1.98 -16.68
N GLY A 325 13.18 3.05 -16.29
CA GLY A 325 12.61 3.21 -14.95
C GLY A 325 11.21 2.63 -14.95
N SER A 326 10.97 1.63 -14.11
CA SER A 326 9.69 0.96 -14.08
C SER A 326 8.98 1.06 -12.72
N ARG A 327 7.66 1.11 -12.77
CA ARG A 327 6.78 1.13 -11.61
C ARG A 327 6.08 -0.21 -11.48
N LEU A 328 5.78 -0.92 -12.61
CA LEU A 328 5.05 -2.20 -12.58
C LEU A 328 5.92 -3.45 -12.66
N GLY A 329 7.19 -3.29 -13.02
CA GLY A 329 8.12 -4.40 -13.14
C GLY A 329 9.54 -3.96 -12.80
N ASP A 330 10.50 -4.85 -12.95
CA ASP A 330 11.88 -4.55 -12.65
C ASP A 330 12.41 -3.40 -13.51
N SER A 331 13.29 -2.54 -12.97
CA SER A 331 13.91 -1.49 -13.79
C SER A 331 15.07 -2.11 -14.58
N GLN A 332 15.53 -1.45 -15.66
CA GLN A 332 16.58 -2.06 -16.50
C GLN A 332 17.65 -1.12 -17.03
N LEU A 333 18.72 -1.71 -17.51
CA LEU A 333 19.74 -1.08 -18.33
C LEU A 333 19.62 -1.89 -19.64
N VAL A 334 19.17 -1.27 -20.72
CA VAL A 334 19.09 -1.95 -22.01
C VAL A 334 20.14 -1.37 -22.98
N LYS A 335 20.62 -2.21 -23.87
CA LYS A 335 21.59 -1.79 -24.85
C LYS A 335 20.90 -1.72 -26.18
N LEU A 336 21.08 -0.62 -26.87
CA LEU A 336 20.50 -0.49 -28.18
C LEU A 336 21.58 -0.89 -29.14
N ASN A 337 21.36 -1.98 -29.86
CA ASN A 337 22.36 -2.44 -30.82
C ASN A 337 22.11 -1.86 -32.20
N VAL A 338 21.04 -1.09 -32.32
CA VAL A 338 20.68 -0.43 -33.56
N ASN A 341 22.29 -1.65 -40.13
CA ASN A 341 22.53 -2.08 -41.50
C ASN A 341 22.07 -3.53 -41.78
N GLU A 342 22.70 -4.53 -41.15
N GLU A 342 22.71 -4.55 -41.17
CA GLU A 342 22.35 -5.94 -41.35
CA GLU A 342 22.34 -5.95 -41.37
C GLU A 342 21.00 -6.26 -40.72
C GLU A 342 20.98 -6.25 -40.73
N GLN A 343 20.77 -5.79 -39.50
CA GLN A 343 19.50 -6.00 -38.81
C GLN A 343 18.77 -4.66 -38.66
N GLY A 344 17.52 -4.71 -38.21
CA GLY A 344 16.79 -3.51 -37.87
C GLY A 344 17.29 -2.97 -36.55
N SER A 345 16.90 -1.75 -36.17
CA SER A 345 17.31 -1.18 -34.89
C SER A 345 16.66 -1.99 -33.77
N TYR A 346 17.46 -2.58 -32.85
CA TYR A 346 16.88 -3.42 -31.81
C TYR A 346 17.49 -3.17 -30.41
N VAL A 347 16.82 -3.70 -29.37
CA VAL A 347 17.19 -3.54 -27.97
C VAL A 347 17.47 -4.89 -27.29
N VAL A 348 18.53 -4.94 -26.45
CA VAL A 348 18.91 -6.15 -25.72
C VAL A 348 19.01 -5.78 -24.26
N ALA A 349 18.37 -6.54 -23.36
CA ALA A 349 18.46 -6.28 -21.92
C ALA A 349 19.88 -6.52 -21.43
N MET A 350 20.44 -5.64 -20.61
CA MET A 350 21.80 -5.78 -20.05
C MET A 350 21.76 -6.14 -18.58
N GLU A 351 21.02 -5.34 -17.80
CA GLU A 351 20.93 -5.48 -16.37
C GLU A 351 19.50 -5.27 -15.90
N THR A 352 19.13 -5.96 -14.86
CA THR A 352 17.80 -5.88 -14.27
C THR A 352 17.94 -5.42 -12.82
N PHE A 353 16.99 -4.62 -12.35
CA PHE A 353 17.00 -4.12 -10.99
C PHE A 353 15.69 -4.50 -10.32
N THR A 354 15.76 -5.13 -9.15
CA THR A 354 14.56 -5.57 -8.43
C THR A 354 13.54 -4.47 -8.14
N ASN A 355 12.29 -4.72 -8.53
CA ASN A 355 11.17 -3.85 -8.19
C ASN A 355 10.08 -4.76 -7.66
N LEU A 356 9.75 -4.60 -6.38
CA LEU A 356 8.71 -5.43 -5.75
C LEU A 356 7.31 -4.88 -5.93
N GLY A 357 7.19 -3.63 -6.35
CA GLY A 357 5.89 -3.00 -6.48
C GLY A 357 5.19 -3.09 -7.81
N PRO A 358 3.85 -2.88 -7.83
CA PRO A 358 2.96 -2.74 -6.66
C PRO A 358 2.83 -4.08 -5.93
N ILE A 359 2.83 -4.04 -4.60
CA ILE A 359 2.58 -5.23 -3.81
C ILE A 359 1.10 -5.19 -3.63
N VAL A 360 0.35 -5.97 -4.44
CA VAL A 360 -1.11 -5.96 -4.35
C VAL A 360 -1.63 -6.89 -3.24
N ASP A 361 -0.84 -7.90 -2.82
CA ASP A 361 -1.15 -8.84 -1.74
C ASP A 361 0.14 -9.51 -1.24
N MET A 362 0.11 -10.07 -0.04
CA MET A 362 1.25 -10.77 0.52
C MET A 362 0.84 -11.75 1.64
N CYS A 363 1.72 -12.68 1.94
CA CYS A 363 1.49 -13.66 2.99
C CYS A 363 2.79 -14.09 3.60
N VAL A 364 2.75 -14.51 4.85
CA VAL A 364 3.94 -14.94 5.57
C VAL A 364 4.00 -16.46 5.69
N VAL A 365 5.12 -17.05 5.26
CA VAL A 365 5.40 -18.47 5.38
C VAL A 365 6.37 -18.64 6.56
N ASP A 366 6.08 -19.55 7.50
CA ASP A 366 6.87 -19.80 8.73
C ASP A 366 6.72 -18.66 9.75
N LEU A 367 5.50 -18.17 9.89
CA LEU A 367 5.20 -17.10 10.83
C LEU A 367 5.44 -17.52 12.28
N GLU A 368 5.06 -18.75 12.57
CA GLU A 368 5.20 -19.31 13.91
C GLU A 368 6.65 -19.39 14.35
N ARG A 369 7.54 -19.72 13.42
CA ARG A 369 8.95 -19.84 13.75
C ARG A 369 9.48 -18.50 14.23
N GLN A 370 10.37 -18.52 15.22
CA GLN A 370 10.87 -17.26 15.73
C GLN A 370 11.89 -16.83 14.71
N GLY A 371 11.50 -15.83 13.92
CA GLY A 371 12.33 -15.33 12.84
C GLY A 371 12.25 -16.32 11.69
N GLN A 372 13.18 -16.23 10.76
CA GLN A 372 13.25 -17.20 9.65
C GLN A 372 11.97 -17.42 8.87
N GLY A 373 11.20 -16.37 8.64
CA GLY A 373 9.94 -16.48 7.96
C GLY A 373 10.05 -15.74 6.66
N GLN A 374 9.51 -16.32 5.60
CA GLN A 374 9.61 -15.64 4.33
C GLN A 374 8.34 -14.94 3.99
N LEU A 375 8.47 -13.80 3.33
CA LEU A 375 7.34 -13.02 2.90
C LEU A 375 7.17 -13.31 1.41
N VAL A 376 5.97 -13.65 0.96
CA VAL A 376 5.74 -13.90 -0.46
C VAL A 376 4.76 -12.84 -0.94
N THR A 377 5.11 -12.10 -2.00
CA THR A 377 4.25 -11.03 -2.48
C THR A 377 3.65 -11.33 -3.84
N CYS A 378 2.51 -10.68 -4.15
CA CYS A 378 1.91 -10.66 -5.46
C CYS A 378 2.40 -9.33 -5.96
N SER A 379 3.44 -9.34 -6.80
CA SER A 379 4.08 -8.11 -7.24
C SER A 379 3.83 -7.84 -8.72
N GLY A 380 3.93 -6.58 -9.10
CA GLY A 380 3.78 -6.14 -10.46
C GLY A 380 2.39 -6.26 -11.04
N ALA A 381 2.28 -6.06 -12.35
CA ALA A 381 1.04 -6.15 -13.07
C ALA A 381 1.34 -6.46 -14.54
N PHE A 382 0.34 -7.03 -15.24
CA PHE A 382 0.37 -7.39 -16.65
C PHE A 382 1.56 -8.31 -16.95
N LYS A 383 2.33 -8.13 -18.05
CA LYS A 383 3.47 -9.01 -18.34
C LYS A 383 4.57 -9.01 -17.26
N GLU A 384 4.56 -7.99 -16.38
CA GLU A 384 5.54 -7.87 -15.30
C GLU A 384 5.15 -8.59 -13.99
N GLY A 385 3.96 -9.16 -13.94
CA GLY A 385 3.44 -9.79 -12.75
C GLY A 385 4.30 -10.94 -12.31
N SER A 386 4.57 -11.02 -11.01
CA SER A 386 5.41 -12.06 -10.47
C SER A 386 5.07 -12.32 -9.02
N LEU A 387 5.64 -13.41 -8.47
CA LEU A 387 5.66 -13.64 -7.04
C LEU A 387 7.08 -13.29 -6.59
N ARG A 388 7.25 -12.70 -5.41
CA ARG A 388 8.60 -12.40 -4.90
C ARG A 388 8.71 -13.07 -3.55
N ILE A 389 9.66 -13.99 -3.42
CA ILE A 389 9.93 -14.70 -2.17
C ILE A 389 11.07 -13.98 -1.45
N ILE A 390 10.76 -13.40 -0.31
CA ILE A 390 11.68 -12.58 0.43
C ILE A 390 12.06 -13.19 1.74
N ARG A 391 13.34 -13.51 1.90
CA ARG A 391 13.86 -14.01 3.16
C ARG A 391 15.16 -13.30 3.49
N ASN A 392 15.45 -13.18 4.77
CA ASN A 392 16.65 -12.52 5.25
C ASN A 392 17.61 -13.56 5.78
N GLY A 393 18.90 -13.41 5.48
CA GLY A 393 19.91 -14.35 5.93
C GLY A 393 21.24 -14.17 5.25
N ILE A 394 22.20 -15.07 5.54
CA ILE A 394 23.52 -15.00 4.90
C ILE A 394 23.50 -15.90 3.68
N GLY A 395 23.81 -15.34 2.53
CA GLY A 395 23.84 -16.11 1.30
C GLY A 395 25.16 -16.81 1.09
N ILE A 396 25.17 -17.78 0.17
CA ILE A 396 26.39 -18.48 -0.19
C ILE A 396 26.52 -18.45 -1.72
N HIS A 397 27.64 -17.89 -2.21
CA HIS A 397 27.90 -17.88 -3.64
C HIS A 397 28.46 -19.24 -4.00
N GLU A 398 27.67 -20.10 -4.67
CA GLU A 398 28.14 -21.43 -5.03
C GLU A 398 29.10 -21.34 -6.20
N HIS A 399 30.22 -22.04 -6.12
CA HIS A 399 31.22 -22.06 -7.16
C HIS A 399 31.29 -23.40 -7.87
N ALA A 400 31.00 -24.50 -7.14
CA ALA A 400 31.07 -25.83 -7.71
C ALA A 400 30.05 -26.78 -7.12
N SER A 401 29.61 -27.76 -7.90
CA SER A 401 28.70 -28.80 -7.45
C SER A 401 29.25 -30.15 -7.86
N ILE A 402 29.21 -31.11 -6.95
CA ILE A 402 29.67 -32.48 -7.21
C ILE A 402 28.58 -33.44 -6.82
N ASP A 403 28.21 -34.29 -7.73
CA ASP A 403 27.21 -35.30 -7.53
C ASP A 403 27.94 -36.46 -6.84
N LEU A 404 27.77 -36.56 -5.51
CA LEU A 404 28.38 -37.59 -4.66
C LEU A 404 27.47 -37.80 -3.45
N PRO A 405 26.58 -38.80 -3.51
CA PRO A 405 25.59 -38.97 -2.43
C PRO A 405 26.02 -39.74 -1.20
N GLY A 406 25.31 -39.53 -0.10
CA GLY A 406 25.54 -40.22 1.16
C GLY A 406 26.73 -39.72 1.95
N ILE A 407 27.12 -38.44 1.78
CA ILE A 407 28.25 -37.89 2.50
C ILE A 407 27.91 -37.81 3.97
N LYS A 408 28.77 -38.36 4.80
CA LYS A 408 28.61 -38.38 6.25
C LYS A 408 29.63 -37.50 7.00
N GLY A 409 30.47 -36.78 6.28
CA GLY A 409 31.48 -35.94 6.88
C GLY A 409 32.41 -35.35 5.83
N LEU A 410 32.97 -34.17 6.12
CA LEU A 410 33.90 -33.48 5.23
C LEU A 410 35.04 -32.99 6.08
N TRP A 411 36.27 -33.03 5.56
CA TRP A 411 37.41 -32.47 6.28
C TRP A 411 38.41 -31.79 5.35
N PRO A 412 38.76 -30.52 5.66
CA PRO A 412 39.80 -29.86 4.88
C PRO A 412 41.17 -30.40 5.29
N LEU A 413 42.14 -30.33 4.37
CA LEU A 413 43.44 -30.90 4.64
C LEU A 413 44.52 -30.33 3.72
N ARG A 414 45.78 -30.37 4.16
CA ARG A 414 46.93 -29.90 3.38
C ARG A 414 47.93 -31.02 3.17
N SER A 415 47.97 -31.61 1.97
CA SER A 415 48.92 -32.68 1.65
C SER A 415 50.37 -32.20 1.44
N ASP A 416 50.60 -30.88 1.43
CA ASP A 416 51.92 -30.29 1.24
C ASP A 416 52.30 -29.39 2.43
N PRO A 417 53.28 -29.82 3.25
CA PRO A 417 53.69 -29.00 4.41
C PRO A 417 54.40 -27.70 4.04
N ASN A 418 54.81 -27.53 2.78
CA ASN A 418 55.42 -26.28 2.30
C ASN A 418 54.36 -25.23 1.91
N ARG A 419 53.06 -25.63 1.85
CA ARG A 419 51.95 -24.73 1.52
C ARG A 419 51.01 -24.54 2.72
N GLU A 420 50.44 -23.34 2.87
CA GLU A 420 49.48 -23.01 3.94
C GLU A 420 48.01 -23.17 3.51
N THR A 421 47.79 -23.39 2.21
CA THR A 421 46.49 -23.53 1.59
C THR A 421 46.07 -25.00 1.58
N ASP A 422 44.77 -25.28 1.79
CA ASP A 422 44.27 -26.65 1.74
C ASP A 422 44.25 -27.09 0.28
N ASP A 423 44.55 -28.35 0.02
CA ASP A 423 44.51 -28.90 -1.33
C ASP A 423 43.78 -30.25 -1.40
N THR A 424 43.05 -30.62 -0.34
CA THR A 424 42.41 -31.91 -0.23
C THR A 424 41.12 -31.84 0.57
N LEU A 425 40.04 -32.42 0.06
CA LEU A 425 38.78 -32.54 0.77
C LEU A 425 38.59 -34.03 1.02
N VAL A 426 38.57 -34.48 2.27
CA VAL A 426 38.35 -35.90 2.56
C VAL A 426 36.90 -36.08 2.97
N LEU A 427 36.18 -37.02 2.36
CA LEU A 427 34.77 -37.23 2.69
C LEU A 427 34.52 -38.65 3.17
N SER A 428 33.68 -38.81 4.20
CA SER A 428 33.31 -40.14 4.67
C SER A 428 31.89 -40.51 4.21
N PHE A 429 31.69 -41.81 4.07
CA PHE A 429 30.43 -42.42 3.66
C PHE A 429 30.17 -43.59 4.60
N VAL A 430 29.00 -44.20 4.52
CA VAL A 430 28.73 -45.30 5.44
C VAL A 430 29.71 -46.40 5.10
N GLY A 431 30.56 -46.68 6.08
CA GLY A 431 31.62 -47.66 5.99
C GLY A 431 32.68 -47.35 4.95
N GLN A 432 32.90 -46.09 4.60
CA GLN A 432 33.86 -45.78 3.56
C GLN A 432 34.44 -44.38 3.63
N THR A 433 35.57 -44.17 2.99
CA THR A 433 36.22 -42.86 2.97
C THR A 433 36.83 -42.61 1.59
N ARG A 434 36.56 -41.44 1.01
CA ARG A 434 37.09 -41.02 -0.27
C ARG A 434 37.91 -39.71 -0.12
N VAL A 435 38.95 -39.52 -0.92
CA VAL A 435 39.78 -38.33 -0.85
C VAL A 435 39.72 -37.61 -2.18
N LEU A 436 39.42 -36.32 -2.18
CA LEU A 436 39.40 -35.52 -3.41
C LEU A 436 40.53 -34.51 -3.33
N MET A 437 41.30 -34.35 -4.42
CA MET A 437 42.35 -33.34 -4.44
C MET A 437 41.88 -32.10 -5.24
N LEU A 438 42.39 -30.93 -4.86
CA LEU A 438 42.01 -29.67 -5.52
C LEU A 438 43.19 -29.00 -6.21
N ASN A 439 43.08 -28.77 -7.52
CA ASN A 439 44.12 -28.07 -8.28
C ASN A 439 43.43 -26.89 -8.91
N GLY A 440 43.28 -25.82 -8.15
CA GLY A 440 42.53 -24.65 -8.59
C GLY A 440 41.08 -25.01 -8.49
N GLU A 441 40.36 -24.93 -9.62
CA GLU A 441 38.95 -25.33 -9.67
C GLU A 441 38.78 -26.77 -10.21
N GLU A 442 39.86 -27.57 -10.25
CA GLU A 442 39.82 -28.93 -10.74
C GLU A 442 39.83 -29.91 -9.60
N VAL A 443 38.67 -30.52 -9.30
CA VAL A 443 38.55 -31.52 -8.25
C VAL A 443 38.73 -32.89 -8.90
N GLU A 444 39.59 -33.72 -8.34
CA GLU A 444 39.87 -35.04 -8.90
C GLU A 444 40.06 -36.01 -7.78
N GLU A 445 39.28 -37.09 -7.78
CA GLU A 445 39.39 -38.10 -6.74
C GLU A 445 40.75 -38.78 -6.79
N THR A 446 41.35 -38.96 -5.63
CA THR A 446 42.67 -39.55 -5.52
C THR A 446 42.71 -40.61 -4.36
N GLU A 447 43.89 -41.14 -4.08
CA GLU A 447 44.11 -42.06 -2.97
C GLU A 447 45.11 -41.38 -2.03
N LEU A 448 44.91 -41.54 -0.71
CA LEU A 448 45.83 -40.96 0.25
C LEU A 448 46.56 -42.11 0.95
N MET A 449 47.88 -42.18 0.78
CA MET A 449 48.66 -43.26 1.40
C MET A 449 48.72 -43.09 2.90
N GLY A 450 48.37 -44.13 3.64
CA GLY A 450 48.34 -44.05 5.09
C GLY A 450 46.95 -43.86 5.67
N PHE A 451 45.96 -43.54 4.81
CA PHE A 451 44.55 -43.38 5.16
C PHE A 451 43.82 -44.58 4.58
N VAL A 452 42.89 -45.14 5.36
CA VAL A 452 42.10 -46.28 4.90
C VAL A 452 40.76 -45.85 4.29
N ASP A 453 40.41 -46.43 3.14
CA ASP A 453 39.10 -46.22 2.51
C ASP A 453 38.04 -47.24 3.05
N ASP A 454 38.53 -48.32 3.69
CA ASP A 454 37.87 -49.46 4.31
C ASP A 454 36.82 -49.02 5.33
N GLN A 455 37.17 -48.06 6.20
CA GLN A 455 36.35 -47.59 7.30
C GLN A 455 35.77 -46.18 7.11
N GLN A 456 34.74 -45.86 7.91
CA GLN A 456 34.09 -44.55 7.91
C GLN A 456 34.93 -43.65 8.78
N THR A 457 35.30 -42.48 8.26
CA THR A 457 36.11 -41.55 9.03
C THR A 457 35.22 -40.73 9.98
N PHE A 458 35.65 -40.60 11.24
CA PHE A 458 34.98 -39.79 12.25
C PHE A 458 35.67 -38.41 12.37
N PHE A 459 36.95 -38.32 12.00
CA PHE A 459 37.78 -37.12 12.02
C PHE A 459 39.07 -37.38 11.25
N CYS A 460 39.54 -36.37 10.54
CA CYS A 460 40.84 -36.40 9.89
C CYS A 460 41.34 -34.96 9.66
N GLY A 461 42.65 -34.79 9.54
CA GLY A 461 43.21 -33.46 9.32
C GLY A 461 44.68 -33.30 9.65
N ASN A 462 45.16 -32.06 9.63
CA ASN A 462 46.55 -31.78 9.93
C ASN A 462 46.81 -31.74 11.42
N VAL A 463 47.82 -32.48 11.85
CA VAL A 463 48.22 -32.49 13.25
C VAL A 463 49.70 -32.01 13.40
N ALA A 464 50.23 -31.96 14.64
CA ALA A 464 51.58 -31.48 14.90
C ALA A 464 52.68 -32.37 14.34
N HIS A 465 53.87 -31.75 14.10
CA HIS A 465 55.10 -32.38 13.61
C HIS A 465 55.00 -32.78 12.14
N GLN A 466 54.35 -31.93 11.31
CA GLN A 466 54.17 -32.17 9.88
C GLN A 466 53.51 -33.55 9.63
N GLN A 467 52.41 -33.80 10.33
CA GLN A 467 51.70 -35.08 10.25
C GLN A 467 50.21 -34.89 9.95
N LEU A 468 49.53 -35.98 9.60
CA LEU A 468 48.10 -36.05 9.35
C LEU A 468 47.51 -37.13 10.25
N ILE A 469 46.25 -36.97 10.66
CA ILE A 469 45.59 -37.99 11.48
C ILE A 469 44.32 -38.49 10.81
N GLN A 470 44.01 -39.78 10.94
CA GLN A 470 42.77 -40.33 10.41
C GLN A 470 42.15 -41.23 11.45
N ILE A 471 41.04 -40.78 12.04
CA ILE A 471 40.33 -41.53 13.07
C ILE A 471 39.09 -42.24 12.53
N THR A 472 39.16 -43.57 12.40
CA THR A 472 38.04 -44.39 11.91
C THR A 472 37.44 -45.21 13.10
N SER A 473 36.46 -46.07 12.83
CA SER A 473 35.88 -46.93 13.86
C SER A 473 36.93 -47.97 14.29
N ALA A 474 37.69 -48.51 13.33
CA ALA A 474 38.72 -49.50 13.60
C ALA A 474 39.91 -48.98 14.41
N SER A 475 40.41 -47.76 14.12
CA SER A 475 41.61 -47.27 14.83
C SER A 475 41.89 -45.76 14.59
N VAL A 476 43.02 -45.24 15.14
CA VAL A 476 43.50 -43.86 15.00
C VAL A 476 44.84 -43.95 14.26
N ARG A 477 45.00 -43.26 13.12
CA ARG A 477 46.20 -43.40 12.30
C ARG A 477 47.02 -42.14 12.09
N LEU A 478 48.25 -42.15 12.60
CA LEU A 478 49.20 -41.04 12.43
C LEU A 478 49.92 -41.27 11.09
N VAL A 479 49.97 -40.25 10.25
CA VAL A 479 50.60 -40.33 8.94
C VAL A 479 51.59 -39.20 8.72
N SER A 480 52.76 -39.51 8.19
CA SER A 480 53.79 -38.52 7.90
C SER A 480 53.54 -37.77 6.61
N GLN A 481 53.81 -36.48 6.59
CA GLN A 481 53.62 -35.72 5.36
C GLN A 481 54.57 -36.02 4.20
N GLU A 482 55.86 -36.10 4.46
CA GLU A 482 56.84 -36.37 3.40
C GLU A 482 56.81 -37.76 2.80
N PRO A 483 56.71 -38.78 3.65
CA PRO A 483 56.69 -40.18 3.23
C PRO A 483 55.28 -40.71 2.96
N LYS A 484 54.26 -39.97 3.40
CA LYS A 484 52.89 -40.39 3.18
C LYS A 484 52.62 -41.82 3.65
N ALA A 485 53.08 -42.15 4.85
CA ALA A 485 52.88 -43.49 5.37
C ALA A 485 52.42 -43.51 6.82
N LEU A 486 51.84 -44.62 7.25
CA LEU A 486 51.36 -44.77 8.62
C LEU A 486 52.52 -44.96 9.59
N VAL A 487 52.97 -43.87 10.22
CA VAL A 487 54.09 -43.91 11.16
C VAL A 487 53.72 -44.52 12.51
N SER A 488 52.48 -44.33 12.94
CA SER A 488 51.97 -44.87 14.20
C SER A 488 50.47 -45.14 14.10
N GLU A 489 49.99 -46.15 14.81
CA GLU A 489 48.57 -46.47 14.79
C GLU A 489 48.10 -46.88 16.18
N TRP A 490 47.03 -46.25 16.66
CA TRP A 490 46.46 -46.59 17.96
C TRP A 490 45.21 -47.42 17.77
N LYS A 491 45.13 -48.55 18.46
CA LYS A 491 43.94 -49.40 18.42
C LYS A 491 43.48 -49.72 19.85
N GLU A 492 42.18 -49.98 20.03
CA GLU A 492 41.64 -50.30 21.36
C GLU A 492 42.25 -51.61 21.87
N PRO A 493 42.61 -51.69 23.17
CA PRO A 493 43.24 -52.92 23.68
C PRO A 493 42.51 -54.24 23.39
N GLN A 494 41.19 -54.21 23.16
CA GLN A 494 40.44 -55.43 22.83
C GLN A 494 39.84 -55.42 21.41
N ALA A 495 40.35 -54.53 20.53
CA ALA A 495 39.91 -54.31 19.13
C ALA A 495 38.45 -53.86 19.01
N LYS A 496 37.88 -53.29 20.07
CA LYS A 496 36.51 -52.80 20.04
C LYS A 496 36.46 -51.48 19.25
N ASN A 497 35.43 -51.31 18.41
CA ASN A 497 35.28 -50.12 17.57
C ASN A 497 34.99 -48.84 18.35
N ILE A 498 35.57 -47.72 17.89
CA ILE A 498 35.38 -46.40 18.50
C ILE A 498 33.96 -45.89 18.17
N SER A 499 33.34 -45.15 19.10
CA SER A 499 31.98 -44.62 18.95
C SER A 499 31.95 -43.11 18.76
N VAL A 500 32.82 -42.36 19.46
CA VAL A 500 32.91 -40.90 19.36
C VAL A 500 34.37 -40.50 19.17
N ALA A 501 34.64 -39.47 18.35
CA ALA A 501 36.02 -39.05 18.10
C ALA A 501 36.23 -37.54 18.13
N SER A 502 37.15 -37.09 18.97
CA SER A 502 37.51 -35.68 19.09
C SER A 502 39.02 -35.56 19.00
N CYS A 503 39.50 -34.50 18.36
CA CYS A 503 40.92 -34.32 18.14
C CYS A 503 41.26 -32.84 17.90
N ASN A 504 42.50 -32.45 18.22
CA ASN A 504 43.03 -31.12 17.95
C ASN A 504 44.44 -31.27 17.29
N SER A 505 45.34 -30.27 17.41
CA SER A 505 46.66 -30.36 16.80
C SER A 505 47.57 -31.35 17.52
N SER A 506 47.35 -31.59 18.82
CA SER A 506 48.23 -32.48 19.59
C SER A 506 47.52 -33.42 20.56
N GLN A 507 46.17 -33.43 20.58
CA GLN A 507 45.46 -34.30 21.52
C GLN A 507 44.33 -35.05 20.85
N VAL A 508 44.18 -36.35 21.17
CA VAL A 508 43.10 -37.16 20.62
C VAL A 508 42.30 -37.76 21.78
N VAL A 509 41.00 -37.48 21.86
CA VAL A 509 40.16 -38.06 22.91
C VAL A 509 39.06 -38.91 22.27
N VAL A 510 39.32 -40.21 22.17
CA VAL A 510 38.39 -41.15 21.56
C VAL A 510 37.51 -41.81 22.60
N ALA A 511 36.25 -42.08 22.27
CA ALA A 511 35.35 -42.75 23.19
C ALA A 511 34.93 -44.11 22.64
N VAL A 512 35.19 -45.18 23.40
CA VAL A 512 34.82 -46.55 23.01
C VAL A 512 33.66 -46.99 23.91
N GLY A 513 32.44 -46.66 23.50
CA GLY A 513 31.24 -46.96 24.26
C GLY A 513 31.08 -46.02 25.43
N ARG A 514 31.30 -46.54 26.65
CA ARG A 514 31.25 -45.75 27.89
C ARG A 514 32.64 -45.28 28.33
N ALA A 515 33.73 -45.89 27.80
CA ALA A 515 35.10 -45.60 28.20
C ALA A 515 35.86 -44.64 27.28
N LEU A 516 36.29 -43.49 27.82
CA LEU A 516 37.09 -42.53 27.06
C LEU A 516 38.60 -42.89 27.11
N TYR A 517 39.37 -42.40 26.14
CA TYR A 517 40.80 -42.65 26.02
C TYR A 517 41.50 -41.36 25.59
N TYR A 518 42.63 -41.02 26.22
CA TYR A 518 43.35 -39.80 25.89
C TYR A 518 44.73 -40.06 25.28
N LEU A 519 44.82 -40.04 23.95
CA LEU A 519 46.09 -40.20 23.24
C LEU A 519 46.70 -38.82 23.00
N GLN A 520 48.03 -38.76 22.86
CA GLN A 520 48.72 -37.50 22.62
C GLN A 520 49.58 -37.60 21.36
N ILE A 521 49.48 -36.59 20.48
CA ILE A 521 50.20 -36.57 19.21
C ILE A 521 51.67 -36.20 19.38
N HIS A 522 52.57 -37.14 19.04
CA HIS A 522 54.01 -36.96 19.14
C HIS A 522 54.71 -37.43 17.85
N PRO A 523 55.94 -36.96 17.56
CA PRO A 523 56.62 -37.39 16.32
C PRO A 523 56.68 -38.91 16.12
N GLN A 524 55.92 -39.40 15.12
CA GLN A 524 55.80 -40.81 14.75
C GLN A 524 55.20 -41.69 15.84
N GLU A 525 54.45 -41.11 16.79
CA GLU A 525 53.87 -41.89 17.87
C GLU A 525 52.59 -41.32 18.49
N LEU A 526 51.61 -42.22 18.74
CA LEU A 526 50.37 -41.88 19.41
C LEU A 526 50.46 -42.49 20.83
N ARG A 527 50.88 -41.69 21.82
CA ARG A 527 51.04 -42.19 23.18
C ARG A 527 49.75 -42.22 24.01
N GLN A 528 49.29 -43.43 24.39
CA GLN A 528 48.08 -43.59 25.21
C GLN A 528 48.36 -43.12 26.63
N ILE A 529 47.75 -42.01 27.06
CA ILE A 529 48.01 -41.43 28.37
C ILE A 529 46.97 -41.81 29.43
N SER A 530 45.67 -41.62 29.15
CA SER A 530 44.63 -41.92 30.14
C SER A 530 43.51 -42.85 29.63
N HIS A 531 42.80 -43.50 30.56
N HIS A 531 42.78 -43.49 30.56
CA HIS A 531 41.68 -44.38 30.27
CA HIS A 531 41.68 -44.41 30.23
C HIS A 531 40.72 -44.34 31.46
C HIS A 531 40.67 -44.50 31.38
N THR A 532 39.49 -43.90 31.22
CA THR A 532 38.48 -43.87 32.27
C THR A 532 37.08 -44.28 31.75
N GLU A 533 36.19 -44.71 32.66
CA GLU A 533 34.84 -45.12 32.27
C GLU A 533 33.78 -44.17 32.82
N MET A 534 32.90 -43.63 31.96
CA MET A 534 31.86 -42.72 32.40
C MET A 534 30.57 -43.45 32.83
N GLU A 535 29.73 -42.77 33.65
CA GLU A 535 28.48 -43.36 34.18
C GLU A 535 27.32 -43.45 33.18
N HIS A 536 27.60 -43.24 31.89
CA HIS A 536 26.63 -43.31 30.79
C HIS A 536 27.36 -43.41 29.44
N GLU A 537 26.66 -43.86 28.38
CA GLU A 537 27.26 -43.99 27.05
C GLU A 537 27.67 -42.60 26.52
N VAL A 538 28.85 -42.50 25.88
CA VAL A 538 29.31 -41.23 25.35
C VAL A 538 28.60 -40.93 24.04
N ALA A 539 28.01 -39.72 23.91
CA ALA A 539 27.29 -39.34 22.70
C ALA A 539 28.03 -38.29 21.86
N CYS A 540 28.83 -37.43 22.49
CA CYS A 540 29.64 -36.41 21.79
C CYS A 540 30.86 -36.00 22.60
N LEU A 541 31.95 -35.65 21.91
CA LEU A 541 33.19 -35.24 22.57
C LEU A 541 33.82 -34.02 21.91
N ASP A 542 34.63 -33.25 22.66
CA ASP A 542 35.31 -32.07 22.13
C ASP A 542 36.52 -31.68 22.97
N ILE A 543 37.62 -31.31 22.32
CA ILE A 543 38.82 -30.88 23.02
C ILE A 543 39.44 -29.64 22.35
N THR A 544 38.62 -28.64 22.03
CA THR A 544 39.12 -27.42 21.37
C THR A 544 39.98 -26.55 22.29
N PRO A 545 41.27 -26.37 21.94
CA PRO A 545 42.16 -25.55 22.78
C PRO A 545 41.82 -24.06 22.80
N LEU A 546 41.44 -23.53 23.98
CA LEU A 546 41.09 -22.11 24.11
C LEU A 546 42.05 -21.41 25.08
N SER A 549 47.69 -21.39 24.95
CA SER A 549 47.37 -22.81 24.96
C SER A 549 48.47 -23.64 24.29
N ASN A 550 49.00 -23.14 23.16
CA ASN A 550 50.04 -23.77 22.33
C ASN A 550 49.58 -25.13 21.79
N GLY A 551 48.36 -25.17 21.26
CA GLY A 551 47.77 -26.38 20.71
C GLY A 551 47.39 -27.43 21.75
N LEU A 552 47.24 -27.01 23.01
CA LEU A 552 46.90 -27.91 24.11
C LEU A 552 45.75 -27.36 24.95
N SER A 553 44.64 -28.11 25.02
CA SER A 553 43.46 -27.75 25.79
C SER A 553 43.38 -28.60 27.06
N PRO A 554 43.29 -27.96 28.23
CA PRO A 554 43.18 -28.74 29.48
C PRO A 554 41.75 -29.12 29.88
N LEU A 555 40.77 -28.84 29.01
CA LEU A 555 39.36 -29.16 29.25
C LEU A 555 38.81 -30.06 28.13
N CYS A 556 37.77 -30.85 28.44
CA CYS A 556 37.16 -31.77 27.49
C CYS A 556 35.64 -31.82 27.68
N ALA A 557 34.88 -31.36 26.68
CA ALA A 557 33.42 -31.40 26.76
C ALA A 557 32.92 -32.79 26.37
N ILE A 558 31.99 -33.36 27.15
CA ILE A 558 31.46 -34.68 26.87
C ILE A 558 29.96 -34.80 27.16
N GLY A 559 29.19 -35.28 26.20
CA GLY A 559 27.75 -35.49 26.34
C GLY A 559 27.44 -36.93 26.64
N LEU A 560 26.40 -37.20 27.44
CA LEU A 560 26.07 -38.57 27.85
C LEU A 560 24.64 -39.01 27.47
N TRP A 561 24.44 -40.33 27.35
CA TRP A 561 23.14 -40.92 27.00
C TRP A 561 22.17 -41.05 28.19
N THR A 562 22.47 -41.92 29.18
CA THR A 562 21.60 -42.16 30.33
C THR A 562 21.40 -40.91 31.18
N ASP A 563 22.48 -40.15 31.42
CA ASP A 563 22.40 -38.92 32.22
C ASP A 563 21.77 -37.76 31.46
N ILE A 564 21.81 -37.78 30.09
CA ILE A 564 21.29 -36.73 29.19
C ILE A 564 21.88 -35.38 29.59
N SER A 565 23.18 -35.36 29.91
CA SER A 565 23.87 -34.17 30.38
C SER A 565 25.16 -33.89 29.62
N ALA A 566 25.53 -32.60 29.53
CA ALA A 566 26.77 -32.16 28.90
C ALA A 566 27.70 -31.70 30.01
N ARG A 567 28.83 -32.40 30.20
CA ARG A 567 29.74 -32.06 31.28
C ARG A 567 31.16 -31.78 30.82
N ILE A 568 31.83 -30.87 31.52
CA ILE A 568 33.20 -30.49 31.19
C ILE A 568 34.17 -31.19 32.12
N LEU A 569 35.11 -31.98 31.57
CA LEU A 569 36.09 -32.70 32.39
C LEU A 569 37.50 -32.13 32.27
N LYS A 570 38.37 -32.44 33.25
CA LYS A 570 39.76 -31.96 33.26
C LYS A 570 40.67 -32.87 32.42
N LEU A 571 41.83 -32.36 31.99
CA LEU A 571 42.78 -33.14 31.20
C LEU A 571 44.19 -33.02 31.76
N PRO A 572 44.92 -34.14 31.91
CA PRO A 572 44.53 -35.52 31.61
C PRO A 572 43.98 -36.27 32.82
N SER A 573 43.40 -35.55 33.78
CA SER A 573 42.92 -36.15 35.01
C SER A 573 41.47 -36.69 34.94
N PHE A 574 40.72 -36.31 33.92
CA PHE A 574 39.31 -36.70 33.72
C PHE A 574 38.38 -36.30 34.89
N GLU A 575 38.83 -35.36 35.74
CA GLU A 575 38.08 -34.89 36.90
C GLU A 575 36.92 -34.01 36.47
N LEU A 576 35.69 -34.39 36.83
CA LEU A 576 34.50 -33.63 36.46
C LEU A 576 34.53 -32.22 37.07
N LEU A 577 34.68 -31.20 36.23
CA LEU A 577 34.69 -29.81 36.70
C LEU A 577 33.28 -29.21 36.81
N HIS A 578 32.29 -29.78 36.10
CA HIS A 578 30.90 -29.34 36.10
C HIS A 578 29.99 -30.44 35.50
N LYS A 579 28.70 -30.46 35.86
CA LYS A 579 27.73 -31.43 35.34
C LYS A 579 26.38 -30.75 35.13
N GLU A 580 25.95 -30.57 33.87
CA GLU A 580 24.68 -29.90 33.60
C GLU A 580 23.66 -30.76 32.87
N MET A 581 22.52 -31.05 33.50
CA MET A 581 21.52 -31.91 32.88
C MET A 581 20.65 -31.14 31.89
N LEU A 582 20.72 -31.53 30.64
CA LEU A 582 19.96 -30.90 29.57
C LEU A 582 18.45 -31.07 29.70
N GLY A 583 18.01 -32.26 30.08
CA GLY A 583 16.59 -32.54 30.23
C GLY A 583 15.98 -33.15 28.98
N GLY A 584 14.82 -33.78 29.14
CA GLY A 584 14.15 -34.42 28.04
C GLY A 584 14.66 -35.82 27.83
N GLU A 585 14.15 -36.49 26.80
CA GLU A 585 14.54 -37.85 26.48
C GLU A 585 15.54 -38.06 25.33
N ILE A 586 15.86 -37.04 24.56
CA ILE A 586 16.80 -37.22 23.45
C ILE A 586 18.26 -36.92 23.84
N ILE A 587 19.18 -37.84 23.49
CA ILE A 587 20.61 -37.73 23.79
C ILE A 587 21.27 -36.66 22.90
N PRO A 588 22.35 -36.00 23.38
CA PRO A 588 22.98 -34.96 22.54
C PRO A 588 23.63 -35.50 21.26
N ARG A 589 23.86 -34.64 20.28
CA ARG A 589 24.47 -35.04 19.01
C ARG A 589 25.87 -34.43 18.87
N SER A 590 25.99 -33.13 19.14
CA SER A 590 27.27 -32.45 19.02
C SER A 590 27.58 -31.58 20.25
N ILE A 591 28.85 -31.35 20.52
CA ILE A 591 29.29 -30.50 21.62
C ILE A 591 30.54 -29.71 21.20
N LEU A 592 30.62 -28.41 21.52
CA LEU A 592 31.74 -27.59 21.07
C LEU A 592 32.14 -26.51 22.03
N MET A 593 33.45 -26.37 22.28
CA MET A 593 34.00 -25.31 23.12
C MET A 593 34.58 -24.28 22.15
N THR A 594 34.05 -23.06 22.16
CA THR A 594 34.49 -22.01 21.24
C THR A 594 34.49 -20.61 21.90
N THR A 595 35.29 -19.67 21.37
CA THR A 595 35.33 -18.31 21.95
C THR A 595 34.78 -17.25 20.99
N PHE A 596 33.79 -16.47 21.44
CA PHE A 596 33.22 -15.40 20.64
C PHE A 596 33.48 -14.05 21.33
N GLU A 597 34.26 -13.18 20.69
CA GLU A 597 34.66 -11.84 21.19
C GLU A 597 35.40 -11.93 22.52
N SER A 598 36.46 -12.78 22.55
CA SER A 598 37.35 -13.06 23.68
C SER A 598 36.65 -13.70 24.90
N SER A 599 35.32 -13.82 24.87
CA SER A 599 34.53 -14.46 25.92
C SER A 599 34.25 -15.89 25.47
N HIS A 600 34.54 -16.88 26.32
CA HIS A 600 34.36 -18.28 25.95
C HIS A 600 32.94 -18.82 26.19
N TYR A 601 32.55 -19.81 25.39
CA TYR A 601 31.25 -20.48 25.46
C TYR A 601 31.39 -22.01 25.28
N LEU A 602 30.30 -22.74 25.55
CA LEU A 602 30.23 -24.17 25.34
C LEU A 602 28.85 -24.47 24.77
N LEU A 603 28.78 -24.63 23.45
CA LEU A 603 27.52 -24.94 22.78
C LEU A 603 27.23 -26.43 22.88
N CYS A 604 25.95 -26.79 22.83
CA CYS A 604 25.55 -28.19 22.88
C CYS A 604 24.33 -28.41 22.02
N ALA A 605 24.43 -29.32 21.05
CA ALA A 605 23.32 -29.61 20.16
C ALA A 605 22.62 -30.90 20.57
N LEU A 606 21.29 -30.87 20.59
CA LEU A 606 20.46 -32.01 20.98
C LEU A 606 19.90 -32.75 19.77
N GLY A 607 19.50 -34.00 19.98
CA GLY A 607 18.93 -34.85 18.94
C GLY A 607 17.63 -34.36 18.35
N ASP A 608 17.00 -33.33 18.96
CA ASP A 608 15.76 -32.75 18.46
C ASP A 608 15.94 -31.31 17.95
N GLY A 609 17.15 -30.98 17.49
CA GLY A 609 17.45 -29.66 16.95
C GLY A 609 17.49 -28.53 17.97
N ALA A 610 17.59 -28.87 19.26
CA ALA A 610 17.66 -27.86 20.30
C ALA A 610 19.10 -27.50 20.56
N LEU A 611 19.43 -26.21 20.63
CA LEU A 611 20.80 -25.78 20.88
C LEU A 611 20.90 -25.10 22.23
N PHE A 612 21.91 -25.45 23.04
CA PHE A 612 22.15 -24.87 24.35
C PHE A 612 23.43 -24.07 24.34
N TYR A 613 23.43 -22.87 24.92
CA TYR A 613 24.64 -22.06 24.97
C TYR A 613 24.87 -21.45 26.35
N PHE A 614 26.01 -21.82 26.95
CA PHE A 614 26.44 -21.38 28.29
C PHE A 614 27.84 -20.80 28.20
N GLY A 615 28.16 -19.87 29.08
CA GLY A 615 29.51 -19.33 29.16
C GLY A 615 30.42 -20.37 29.79
N LEU A 616 31.67 -20.44 29.35
CA LEU A 616 32.61 -21.43 29.88
C LEU A 616 33.85 -20.78 30.44
N ASN A 617 34.12 -20.97 31.74
CA ASN A 617 35.31 -20.41 32.36
C ASN A 617 36.49 -21.27 31.91
N ILE A 618 37.51 -20.65 31.30
CA ILE A 618 38.66 -21.39 30.80
C ILE A 618 39.46 -22.08 31.91
N GLU A 619 39.58 -21.44 33.10
CA GLU A 619 40.33 -22.02 34.22
C GLU A 619 39.44 -22.73 35.24
N THR A 620 38.19 -22.26 35.41
CA THR A 620 37.26 -22.88 36.37
C THR A 620 36.50 -24.06 35.76
N GLY A 621 35.86 -23.85 34.62
CA GLY A 621 35.12 -24.89 33.91
C GLY A 621 33.68 -25.05 34.36
N LEU A 622 32.88 -23.98 34.31
CA LEU A 622 31.47 -24.04 34.73
C LEU A 622 30.56 -23.15 33.86
N LEU A 623 29.25 -23.49 33.80
CA LEU A 623 28.26 -22.75 32.99
C LEU A 623 27.91 -21.36 33.55
N SER A 624 28.00 -20.32 32.71
CA SER A 624 27.70 -18.95 33.14
C SER A 624 26.23 -18.59 33.04
N ASP A 625 25.58 -18.94 31.92
CA ASP A 625 24.15 -18.64 31.76
C ASP A 625 23.45 -19.69 30.92
N ARG A 626 22.48 -20.40 31.50
CA ARG A 626 21.77 -21.46 30.79
C ARG A 626 20.76 -20.93 29.78
N LYS A 627 21.19 -20.78 28.52
CA LYS A 627 20.31 -20.30 27.46
C LYS A 627 20.06 -21.38 26.40
N LYS A 628 18.95 -21.27 25.68
CA LYS A 628 18.55 -22.25 24.66
C LYS A 628 17.94 -21.54 23.45
N VAL A 629 18.20 -22.06 22.25
CA VAL A 629 17.64 -21.52 21.02
C VAL A 629 17.33 -22.69 20.09
N THR A 630 16.06 -22.90 19.72
CA THR A 630 15.69 -24.00 18.83
C THR A 630 16.15 -23.72 17.39
N LEU A 631 17.01 -24.61 16.84
CA LEU A 631 17.60 -24.45 15.53
C LEU A 631 16.98 -25.31 14.41
N GLY A 632 15.97 -26.11 14.73
CA GLY A 632 15.32 -26.95 13.74
C GLY A 632 14.76 -28.25 14.28
N THR A 633 14.40 -29.18 13.38
CA THR A 633 13.85 -30.48 13.77
C THR A 633 14.97 -31.53 13.74
N GLN A 634 15.80 -31.51 12.69
CA GLN A 634 16.92 -32.45 12.54
C GLN A 634 18.02 -32.14 13.55
N PRO A 635 18.80 -33.16 13.99
CA PRO A 635 19.90 -32.89 14.92
C PRO A 635 20.94 -31.95 14.31
N THR A 636 21.55 -31.11 15.12
CA THR A 636 22.48 -30.11 14.63
C THR A 636 23.93 -30.58 14.78
N VAL A 637 24.76 -30.30 13.76
CA VAL A 637 26.19 -30.61 13.74
C VAL A 637 26.92 -29.27 13.76
N LEU A 638 27.69 -29.01 14.82
CA LEU A 638 28.39 -27.73 14.94
C LEU A 638 29.80 -27.81 14.36
N ARG A 639 30.22 -26.75 13.65
CA ARG A 639 31.54 -26.70 13.02
C ARG A 639 32.15 -25.30 13.10
N THR A 640 33.33 -25.20 13.68
CA THR A 640 34.06 -23.95 13.80
C THR A 640 34.66 -23.51 12.46
N PHE A 641 34.69 -22.20 12.23
CA PHE A 641 35.31 -21.65 11.03
C PHE A 641 35.71 -20.21 11.29
N ARG A 642 36.60 -19.67 10.49
CA ARG A 642 37.05 -18.32 10.74
C ARG A 642 36.57 -17.32 9.72
N SER A 643 35.87 -16.30 10.20
CA SER A 643 35.42 -15.22 9.35
C SER A 643 36.22 -14.07 9.88
N LEU A 644 37.09 -13.53 9.03
CA LEU A 644 38.02 -12.44 9.38
C LEU A 644 38.98 -12.83 10.51
N SER A 645 39.11 -11.96 11.50
CA SER A 645 39.98 -12.24 12.65
C SER A 645 39.29 -13.18 13.63
N THR A 646 37.99 -12.95 13.79
CA THR A 646 37.13 -13.68 14.72
C THR A 646 36.71 -15.08 14.30
N THR A 647 36.06 -15.80 15.20
CA THR A 647 35.61 -17.16 14.93
C THR A 647 34.11 -17.33 14.98
N ASN A 648 33.58 -18.03 13.98
CA ASN A 648 32.15 -18.29 13.86
C ASN A 648 31.87 -19.79 13.85
N VAL A 649 30.62 -20.17 14.08
CA VAL A 649 30.25 -21.58 14.11
C VAL A 649 29.09 -21.82 13.14
N PHE A 650 29.27 -22.72 12.17
CA PHE A 650 28.21 -23.08 11.23
C PHE A 650 27.45 -24.26 11.83
N ALA A 651 26.14 -24.13 11.93
CA ALA A 651 25.26 -25.15 12.51
C ALA A 651 24.50 -25.86 11.41
N CYS A 652 24.86 -27.12 11.13
CA CYS A 652 24.21 -27.89 10.09
C CYS A 652 22.96 -28.60 10.55
N SER A 653 21.84 -28.33 9.89
CA SER A 653 20.55 -28.97 10.13
C SER A 653 19.60 -28.63 8.96
N ASP A 654 18.30 -29.00 9.05
CA ASP A 654 17.33 -28.64 8.02
C ASP A 654 17.26 -27.09 7.83
N ARG A 655 17.58 -26.35 8.90
CA ARG A 655 17.67 -24.90 8.92
C ARG A 655 19.12 -24.55 9.30
N PRO A 656 20.02 -24.46 8.31
CA PRO A 656 21.42 -24.14 8.63
C PRO A 656 21.54 -22.71 9.18
N THR A 657 22.40 -22.52 10.18
CA THR A 657 22.57 -21.24 10.86
C THR A 657 24.03 -20.90 11.07
N VAL A 658 24.37 -19.62 11.17
CA VAL A 658 25.72 -19.16 11.51
C VAL A 658 25.61 -18.49 12.89
N ILE A 659 26.37 -18.97 13.85
CA ILE A 659 26.36 -18.44 15.21
C ILE A 659 27.55 -17.51 15.35
N TYR A 660 27.33 -16.27 15.80
CA TYR A 660 28.43 -15.30 15.94
C TYR A 660 28.26 -14.39 17.19
N SER A 661 29.23 -13.49 17.44
CA SER A 661 29.13 -12.57 18.59
C SER A 661 28.81 -11.14 18.16
N SER A 662 28.01 -10.44 18.99
CA SER A 662 27.63 -9.05 18.79
C SER A 662 27.42 -8.46 20.17
N ASN A 663 28.28 -7.50 20.56
CA ASN A 663 28.30 -6.86 21.87
C ASN A 663 28.57 -7.87 22.99
N HIS A 664 29.42 -8.88 22.69
CA HIS A 664 29.81 -9.97 23.60
C HIS A 664 28.61 -10.86 23.97
N LYS A 665 27.65 -11.00 23.03
CA LYS A 665 26.46 -11.83 23.20
C LYS A 665 26.25 -12.63 21.89
N LEU A 666 25.82 -13.90 22.01
CA LEU A 666 25.61 -14.76 20.85
C LEU A 666 24.38 -14.37 20.02
N VAL A 667 24.51 -14.45 18.68
CA VAL A 667 23.47 -14.16 17.69
C VAL A 667 23.34 -15.34 16.72
N PHE A 668 22.19 -15.47 16.04
CA PHE A 668 21.96 -16.61 15.16
C PHE A 668 21.40 -16.24 13.78
N SER A 669 22.25 -15.78 12.86
CA SER A 669 21.84 -15.47 11.49
C SER A 669 21.57 -16.77 10.76
N ASN A 670 20.47 -16.87 10.02
CA ASN A 670 20.17 -18.11 9.28
C ASN A 670 20.80 -18.10 7.88
N VAL A 671 21.14 -19.27 7.35
CA VAL A 671 21.77 -19.36 6.03
C VAL A 671 20.72 -19.52 4.94
N ASN A 672 20.90 -18.76 3.87
CA ASN A 672 19.97 -18.74 2.77
C ASN A 672 20.33 -19.93 1.94
N LEU A 673 19.94 -21.07 2.47
CA LEU A 673 20.18 -22.36 1.87
C LEU A 673 19.19 -23.34 2.42
N LYS A 674 19.10 -24.50 1.76
CA LYS A 674 18.21 -25.58 2.17
C LYS A 674 18.90 -26.51 3.16
N GLU A 675 18.41 -27.73 3.33
CA GLU A 675 19.04 -28.60 4.31
C GLU A 675 20.50 -28.87 3.96
N VAL A 676 21.35 -28.68 4.96
CA VAL A 676 22.76 -28.92 4.84
C VAL A 676 23.07 -29.87 5.94
N ASN A 677 23.71 -30.98 5.60
CA ASN A 677 24.01 -32.01 6.59
C ASN A 677 25.36 -31.79 7.24
N TYR A 678 26.41 -31.46 6.44
CA TYR A 678 27.79 -31.29 6.91
C TYR A 678 28.46 -30.08 6.27
N MET A 679 29.47 -29.52 6.94
CA MET A 679 30.25 -28.41 6.41
C MET A 679 31.66 -28.42 6.97
N CYS A 680 32.55 -27.75 6.25
CA CYS A 680 33.93 -27.55 6.65
C CYS A 680 34.48 -26.31 5.92
N PRO A 681 35.33 -25.53 6.58
CA PRO A 681 35.97 -24.40 5.87
C PRO A 681 37.01 -24.93 4.89
N LEU A 682 37.21 -24.25 3.77
CA LEU A 682 38.15 -24.68 2.75
C LEU A 682 38.94 -23.47 2.25
N ASN A 683 40.27 -23.45 2.48
CA ASN A 683 41.10 -22.34 2.02
C ASN A 683 41.98 -22.83 0.86
N SER A 684 41.35 -23.26 -0.21
CA SER A 684 42.06 -23.76 -1.39
C SER A 684 42.70 -22.61 -2.18
N ASP A 685 43.62 -22.93 -3.10
CA ASP A 685 44.20 -21.90 -3.95
C ASP A 685 43.16 -21.39 -4.95
N GLY A 686 42.32 -22.29 -5.47
CA GLY A 686 41.23 -21.90 -6.36
C GLY A 686 39.99 -21.40 -5.64
N TYR A 687 39.79 -21.84 -4.40
CA TYR A 687 38.67 -21.44 -3.57
C TYR A 687 39.19 -20.85 -2.25
N PRO A 688 39.76 -19.64 -2.27
CA PRO A 688 40.33 -19.07 -1.03
C PRO A 688 39.24 -18.55 -0.10
N ASP A 689 39.42 -18.79 1.21
CA ASP A 689 38.49 -18.38 2.24
C ASP A 689 37.06 -18.82 1.94
N SER A 690 36.93 -20.05 1.45
CA SER A 690 35.66 -20.66 1.05
C SER A 690 35.19 -21.72 2.06
N LEU A 691 34.14 -22.49 1.72
CA LEU A 691 33.57 -23.57 2.52
C LEU A 691 33.05 -24.72 1.64
N ALA A 692 32.92 -25.91 2.23
CA ALA A 692 32.39 -27.08 1.54
C ALA A 692 31.11 -27.45 2.27
N LEU A 693 30.03 -27.67 1.54
CA LEU A 693 28.74 -28.00 2.13
C LEU A 693 28.26 -29.30 1.53
N ALA A 694 27.70 -30.19 2.35
CA ALA A 694 27.21 -31.46 1.84
C ALA A 694 25.81 -31.74 2.30
N ASN A 695 24.93 -32.13 1.34
CA ASN A 695 23.58 -32.56 1.70
C ASN A 695 23.49 -34.10 1.45
N ASN A 696 22.28 -34.67 1.30
CA ASN A 696 22.15 -36.10 1.08
C ASN A 696 22.74 -36.55 -0.26
N SER A 697 22.84 -35.65 -1.25
CA SER A 697 23.30 -36.08 -2.56
C SER A 697 24.40 -35.26 -3.24
N THR A 698 24.72 -34.04 -2.73
CA THR A 698 25.68 -33.18 -3.42
C THR A 698 26.74 -32.52 -2.50
N LEU A 699 27.92 -32.27 -3.05
CA LEU A 699 28.97 -31.54 -2.36
C LEU A 699 29.10 -30.18 -3.09
N THR A 700 28.93 -29.06 -2.36
CA THR A 700 28.99 -27.71 -2.89
C THR A 700 30.17 -26.94 -2.28
N ILE A 701 30.95 -26.27 -3.12
CA ILE A 701 32.04 -25.44 -2.66
C ILE A 701 31.59 -24.02 -2.95
N GLY A 702 31.53 -23.22 -1.91
CA GLY A 702 31.09 -21.84 -2.07
C GLY A 702 31.74 -20.88 -1.10
N THR A 703 31.40 -19.60 -1.22
CA THR A 703 31.93 -18.57 -0.35
C THR A 703 30.75 -17.90 0.34
N ILE A 704 30.82 -17.75 1.67
CA ILE A 704 29.73 -17.16 2.42
C ILE A 704 29.78 -15.63 2.34
N ASP A 705 28.63 -14.99 2.07
CA ASP A 705 28.52 -13.54 1.92
C ASP A 705 29.07 -12.73 3.08
N GLU A 706 29.46 -11.47 2.79
CA GLU A 706 30.01 -10.55 3.77
C GLU A 706 29.09 -10.39 5.01
N ILE A 707 27.83 -9.97 4.76
CA ILE A 707 26.86 -9.75 5.83
C ILE A 707 25.41 -10.08 5.38
N GLN A 708 24.52 -10.20 6.36
CA GLN A 708 23.08 -10.46 6.22
C GLN A 708 22.39 -9.43 5.31
N LYS A 709 21.75 -9.90 4.23
CA LYS A 709 20.99 -9.04 3.31
C LYS A 709 19.68 -9.74 2.84
N LEU A 710 18.79 -9.03 2.12
CA LEU A 710 17.55 -9.63 1.65
C LEU A 710 17.81 -10.49 0.44
N HIS A 711 17.29 -11.69 0.46
CA HIS A 711 17.45 -12.54 -0.67
C HIS A 711 16.07 -12.64 -1.25
N ILE A 712 15.96 -12.20 -2.48
CA ILE A 712 14.68 -12.15 -3.16
C ILE A 712 14.68 -13.04 -4.36
N ARG A 713 13.75 -14.00 -4.40
CA ARG A 713 13.61 -14.89 -5.54
C ARG A 713 12.43 -14.40 -6.35
N THR A 714 12.63 -14.16 -7.63
CA THR A 714 11.55 -13.68 -8.49
C THR A 714 10.94 -14.84 -9.27
N VAL A 715 9.63 -14.99 -9.18
CA VAL A 715 8.90 -16.03 -9.93
C VAL A 715 7.99 -15.32 -10.93
N PRO A 716 8.46 -15.05 -12.16
CA PRO A 716 7.61 -14.36 -13.13
C PRO A 716 6.42 -15.18 -13.59
N LEU A 717 5.26 -14.51 -13.67
CA LEU A 717 3.99 -15.09 -14.07
C LEU A 717 3.53 -14.64 -15.44
N TYR A 718 4.08 -13.50 -15.95
CA TYR A 718 3.73 -12.90 -17.23
C TYR A 718 2.26 -12.53 -17.34
N GLU A 719 1.60 -12.32 -16.19
CA GLU A 719 0.19 -11.93 -15.99
C GLU A 719 0.07 -11.35 -14.57
N SER A 720 -1.09 -10.80 -14.23
CA SER A 720 -1.24 -10.16 -12.94
C SER A 720 -1.66 -11.03 -11.78
N PRO A 721 -0.80 -11.15 -10.78
CA PRO A 721 -1.13 -11.89 -9.56
C PRO A 721 -1.99 -10.96 -8.73
N ARG A 722 -3.09 -11.45 -8.22
CA ARG A 722 -3.97 -10.60 -7.44
C ARG A 722 -4.07 -10.95 -5.96
N LYS A 723 -4.21 -12.23 -5.66
CA LYS A 723 -4.34 -12.69 -4.29
C LYS A 723 -3.49 -13.91 -4.05
N ILE A 724 -3.02 -14.08 -2.82
CA ILE A 724 -2.17 -15.21 -2.48
C ILE A 724 -2.48 -15.77 -1.13
N CYS A 725 -2.47 -17.09 -1.03
N CYS A 725 -2.48 -17.10 -1.03
CA CYS A 725 -2.65 -17.79 0.23
CA CYS A 725 -2.68 -17.81 0.22
C CYS A 725 -1.67 -18.97 0.28
C CYS A 725 -1.73 -19.01 0.28
N TYR A 726 -1.22 -19.35 1.47
CA TYR A 726 -0.30 -20.46 1.63
C TYR A 726 -1.02 -21.70 2.20
N GLN A 727 -0.84 -22.87 1.58
CA GLN A 727 -1.43 -24.09 2.08
C GLN A 727 -0.32 -25.04 2.44
N GLU A 728 0.05 -25.07 3.72
CA GLU A 728 1.16 -25.89 4.19
C GLU A 728 1.00 -27.37 3.93
N VAL A 729 -0.15 -27.95 4.26
CA VAL A 729 -0.37 -29.39 4.04
C VAL A 729 -0.19 -29.80 2.58
N SER A 730 -0.42 -28.89 1.64
CA SER A 730 -0.24 -29.18 0.22
C SER A 730 1.12 -28.76 -0.32
N GLN A 731 1.92 -28.01 0.49
CA GLN A 731 3.22 -27.48 0.15
C GLN A 731 3.14 -26.63 -1.11
N CYS A 732 2.17 -25.73 -1.13
CA CYS A 732 1.94 -24.90 -2.29
C CYS A 732 1.23 -23.61 -1.94
N PHE A 733 1.09 -22.71 -2.93
CA PHE A 733 0.41 -21.43 -2.82
C PHE A 733 -0.78 -21.41 -3.73
N GLY A 734 -1.81 -20.74 -3.31
CA GLY A 734 -2.99 -20.50 -4.12
C GLY A 734 -2.87 -19.06 -4.55
N VAL A 735 -2.99 -18.81 -5.86
CA VAL A 735 -2.84 -17.46 -6.38
C VAL A 735 -3.94 -17.12 -7.34
N LEU A 736 -4.74 -16.11 -7.01
CA LEU A 736 -5.73 -15.61 -7.94
C LEU A 736 -4.96 -14.72 -8.92
N SER A 737 -5.18 -14.91 -10.21
CA SER A 737 -4.47 -14.13 -11.21
C SER A 737 -5.38 -13.79 -12.37
N SER A 738 -5.02 -12.77 -13.14
CA SER A 738 -5.79 -12.45 -14.33
C SER A 738 -4.86 -12.25 -15.51
N ARG A 739 -5.39 -12.46 -16.73
CA ARG A 739 -4.64 -12.20 -17.94
C ARG A 739 -5.54 -11.51 -18.95
N ILE A 740 -4.99 -10.58 -19.74
CA ILE A 740 -5.76 -9.86 -20.76
C ILE A 740 -5.71 -10.63 -22.06
N GLU A 741 -6.88 -10.79 -22.70
CA GLU A 741 -7.02 -11.44 -23.99
C GLU A 741 -7.76 -10.48 -24.95
N VAL A 742 -7.42 -10.51 -26.25
CA VAL A 742 -8.06 -9.66 -27.26
C VAL A 742 -8.98 -10.48 -28.14
N GLN A 743 -10.18 -9.94 -28.48
CA GLN A 743 -11.15 -10.63 -29.33
C GLN A 743 -10.55 -10.99 -30.68
N ASP A 744 -10.67 -12.26 -31.07
CA ASP A 744 -10.14 -12.73 -32.34
C ASP A 744 -11.23 -12.79 -33.42
N THR A 745 -10.80 -12.77 -34.70
CA THR A 745 -11.72 -12.85 -35.84
C THR A 745 -12.37 -14.25 -35.87
N SER A 746 -11.55 -15.29 -35.71
CA SER A 746 -12.05 -16.66 -35.67
C SER A 746 -12.61 -16.98 -34.27
N GLY A 747 -13.76 -16.40 -33.96
CA GLY A 747 -14.42 -16.56 -32.66
C GLY A 747 -15.00 -17.94 -32.40
N THR A 749 -11.82 -15.38 -28.13
CA THR A 749 -10.82 -14.45 -27.61
C THR A 749 -9.44 -15.12 -27.44
N THR A 750 -8.34 -14.36 -27.61
CA THR A 750 -7.01 -14.96 -27.57
C THR A 750 -5.94 -14.18 -26.76
N ALA A 751 -5.01 -14.94 -26.17
CA ALA A 751 -3.92 -14.42 -25.34
C ALA A 751 -2.91 -13.60 -26.11
N LEU A 752 -2.27 -12.65 -25.42
CA LEU A 752 -1.25 -11.77 -25.98
C LEU A 752 0.15 -12.40 -25.94
N ARG A 753 0.37 -13.33 -25.02
CA ARG A 753 1.63 -14.02 -24.80
C ARG A 753 1.36 -15.21 -23.85
N PRO A 754 2.25 -16.21 -23.77
CA PRO A 754 2.03 -17.28 -22.78
C PRO A 754 2.31 -16.76 -21.37
N SER A 755 1.52 -17.21 -20.42
CA SER A 755 1.65 -16.83 -19.03
C SER A 755 1.32 -18.03 -18.13
N ALA A 756 1.54 -17.91 -16.81
CA ALA A 756 1.32 -18.95 -15.82
C ALA A 756 0.01 -19.73 -15.99
N SER A 757 -1.09 -19.02 -16.26
CA SER A 757 -2.40 -19.63 -16.40
C SER A 757 -2.58 -20.41 -17.72
N THR A 758 -1.71 -20.18 -18.69
CA THR A 758 -1.75 -20.90 -19.96
C THR A 758 -0.57 -21.92 -20.12
N GLN A 759 0.32 -22.01 -19.13
N GLN A 759 0.34 -21.99 -19.12
CA GLN A 759 1.45 -22.94 -19.20
CA GLN A 759 1.50 -22.86 -19.10
C GLN A 759 1.47 -23.90 -17.99
C GLN A 759 1.51 -23.78 -17.86
N ALA A 760 0.34 -24.09 -17.28
CA ALA A 760 0.27 -24.96 -16.10
C ALA A 760 0.41 -26.42 -16.49
N LEU A 761 0.99 -27.25 -15.59
CA LEU A 761 1.21 -28.68 -15.77
C LEU A 761 -0.09 -29.39 -16.12
N SER A 762 -1.16 -29.05 -15.40
CA SER A 762 -2.52 -29.53 -15.65
C SER A 762 -3.48 -28.36 -15.43
N SER A 763 -4.60 -28.34 -16.16
CA SER A 763 -5.55 -27.25 -16.01
C SER A 763 -7.00 -27.70 -16.03
N SER A 764 -7.87 -26.87 -15.48
CA SER A 764 -9.30 -27.09 -15.44
C SER A 764 -10.03 -25.79 -15.79
N VAL A 765 -11.26 -25.91 -16.24
CA VAL A 765 -12.08 -24.76 -16.58
C VAL A 765 -13.42 -24.88 -15.85
N SER A 766 -14.12 -23.74 -15.66
CA SER A 766 -15.41 -23.76 -14.98
C SER A 766 -16.57 -24.15 -15.90
N SER A 767 -16.36 -24.13 -17.25
CA SER A 767 -17.35 -24.47 -18.28
C SER A 767 -16.67 -24.69 -19.64
N SER A 768 -17.28 -25.53 -20.51
CA SER A 768 -16.76 -25.82 -21.86
C SER A 768 -16.73 -24.59 -22.78
C PHE A 782 -12.45 -4.93 -31.71
N GLY A 783 -11.92 -6.08 -31.32
CA GLY A 783 -10.57 -6.19 -30.80
C GLY A 783 -10.40 -5.76 -29.35
N GLU A 784 -11.51 -5.72 -28.59
CA GLU A 784 -11.51 -5.29 -27.20
C GLU A 784 -10.87 -6.28 -26.24
N GLU A 785 -10.34 -5.76 -25.13
CA GLU A 785 -9.72 -6.59 -24.11
C GLU A 785 -10.78 -7.31 -23.26
N VAL A 786 -10.37 -8.42 -22.65
CA VAL A 786 -11.20 -9.22 -21.74
C VAL A 786 -10.28 -9.78 -20.65
N GLU A 787 -10.74 -9.79 -19.42
CA GLU A 787 -9.94 -10.32 -18.32
C GLU A 787 -10.31 -11.75 -18.04
N VAL A 788 -9.35 -12.67 -18.19
CA VAL A 788 -9.58 -14.07 -17.86
C VAL A 788 -9.02 -14.33 -16.47
N HIS A 789 -9.89 -14.65 -15.49
CA HIS A 789 -9.51 -14.90 -14.10
C HIS A 789 -9.22 -16.37 -13.82
N ASN A 790 -8.15 -16.61 -13.04
CA ASN A 790 -7.69 -17.96 -12.74
C ASN A 790 -7.28 -18.16 -11.31
N LEU A 791 -7.20 -19.43 -10.91
CA LEU A 791 -6.66 -19.84 -9.62
C LEU A 791 -5.47 -20.71 -9.95
N LEU A 792 -4.27 -20.28 -9.59
CA LEU A 792 -3.05 -21.03 -9.85
C LEU A 792 -2.62 -21.73 -8.58
N ILE A 793 -2.10 -22.95 -8.69
CA ILE A 793 -1.56 -23.67 -7.56
C ILE A 793 -0.10 -23.73 -7.88
N ILE A 794 0.73 -22.96 -7.19
CA ILE A 794 2.17 -22.89 -7.45
C ILE A 794 2.94 -23.64 -6.37
N ASP A 795 3.83 -24.59 -6.77
CA ASP A 795 4.63 -25.36 -5.81
C ASP A 795 5.51 -24.45 -4.97
N GLN A 796 5.63 -24.71 -3.65
CA GLN A 796 6.41 -23.82 -2.77
C GLN A 796 7.90 -23.97 -2.84
N HIS A 797 8.40 -25.03 -3.50
CA HIS A 797 9.83 -25.29 -3.57
C HIS A 797 10.38 -25.05 -4.94
N THR A 798 9.65 -25.51 -5.95
CA THR A 798 10.07 -25.38 -7.34
C THR A 798 9.48 -24.14 -8.02
N PHE A 799 8.29 -23.69 -7.56
CA PHE A 799 7.53 -22.57 -8.08
C PHE A 799 6.96 -22.81 -9.45
N GLU A 800 6.80 -24.08 -9.83
CA GLU A 800 6.19 -24.43 -11.10
C GLU A 800 4.69 -24.34 -10.95
N VAL A 801 4.01 -23.95 -12.03
CA VAL A 801 2.56 -23.84 -11.98
C VAL A 801 2.01 -25.26 -12.12
N LEU A 802 1.71 -25.88 -10.97
CA LEU A 802 1.19 -27.24 -10.94
C LEU A 802 -0.20 -27.35 -11.57
N HIS A 803 -1.03 -26.32 -11.35
CA HIS A 803 -2.39 -26.30 -11.87
C HIS A 803 -2.95 -24.87 -12.08
N ALA A 804 -3.85 -24.69 -13.06
CA ALA A 804 -4.55 -23.44 -13.33
C ALA A 804 -6.05 -23.73 -13.54
N HIS A 805 -6.92 -23.13 -12.75
CA HIS A 805 -8.35 -23.28 -12.92
C HIS A 805 -8.86 -21.98 -13.53
N GLN A 806 -9.66 -22.06 -14.59
CA GLN A 806 -10.18 -20.87 -15.24
C GLN A 806 -11.59 -20.62 -14.77
N PHE A 807 -11.88 -19.39 -14.30
CA PHE A 807 -13.23 -19.09 -13.82
C PHE A 807 -14.19 -18.84 -14.99
N LEU A 808 -15.47 -18.69 -14.73
CA LEU A 808 -16.44 -18.56 -15.80
C LEU A 808 -16.26 -17.30 -16.59
N GLN A 809 -16.79 -17.26 -17.80
CA GLN A 809 -16.66 -16.07 -18.61
C GLN A 809 -17.37 -14.95 -17.88
N ASN A 810 -16.69 -13.80 -17.82
CA ASN A 810 -17.12 -12.56 -17.14
C ASN A 810 -17.17 -12.68 -15.62
N GLU A 811 -16.47 -13.65 -15.07
CA GLU A 811 -16.47 -13.86 -13.65
C GLU A 811 -15.17 -13.35 -13.13
N TYR A 812 -15.27 -12.50 -12.13
CA TYR A 812 -14.17 -11.83 -11.49
C TYR A 812 -13.83 -12.50 -10.18
N ALA A 813 -12.62 -13.05 -10.02
CA ALA A 813 -12.20 -13.66 -8.76
C ALA A 813 -11.75 -12.54 -7.79
N LEU A 814 -12.42 -12.38 -6.65
CA LEU A 814 -12.15 -11.27 -5.74
C LEU A 814 -11.38 -11.59 -4.44
N SER A 815 -11.66 -12.75 -3.86
CA SER A 815 -11.09 -13.10 -2.58
C SER A 815 -10.68 -14.55 -2.53
N LEU A 816 -9.76 -14.86 -1.64
CA LEU A 816 -9.22 -16.19 -1.53
C LEU A 816 -8.80 -16.51 -0.09
N VAL A 817 -9.17 -17.69 0.42
CA VAL A 817 -8.69 -18.17 1.71
C VAL A 817 -8.25 -19.63 1.58
N SER A 818 -7.35 -20.08 2.46
CA SER A 818 -6.94 -21.49 2.54
C SER A 818 -7.21 -21.88 4.01
N CYS A 819 -8.17 -22.76 4.24
CA CYS A 819 -8.57 -23.13 5.60
C CYS A 819 -9.28 -24.47 5.70
N LYS A 820 -9.46 -24.96 6.93
CA LYS A 820 -10.22 -26.16 7.29
C LYS A 820 -11.54 -25.61 7.87
N LEU A 821 -12.68 -26.23 7.51
CA LEU A 821 -13.96 -25.77 8.04
C LEU A 821 -14.71 -26.87 8.78
N GLY A 822 -15.46 -26.48 9.79
CA GLY A 822 -16.25 -27.40 10.60
C GLY A 822 -15.48 -28.56 11.18
N LYS A 823 -16.06 -29.77 11.06
CA LYS A 823 -15.42 -30.99 11.58
C LYS A 823 -14.61 -31.75 10.52
N ASP A 824 -14.48 -31.17 9.31
CA ASP A 824 -13.80 -31.72 8.15
C ASP A 824 -12.28 -31.56 8.25
N PRO A 825 -11.53 -32.67 8.06
CA PRO A 825 -10.06 -32.59 8.18
C PRO A 825 -9.34 -31.94 6.99
N ASN A 826 -9.99 -31.92 5.82
CA ASN A 826 -9.39 -31.38 4.60
C ASN A 826 -9.10 -29.89 4.64
N THR A 827 -8.04 -29.44 3.94
CA THR A 827 -7.75 -28.00 3.83
C THR A 827 -8.15 -27.61 2.42
N TYR A 828 -8.99 -26.58 2.30
CA TYR A 828 -9.49 -26.16 1.00
C TYR A 828 -9.02 -24.78 0.59
N PHE A 829 -9.03 -24.52 -0.72
CA PHE A 829 -8.81 -23.19 -1.27
C PHE A 829 -10.21 -22.69 -1.57
N ILE A 830 -10.63 -21.59 -0.95
CA ILE A 830 -11.97 -21.07 -1.17
C ILE A 830 -11.88 -19.74 -1.95
N VAL A 831 -12.71 -19.55 -3.00
CA VAL A 831 -12.68 -18.32 -3.81
C VAL A 831 -14.03 -17.63 -3.84
N GLY A 832 -14.02 -16.32 -3.66
CA GLY A 832 -15.22 -15.50 -3.74
C GLY A 832 -15.17 -14.72 -5.03
N THR A 833 -16.21 -14.83 -5.84
CA THR A 833 -16.24 -14.22 -7.17
C THR A 833 -17.38 -13.19 -7.31
N ALA A 834 -17.51 -12.55 -8.50
CA ALA A 834 -18.58 -11.64 -8.86
C ALA A 834 -18.78 -11.71 -10.36
N MET A 835 -20.03 -11.68 -10.84
CA MET A 835 -20.28 -11.66 -12.28
C MET A 835 -20.24 -10.20 -12.69
N VAL A 836 -19.38 -9.87 -13.65
CA VAL A 836 -19.19 -8.50 -14.08
C VAL A 836 -19.73 -8.27 -15.47
N TYR A 837 -20.78 -7.46 -15.60
CA TYR A 837 -21.32 -7.12 -16.91
C TYR A 837 -21.21 -5.63 -17.09
N PRO A 838 -20.76 -5.17 -18.26
CA PRO A 838 -20.64 -3.71 -18.47
C PRO A 838 -21.97 -2.94 -18.38
N GLU A 839 -23.08 -3.63 -18.57
CA GLU A 839 -24.41 -3.01 -18.49
C GLU A 839 -24.91 -2.89 -17.04
N GLU A 840 -24.39 -3.70 -16.09
CA GLU A 840 -24.84 -3.62 -14.72
C GLU A 840 -23.77 -3.01 -13.83
N ALA A 841 -24.09 -1.89 -13.18
CA ALA A 841 -23.17 -1.18 -12.31
C ALA A 841 -22.95 -1.92 -10.99
N GLU A 842 -24.02 -2.31 -10.31
CA GLU A 842 -23.92 -3.02 -9.04
C GLU A 842 -23.90 -4.52 -9.30
N PRO A 843 -22.95 -5.27 -8.73
CA PRO A 843 -22.93 -6.73 -8.95
C PRO A 843 -24.13 -7.44 -8.32
N LYS A 844 -24.89 -8.18 -9.13
CA LYS A 844 -26.09 -8.91 -8.69
C LYS A 844 -25.91 -10.43 -8.62
N GLN A 845 -24.73 -10.93 -8.95
CA GLN A 845 -24.41 -12.35 -9.01
C GLN A 845 -22.97 -12.55 -8.62
N GLY A 846 -22.67 -13.72 -8.09
CA GLY A 846 -21.35 -14.14 -7.67
C GLY A 846 -21.43 -15.47 -6.95
N ARG A 847 -20.29 -16.11 -6.69
CA ARG A 847 -20.31 -17.39 -5.99
C ARG A 847 -19.07 -17.63 -5.12
N ILE A 848 -19.17 -18.62 -4.22
CA ILE A 848 -18.10 -19.07 -3.35
C ILE A 848 -17.83 -20.48 -3.79
N VAL A 849 -16.62 -20.75 -4.25
CA VAL A 849 -16.26 -22.07 -4.76
C VAL A 849 -15.28 -22.69 -3.79
N VAL A 850 -15.55 -23.89 -3.33
CA VAL A 850 -14.65 -24.60 -2.42
C VAL A 850 -13.87 -25.62 -3.24
N PHE A 851 -12.54 -25.48 -3.28
CA PHE A 851 -11.66 -26.36 -4.04
C PHE A 851 -10.78 -27.18 -3.11
N GLN A 852 -10.34 -28.34 -3.58
CA GLN A 852 -9.40 -29.16 -2.85
C GLN A 852 -8.26 -29.55 -3.77
N TYR A 853 -7.03 -29.36 -3.32
CA TYR A 853 -5.90 -29.79 -4.11
C TYR A 853 -5.43 -31.11 -3.53
N SER A 854 -5.78 -32.18 -4.22
CA SER A 854 -5.46 -33.54 -3.80
C SER A 854 -4.67 -34.16 -4.92
N ASP A 855 -3.62 -34.88 -4.55
CA ASP A 855 -2.72 -35.50 -5.51
C ASP A 855 -2.22 -34.39 -6.40
N GLY A 856 -2.40 -34.52 -7.70
CA GLY A 856 -1.96 -33.51 -8.63
C GLY A 856 -3.03 -32.63 -9.24
N LYS A 857 -4.25 -32.71 -8.75
CA LYS A 857 -5.32 -31.92 -9.35
C LYS A 857 -6.21 -31.15 -8.41
N LEU A 858 -6.85 -30.12 -8.96
CA LEU A 858 -7.75 -29.29 -8.20
C LEU A 858 -9.15 -29.84 -8.46
N GLN A 859 -9.93 -30.11 -7.41
CA GLN A 859 -11.30 -30.58 -7.57
C GLN A 859 -12.24 -29.57 -6.93
N THR A 860 -13.39 -29.32 -7.55
CA THR A 860 -14.41 -28.43 -7.02
C THR A 860 -15.22 -29.30 -6.08
N VAL A 861 -15.15 -29.06 -4.78
CA VAL A 861 -15.85 -29.82 -3.76
C VAL A 861 -17.29 -29.32 -3.57
N ALA A 862 -17.45 -28.01 -3.54
CA ALA A 862 -18.75 -27.39 -3.32
C ALA A 862 -18.79 -26.00 -3.96
N GLU A 863 -19.97 -25.49 -4.18
CA GLU A 863 -20.19 -24.19 -4.79
C GLU A 863 -21.39 -23.55 -4.04
N LYS A 864 -21.42 -22.23 -3.96
CA LYS A 864 -22.48 -21.54 -3.25
C LYS A 864 -22.78 -20.26 -3.97
N GLU A 865 -23.99 -20.14 -4.50
CA GLU A 865 -24.38 -18.93 -5.21
C GLU A 865 -24.83 -17.89 -4.27
N VAL A 866 -24.27 -16.71 -4.44
CA VAL A 866 -24.66 -15.55 -3.66
C VAL A 866 -25.23 -14.52 -4.64
N LYS A 867 -25.98 -13.54 -4.15
CA LYS A 867 -26.60 -12.56 -5.03
C LYS A 867 -25.83 -11.27 -5.02
N GLY A 868 -24.51 -11.37 -5.14
CA GLY A 868 -23.66 -10.20 -5.14
C GLY A 868 -22.18 -10.52 -5.22
N ALA A 869 -21.33 -9.49 -5.08
CA ALA A 869 -19.89 -9.66 -5.13
C ALA A 869 -19.38 -10.11 -3.79
N VAL A 870 -18.48 -11.12 -3.77
CA VAL A 870 -17.88 -11.61 -2.53
C VAL A 870 -16.56 -10.88 -2.37
N TYR A 871 -16.61 -9.64 -1.90
CA TYR A 871 -15.43 -8.79 -1.75
C TYR A 871 -14.39 -9.38 -0.85
N SER A 872 -14.81 -10.00 0.26
CA SER A 872 -13.87 -10.55 1.21
C SER A 872 -14.37 -11.83 1.86
N MET A 873 -13.43 -12.64 2.35
CA MET A 873 -13.66 -13.87 3.07
C MET A 873 -12.62 -14.03 4.15
N VAL A 874 -13.04 -14.51 5.31
CA VAL A 874 -12.17 -14.80 6.43
C VAL A 874 -12.66 -16.10 7.06
N GLU A 875 -11.74 -16.98 7.49
CA GLU A 875 -12.11 -18.17 8.25
C GLU A 875 -12.42 -17.61 9.66
N PHE A 876 -13.57 -17.95 10.20
CA PHE A 876 -14.03 -17.44 11.48
C PHE A 876 -14.49 -18.59 12.39
N ASN A 877 -13.63 -19.01 13.32
CA ASN A 877 -13.90 -20.06 14.32
C ASN A 877 -14.42 -21.37 13.76
N GLY A 878 -13.85 -21.79 12.63
CA GLY A 878 -14.23 -23.02 11.96
C GLY A 878 -15.42 -22.87 11.02
N LYS A 879 -15.80 -21.62 10.70
CA LYS A 879 -16.90 -21.28 9.81
C LYS A 879 -16.36 -20.30 8.75
N LEU A 880 -17.11 -20.06 7.66
CA LEU A 880 -16.67 -19.12 6.63
C LEU A 880 -17.43 -17.80 6.75
N LEU A 881 -16.71 -16.73 7.08
CA LEU A 881 -17.30 -15.41 7.18
C LEU A 881 -17.01 -14.72 5.87
N ALA A 882 -18.05 -14.27 5.17
CA ALA A 882 -17.89 -13.61 3.88
C ALA A 882 -18.65 -12.31 3.86
N SER A 883 -18.17 -11.33 3.10
CA SER A 883 -18.89 -10.09 2.97
C SER A 883 -19.38 -10.05 1.54
N ILE A 884 -20.68 -9.98 1.36
CA ILE A 884 -21.27 -9.95 0.03
C ILE A 884 -22.06 -8.67 -0.09
N ASN A 885 -21.64 -7.83 -1.03
CA ASN A 885 -22.27 -6.53 -1.22
C ASN A 885 -22.25 -5.77 0.10
N SER A 886 -23.41 -5.40 0.61
CA SER A 886 -23.52 -4.67 1.86
C SER A 886 -23.80 -5.55 3.07
N THR A 887 -23.68 -6.86 2.94
CA THR A 887 -23.97 -7.72 4.07
C THR A 887 -22.80 -8.59 4.46
N VAL A 888 -22.84 -9.05 5.69
CA VAL A 888 -21.84 -9.94 6.21
C VAL A 888 -22.59 -11.22 6.48
N ARG A 889 -22.17 -12.30 5.85
CA ARG A 889 -22.80 -13.59 6.00
C ARG A 889 -21.81 -14.56 6.67
N LEU A 890 -22.32 -15.42 7.55
CA LEU A 890 -21.51 -16.45 8.19
C LEU A 890 -22.09 -17.78 7.75
N TYR A 891 -21.25 -18.67 7.22
CA TYR A 891 -21.60 -19.98 6.70
C TYR A 891 -21.03 -21.07 7.55
N GLU A 892 -21.75 -22.16 7.68
CA GLU A 892 -21.24 -23.34 8.38
C GLU A 892 -20.95 -24.42 7.35
N TRP A 893 -19.85 -25.16 7.51
CA TRP A 893 -19.50 -26.24 6.59
C TRP A 893 -20.10 -27.49 7.21
N THR A 894 -21.04 -28.14 6.50
CA THR A 894 -21.78 -29.32 6.99
C THR A 894 -21.15 -30.65 6.58
N THR A 895 -21.58 -31.79 7.19
CA THR A 895 -21.07 -33.12 6.83
C THR A 895 -21.44 -33.51 5.40
N GLU A 896 -22.52 -32.93 4.84
CA GLU A 896 -22.86 -33.19 3.45
C GLU A 896 -21.93 -32.40 2.49
N LYS A 897 -20.88 -31.71 3.02
CA LYS A 897 -19.88 -30.87 2.35
C LYS A 897 -20.52 -29.75 1.53
N GLU A 898 -21.28 -28.93 2.22
CA GLU A 898 -21.97 -27.78 1.68
C GLU A 898 -21.82 -26.61 2.67
N LEU A 899 -21.89 -25.36 2.16
CA LEU A 899 -21.83 -24.15 2.96
C LEU A 899 -23.26 -23.78 3.24
N ARG A 900 -23.68 -23.81 4.51
CA ARG A 900 -25.05 -23.50 4.90
C ARG A 900 -25.12 -22.18 5.70
N THR A 901 -25.92 -21.20 5.26
CA THR A 901 -26.00 -19.88 5.91
C THR A 901 -26.52 -19.89 7.35
N GLU A 902 -25.71 -19.40 8.28
CA GLU A 902 -26.11 -19.30 9.67
C GLU A 902 -26.77 -17.95 9.97
N CYS A 903 -26.09 -16.84 9.69
CA CYS A 903 -26.64 -15.52 9.96
C CYS A 903 -26.19 -14.46 8.95
N ASN A 904 -26.81 -13.28 9.02
CA ASN A 904 -26.54 -12.15 8.15
C ASN A 904 -26.43 -10.88 8.95
N HIS A 905 -25.70 -9.90 8.41
CA HIS A 905 -25.67 -8.58 9.00
C HIS A 905 -25.76 -7.58 7.91
N TYR A 906 -26.87 -6.87 7.84
CA TYR A 906 -27.08 -5.85 6.83
C TYR A 906 -26.46 -4.57 7.31
N ASN A 907 -25.48 -4.09 6.56
CA ASN A 907 -24.81 -2.85 6.92
C ASN A 907 -25.29 -1.72 6.02
N ASN A 908 -25.24 -0.51 6.51
CA ASN A 908 -25.56 0.66 5.68
C ASN A 908 -24.34 1.05 4.78
N ILE A 909 -23.28 0.20 4.73
CA ILE A 909 -22.07 0.39 3.95
C ILE A 909 -21.74 -0.93 3.22
N MET A 910 -20.91 -0.83 2.18
N MET A 910 -20.90 -0.83 2.18
CA MET A 910 -20.47 -1.98 1.43
CA MET A 910 -20.47 -1.98 1.43
C MET A 910 -19.36 -2.64 2.24
C MET A 910 -19.36 -2.64 2.24
N ALA A 911 -19.52 -3.91 2.58
CA ALA A 911 -18.52 -4.62 3.39
C ALA A 911 -17.27 -5.01 2.57
N LEU A 912 -16.43 -4.03 2.18
CA LEU A 912 -15.22 -4.26 1.38
C LEU A 912 -14.14 -5.00 2.16
N TYR A 913 -13.80 -4.48 3.37
CA TYR A 913 -12.74 -5.02 4.21
C TYR A 913 -13.32 -5.83 5.34
N LEU A 914 -12.64 -6.92 5.68
CA LEU A 914 -13.06 -7.85 6.71
C LEU A 914 -11.85 -8.37 7.42
N LYS A 915 -11.75 -8.14 8.72
CA LYS A 915 -10.67 -8.65 9.55
C LYS A 915 -11.33 -9.18 10.84
N THR A 916 -10.79 -10.25 11.45
CA THR A 916 -11.38 -10.78 12.68
C THR A 916 -10.33 -11.13 13.71
N LYS A 917 -10.69 -10.99 15.00
CA LYS A 917 -9.90 -11.39 16.14
C LYS A 917 -10.91 -11.93 17.14
N GLY A 918 -10.79 -13.21 17.50
CA GLY A 918 -11.74 -13.83 18.41
C GLY A 918 -13.13 -13.87 17.80
N ASP A 919 -14.13 -13.40 18.53
CA ASP A 919 -15.50 -13.30 18.01
C ASP A 919 -15.82 -11.91 17.47
N PHE A 920 -14.80 -11.06 17.28
CA PHE A 920 -14.99 -9.70 16.78
C PHE A 920 -14.73 -9.63 15.30
N ILE A 921 -15.43 -8.73 14.64
CA ILE A 921 -15.29 -8.53 13.21
C ILE A 921 -15.11 -7.03 12.92
N LEU A 922 -14.10 -6.66 12.14
CA LEU A 922 -13.85 -5.29 11.71
C LEU A 922 -14.27 -5.24 10.25
N VAL A 923 -15.30 -4.44 9.94
CA VAL A 923 -15.85 -4.26 8.60
C VAL A 923 -15.54 -2.83 8.15
N GLY A 924 -15.05 -2.65 6.94
CA GLY A 924 -14.73 -1.33 6.41
C GLY A 924 -15.12 -1.15 4.96
N ASP A 925 -15.37 0.10 4.55
CA ASP A 925 -15.69 0.38 3.16
C ASP A 925 -14.60 1.27 2.50
N LEU A 926 -14.70 1.55 1.19
CA LEU A 926 -13.74 2.39 0.49
C LEU A 926 -13.70 3.83 1.03
N MET A 927 -14.72 4.28 1.77
CA MET A 927 -14.78 5.65 2.26
C MET A 927 -14.47 5.82 3.73
N ARG A 928 -13.74 4.88 4.31
CA ARG A 928 -13.27 4.92 5.69
C ARG A 928 -14.36 4.78 6.73
N SER A 929 -15.41 4.06 6.40
CA SER A 929 -16.48 3.79 7.34
C SER A 929 -16.06 2.53 8.06
N VAL A 930 -15.88 2.62 9.37
CA VAL A 930 -15.46 1.49 10.17
C VAL A 930 -16.65 0.99 10.99
N LEU A 931 -16.85 -0.33 11.01
CA LEU A 931 -17.95 -0.99 11.68
C LEU A 931 -17.38 -2.12 12.48
N LEU A 932 -17.73 -2.22 13.76
CA LEU A 932 -17.23 -3.29 14.59
C LEU A 932 -18.41 -4.18 14.95
N LEU A 933 -18.34 -5.45 14.62
CA LEU A 933 -19.40 -6.41 14.93
C LEU A 933 -18.90 -7.49 15.89
N ALA A 934 -19.83 -8.23 16.50
CA ALA A 934 -19.50 -9.31 17.40
C ALA A 934 -20.45 -10.46 17.17
N TYR A 935 -19.90 -11.66 16.94
CA TYR A 935 -20.73 -12.83 16.76
C TYR A 935 -21.16 -13.24 18.14
N LYS A 936 -22.48 -13.41 18.34
CA LYS A 936 -23.03 -13.82 19.62
C LYS A 936 -23.38 -15.31 19.52
N PRO A 937 -22.48 -16.20 20.00
CA PRO A 937 -22.71 -17.64 19.83
C PRO A 937 -24.02 -18.18 20.39
N MET A 938 -24.52 -17.61 21.48
CA MET A 938 -25.78 -18.05 22.05
C MET A 938 -26.99 -17.51 21.30
N GLU A 939 -26.83 -16.43 20.54
CA GLU A 939 -27.92 -15.83 19.76
C GLU A 939 -27.91 -16.27 18.27
N GLY A 940 -26.78 -16.75 17.79
CA GLY A 940 -26.65 -17.19 16.41
C GLY A 940 -26.60 -16.08 15.39
N ASN A 941 -26.39 -14.84 15.82
CA ASN A 941 -26.31 -13.68 14.92
C ASN A 941 -25.22 -12.66 15.35
N PHE A 942 -25.08 -11.55 14.61
CA PHE A 942 -24.12 -10.51 14.92
C PHE A 942 -24.78 -9.36 15.66
N GLU A 943 -23.99 -8.67 16.47
CA GLU A 943 -24.42 -7.50 17.21
C GLU A 943 -23.42 -6.40 16.84
N GLU A 944 -23.90 -5.20 16.48
CA GLU A 944 -23.00 -4.10 16.16
C GLU A 944 -22.46 -3.51 17.47
N ILE A 945 -21.14 -3.54 17.67
CA ILE A 945 -20.51 -3.03 18.87
C ILE A 945 -20.26 -1.52 18.80
N ALA A 946 -19.64 -1.05 17.71
CA ALA A 946 -19.25 0.35 17.56
C ALA A 946 -19.10 0.71 16.07
N ARG A 947 -19.00 2.02 15.75
CA ARG A 947 -18.81 2.49 14.38
C ARG A 947 -18.18 3.88 14.33
N ASP A 948 -17.65 4.25 13.15
CA ASP A 948 -17.05 5.55 12.91
C ASP A 948 -17.11 5.88 11.42
N PHE A 949 -17.83 6.96 11.07
CA PHE A 949 -17.92 7.42 9.69
C PHE A 949 -17.05 8.65 9.57
N ASN A 950 -16.12 8.65 8.63
CA ASN A 950 -15.24 9.79 8.40
C ASN A 950 -14.84 9.71 6.94
N PRO A 951 -15.66 10.26 6.05
CA PRO A 951 -15.40 10.08 4.62
C PRO A 951 -14.01 10.47 4.14
N ASN A 952 -13.31 9.45 3.65
CA ASN A 952 -11.97 9.52 3.09
C ASN A 952 -11.70 8.17 2.41
N TRP A 953 -10.94 8.15 1.31
CA TRP A 953 -10.58 6.90 0.66
C TRP A 953 -9.73 6.04 1.58
N MET A 954 -10.15 4.79 1.81
CA MET A 954 -9.42 3.85 2.65
C MET A 954 -8.93 2.69 1.77
N SER A 955 -7.67 2.29 1.92
CA SER A 955 -7.09 1.26 1.06
C SER A 955 -6.88 -0.08 1.74
N ALA A 956 -6.91 -0.12 3.08
CA ALA A 956 -6.68 -1.32 3.88
C ALA A 956 -7.01 -1.07 5.35
N VAL A 957 -7.35 -2.13 6.09
CA VAL A 957 -7.56 -2.11 7.54
C VAL A 957 -6.94 -3.36 8.20
N GLU A 958 -6.73 -3.31 9.51
CA GLU A 958 -6.16 -4.39 10.29
C GLU A 958 -6.55 -4.19 11.75
N ILE A 959 -6.76 -5.29 12.49
CA ILE A 959 -7.04 -5.25 13.91
C ILE A 959 -5.70 -5.40 14.62
N LEU A 960 -5.34 -4.45 15.48
CA LEU A 960 -4.07 -4.51 16.20
C LEU A 960 -4.25 -5.37 17.47
N ASP A 961 -5.25 -5.01 18.27
CA ASP A 961 -5.65 -5.76 19.46
C ASP A 961 -7.18 -5.65 19.57
N ASP A 962 -7.78 -6.25 20.61
CA ASP A 962 -9.24 -6.21 20.79
C ASP A 962 -9.87 -4.78 20.78
N ASP A 963 -9.07 -3.75 21.11
CA ASP A 963 -9.56 -2.39 21.22
C ASP A 963 -9.10 -1.41 20.13
N ASN A 964 -8.06 -1.74 19.36
CA ASN A 964 -7.47 -0.82 18.38
C ASN A 964 -7.39 -1.35 16.97
N PHE A 965 -7.68 -0.46 15.99
CA PHE A 965 -7.75 -0.79 14.57
C PHE A 965 -6.91 0.19 13.73
N LEU A 966 -6.03 -0.35 12.90
CA LEU A 966 -5.13 0.38 12.02
C LEU A 966 -5.70 0.39 10.60
N GLY A 967 -5.52 1.50 9.92
CA GLY A 967 -5.99 1.64 8.55
C GLY A 967 -5.13 2.58 7.74
N ALA A 968 -5.20 2.48 6.42
CA ALA A 968 -4.47 3.35 5.53
C ALA A 968 -5.50 4.20 4.76
N GLU A 969 -5.41 5.52 4.87
CA GLU A 969 -6.37 6.42 4.23
C GLU A 969 -5.69 7.55 3.47
N ASN A 970 -6.41 8.15 2.51
CA ASN A 970 -5.92 9.25 1.67
C ASN A 970 -5.43 10.45 2.52
N ALA A 971 -4.30 11.07 2.16
CA ALA A 971 -3.42 10.71 1.06
C ALA A 971 -2.13 10.17 1.70
N PHE A 972 -1.87 8.85 1.52
CA PHE A 972 -0.69 8.12 2.00
C PHE A 972 -0.54 8.20 3.51
N ASN A 973 -1.66 8.16 4.23
CA ASN A 973 -1.67 8.25 5.69
C ASN A 973 -2.04 6.93 6.36
N LEU A 974 -1.67 6.81 7.64
CA LEU A 974 -2.04 5.72 8.53
C LEU A 974 -2.86 6.35 9.64
N PHE A 975 -3.75 5.57 10.22
CA PHE A 975 -4.60 6.05 11.32
C PHE A 975 -4.93 4.88 12.24
N VAL A 976 -5.13 5.19 13.51
CA VAL A 976 -5.52 4.18 14.48
C VAL A 976 -6.77 4.67 15.20
N CYS A 977 -7.79 3.81 15.29
N CYS A 977 -7.81 3.85 15.28
CA CYS A 977 -9.04 4.08 15.98
CA CYS A 977 -9.01 4.19 16.04
C CYS A 977 -9.17 3.13 17.15
C CYS A 977 -9.23 3.16 17.12
N GLN A 978 -9.70 3.61 18.28
CA GLN A 978 -9.84 2.79 19.47
C GLN A 978 -11.25 2.79 20.03
N LYS A 979 -11.77 1.67 20.52
CA LYS A 979 -13.09 1.73 21.14
C LYS A 979 -12.91 2.36 22.52
N ASP A 980 -13.79 3.29 22.87
CA ASP A 980 -13.65 4.09 24.08
C ASP A 980 -13.54 3.43 25.45
N SER A 981 -12.50 3.85 26.15
CA SER A 981 -12.15 3.46 27.51
C SER A 981 -13.10 4.02 28.57
N ALA A 982 -13.52 5.26 28.37
CA ALA A 982 -14.37 5.93 29.36
C ALA A 982 -15.70 5.25 29.59
N ALA A 983 -16.37 4.83 28.52
CA ALA A 983 -17.66 4.14 28.63
C ALA A 983 -18.69 4.90 29.47
N THR A 984 -18.79 6.21 29.25
CA THR A 984 -19.71 7.06 29.99
C THR A 984 -21.18 6.70 29.75
N THR A 985 -21.51 6.46 28.49
CA THR A 985 -22.88 6.11 28.10
C THR A 985 -22.90 5.17 26.88
N ASP A 986 -24.08 4.64 26.49
CA ASP A 986 -24.21 3.76 25.33
C ASP A 986 -23.72 4.43 24.06
N GLU A 987 -24.00 5.74 23.88
CA GLU A 987 -23.54 6.49 22.72
C GLU A 987 -22.00 6.60 22.66
N GLU A 988 -21.34 6.71 23.82
CA GLU A 988 -19.88 6.77 23.92
C GLU A 988 -19.24 5.38 23.65
N ARG A 989 -19.95 4.31 24.05
CA ARG A 989 -19.50 2.93 23.87
C ARG A 989 -19.51 2.50 22.38
N GLN A 990 -20.42 3.06 21.58
CA GLN A 990 -20.51 2.74 20.15
C GLN A 990 -19.75 3.71 19.25
N HIS A 991 -18.91 4.58 19.82
CA HIS A 991 -18.15 5.53 19.02
C HIS A 991 -16.63 5.29 19.16
N LEU A 992 -15.97 5.11 18.02
CA LEU A 992 -14.54 4.87 18.00
C LEU A 992 -13.79 6.19 18.01
N GLN A 993 -12.77 6.31 18.87
CA GLN A 993 -11.98 7.52 19.03
C GLN A 993 -10.73 7.46 18.18
N GLU A 994 -10.42 8.54 17.45
CA GLU A 994 -9.21 8.57 16.62
C GLU A 994 -8.01 8.82 17.52
N VAL A 995 -7.17 7.81 17.74
CA VAL A 995 -6.03 7.96 18.64
C VAL A 995 -4.68 8.06 17.95
N GLY A 996 -4.62 7.89 16.63
CA GLY A 996 -3.36 7.94 15.91
C GLY A 996 -3.53 8.37 14.47
N LEU A 997 -2.60 9.15 13.97
CA LEU A 997 -2.57 9.73 12.62
C LEU A 997 -1.10 9.87 12.22
N PHE A 998 -0.77 9.67 10.95
CA PHE A 998 0.62 9.76 10.51
C PHE A 998 0.69 9.80 8.99
N HIS A 999 1.53 10.68 8.40
CA HIS A 999 1.68 10.68 6.95
C HIS A 999 2.82 9.72 6.65
N LEU A 1000 2.45 8.52 6.18
CA LEU A 1000 3.42 7.47 5.87
C LEU A 1000 4.20 7.79 4.60
N GLY A 1001 3.53 8.35 3.61
CA GLY A 1001 4.18 8.68 2.34
C GLY A 1001 4.07 7.58 1.30
N GLU A 1002 3.47 6.46 1.66
CA GLU A 1002 3.27 5.28 0.82
C GLU A 1002 1.76 4.89 0.75
N PHE A 1003 1.37 4.11 -0.26
CA PHE A 1003 -0.02 3.68 -0.40
C PHE A 1003 -0.09 2.21 -0.03
N VAL A 1004 -0.72 1.91 1.12
CA VAL A 1004 -0.81 0.55 1.60
C VAL A 1004 -1.92 -0.25 0.94
N ASN A 1005 -1.56 -1.37 0.29
CA ASN A 1005 -2.52 -2.26 -0.34
C ASN A 1005 -2.89 -3.40 0.60
N VAL A 1006 -1.97 -3.85 1.45
CA VAL A 1006 -2.21 -5.01 2.30
C VAL A 1006 -1.56 -4.86 3.66
N PHE A 1007 -2.25 -5.35 4.69
CA PHE A 1007 -1.72 -5.46 6.04
C PHE A 1007 -1.77 -6.94 6.40
N CYS A 1008 -0.79 -7.44 7.15
CA CYS A 1008 -0.84 -8.81 7.65
C CYS A 1008 0.05 -9.01 8.87
N HIS A 1009 -0.41 -9.83 9.81
CA HIS A 1009 0.36 -10.12 11.00
C HIS A 1009 1.44 -11.09 10.60
N GLY A 1010 2.67 -10.85 11.05
CA GLY A 1010 3.76 -11.75 10.71
C GLY A 1010 5.09 -11.39 11.31
N SER A 1011 5.94 -12.41 11.59
CA SER A 1011 7.28 -12.18 12.16
C SER A 1011 8.36 -12.02 11.09
N LEU A 1012 9.12 -10.91 11.20
CA LEU A 1012 10.25 -10.56 10.33
C LEU A 1012 11.48 -11.26 10.94
N VAL A 1013 12.00 -10.71 12.07
CA VAL A 1013 13.15 -11.20 12.82
C VAL A 1013 12.67 -11.65 14.22
N MET A 1014 13.12 -12.83 14.71
CA MET A 1014 12.75 -13.47 15.99
C MET A 1014 12.65 -12.55 17.21
CA PRO A 1023 10.74 -3.77 24.04
C PRO A 1023 9.55 -3.19 23.29
N THR A 1024 8.97 -4.00 22.39
CA THR A 1024 7.79 -3.68 21.56
C THR A 1024 6.88 -4.94 21.48
N GLN A 1025 5.58 -4.76 21.25
CA GLN A 1025 4.67 -5.91 21.16
C GLN A 1025 3.85 -5.93 19.86
N GLY A 1026 3.75 -7.10 19.26
CA GLY A 1026 2.95 -7.25 18.06
C GLY A 1026 3.74 -6.93 16.84
N SER A 1027 3.35 -7.50 15.72
CA SER A 1027 4.02 -7.22 14.47
C SER A 1027 3.02 -7.19 13.33
N VAL A 1028 2.91 -6.05 12.66
CA VAL A 1028 2.03 -5.96 11.52
C VAL A 1028 2.85 -5.44 10.36
N LEU A 1029 2.87 -6.21 9.29
CA LEU A 1029 3.61 -5.85 8.09
C LEU A 1029 2.67 -5.20 7.09
N PHE A 1030 3.21 -4.33 6.22
CA PHE A 1030 2.36 -3.74 5.16
C PHE A 1030 3.08 -3.66 3.81
N GLY A 1031 2.34 -3.96 2.74
CA GLY A 1031 2.82 -3.91 1.37
C GLY A 1031 2.27 -2.67 0.68
N THR A 1032 3.08 -2.04 -0.17
CA THR A 1032 2.70 -0.78 -0.79
C THR A 1032 2.82 -0.81 -2.33
N VAL A 1033 2.21 0.19 -3.00
CA VAL A 1033 2.29 0.40 -4.44
C VAL A 1033 3.75 0.61 -4.88
N ASN A 1034 4.57 1.33 -4.07
CA ASN A 1034 5.96 1.57 -4.48
C ASN A 1034 6.92 0.42 -4.17
N GLY A 1035 6.44 -0.69 -3.65
CA GLY A 1035 7.28 -1.84 -3.35
C GLY A 1035 7.93 -1.79 -1.98
N MET A 1036 7.65 -0.74 -1.23
CA MET A 1036 8.15 -0.57 0.12
C MET A 1036 7.38 -1.52 1.05
N ILE A 1037 8.05 -2.09 2.04
CA ILE A 1037 7.45 -2.99 3.02
C ILE A 1037 7.77 -2.36 4.36
N GLY A 1038 6.77 -2.18 5.18
CA GLY A 1038 6.98 -1.59 6.49
C GLY A 1038 6.43 -2.43 7.62
N LEU A 1039 6.70 -2.00 8.84
CA LEU A 1039 6.27 -2.71 10.02
C LEU A 1039 5.68 -1.76 11.05
N VAL A 1040 4.56 -2.16 11.63
CA VAL A 1040 3.89 -1.42 12.68
C VAL A 1040 3.87 -2.29 13.94
N THR A 1041 4.46 -1.78 15.02
CA THR A 1041 4.50 -2.51 16.28
C THR A 1041 4.03 -1.60 17.42
N SER A 1042 3.55 -2.17 18.54
CA SER A 1042 3.03 -1.36 19.62
C SER A 1042 4.03 -1.03 20.72
N LEU A 1043 3.84 0.13 21.32
CA LEU A 1043 4.69 0.65 22.37
C LEU A 1043 3.88 0.89 23.65
N SER A 1044 4.57 0.88 24.78
CA SER A 1044 3.93 1.27 26.03
C SER A 1044 3.94 2.83 26.06
N GLU A 1045 3.11 3.44 26.92
CA GLU A 1045 3.05 4.90 26.99
C GLU A 1045 4.41 5.49 27.44
N SER A 1046 5.17 4.75 28.27
CA SER A 1046 6.50 5.17 28.71
C SER A 1046 7.45 5.19 27.50
N TRP A 1047 7.43 4.14 26.66
CA TRP A 1047 8.29 4.09 25.49
C TRP A 1047 7.95 5.14 24.45
N TYR A 1048 6.65 5.31 24.20
CA TYR A 1048 6.17 6.31 23.25
C TYR A 1048 6.61 7.72 23.69
N ASN A 1049 6.43 8.07 24.97
CA ASN A 1049 6.81 9.38 25.48
C ASN A 1049 8.32 9.64 25.41
N LEU A 1050 9.16 8.61 25.65
CA LEU A 1050 10.61 8.77 25.55
C LEU A 1050 11.01 9.04 24.07
N LEU A 1051 10.50 8.21 23.14
CA LEU A 1051 10.80 8.30 21.71
C LEU A 1051 10.23 9.53 21.06
N LEU A 1052 9.13 10.06 21.59
CA LEU A 1052 8.53 11.29 21.06
C LEU A 1052 9.46 12.46 21.38
N ASP A 1053 10.00 12.50 22.64
CA ASP A 1053 10.96 13.52 23.07
C ASP A 1053 12.20 13.39 22.21
N MET A 1054 12.70 12.16 22.05
CA MET A 1054 13.86 11.84 21.25
C MET A 1054 13.72 12.34 19.82
N GLN A 1055 12.54 12.17 19.20
CA GLN A 1055 12.30 12.65 17.84
C GLN A 1055 12.43 14.16 17.78
N ASN A 1056 11.81 14.90 18.72
CA ASN A 1056 11.88 16.35 18.74
C ASN A 1056 13.30 16.88 18.93
N ARG A 1057 14.15 16.10 19.63
CA ARG A 1057 15.54 16.46 19.83
C ARG A 1057 16.39 16.05 18.61
N LEU A 1058 16.06 14.92 17.95
CA LEU A 1058 16.73 14.48 16.72
C LEU A 1058 16.41 15.43 15.57
N ASN A 1059 15.18 15.98 15.53
CA ASN A 1059 14.77 16.95 14.51
C ASN A 1059 15.58 18.25 14.55
N LYS A 1060 16.25 18.53 15.66
CA LYS A 1060 17.12 19.72 15.75
C LYS A 1060 18.58 19.43 15.36
N VAL A 1061 18.96 18.15 15.26
CA VAL A 1061 20.29 17.65 14.96
C VAL A 1061 20.42 17.15 13.51
N ILE A 1062 19.48 16.31 13.05
CA ILE A 1062 19.49 15.74 11.70
C ILE A 1062 19.31 16.82 10.64
N LYS A 1063 20.23 16.89 9.66
CA LYS A 1063 20.12 17.84 8.54
C LYS A 1063 19.11 17.28 7.53
N SER A 1064 18.14 18.12 7.12
CA SER A 1064 17.08 17.71 6.21
C SER A 1064 17.35 18.24 4.79
N VAL A 1065 17.38 17.34 3.79
CA VAL A 1065 17.61 17.70 2.40
C VAL A 1065 16.43 18.56 1.94
N GLY A 1066 16.72 19.79 1.56
CA GLY A 1066 15.69 20.74 1.15
C GLY A 1066 15.09 21.53 2.29
N LYS A 1067 15.62 21.33 3.53
CA LYS A 1067 15.22 21.99 4.77
C LYS A 1067 13.72 21.85 5.06
N ILE A 1068 13.18 20.63 4.94
CA ILE A 1068 11.78 20.34 5.21
C ILE A 1068 11.65 19.88 6.65
N GLU A 1069 10.74 20.47 7.43
CA GLU A 1069 10.55 20.04 8.80
C GLU A 1069 9.95 18.62 8.81
N HIS A 1070 10.52 17.72 9.65
CA HIS A 1070 10.00 16.36 9.80
C HIS A 1070 8.55 16.38 10.24
N SER A 1071 8.18 17.32 11.12
N SER A 1071 8.18 17.33 11.12
CA SER A 1071 6.81 17.43 11.62
CA SER A 1071 6.83 17.50 11.65
C SER A 1071 5.83 17.79 10.53
C SER A 1071 5.83 17.81 10.54
N PHE A 1072 6.26 18.59 9.54
CA PHE A 1072 5.41 18.96 8.43
C PHE A 1072 5.24 17.71 7.55
N TRP A 1073 6.35 17.01 7.25
CA TRP A 1073 6.35 15.79 6.47
C TRP A 1073 5.43 14.73 7.08
N ARG A 1074 5.55 14.45 8.37
CA ARG A 1074 4.71 13.42 8.99
C ARG A 1074 3.29 13.86 9.34
N SER A 1075 2.93 15.14 9.20
CA SER A 1075 1.57 15.59 9.52
C SER A 1075 0.56 14.92 8.62
N PHE A 1076 -0.55 14.39 9.20
CA PHE A 1076 -1.65 13.76 8.45
C PHE A 1076 -2.13 14.76 7.37
N HIS A 1077 -2.15 14.31 6.13
CA HIS A 1077 -2.47 15.19 5.04
C HIS A 1077 -3.40 14.74 3.93
N THR A 1078 -4.29 15.65 3.59
CA THR A 1078 -5.23 15.59 2.46
C THR A 1078 -5.10 16.96 1.74
N GLU A 1079 -5.65 17.11 0.53
CA GLU A 1079 -5.57 18.39 -0.19
C GLU A 1079 -6.26 19.51 0.62
N ARG A 1080 -7.39 19.17 1.27
CA ARG A 1080 -8.17 20.11 2.08
C ARG A 1080 -7.68 20.30 3.55
N LYS A 1081 -7.13 19.25 4.21
CA LYS A 1081 -6.75 19.37 5.62
C LYS A 1081 -5.32 18.88 5.98
N THR A 1082 -4.78 19.42 7.10
CA THR A 1082 -3.46 19.11 7.66
C THR A 1082 -3.46 19.23 9.20
N GLU A 1083 -3.29 18.08 9.88
CA GLU A 1083 -3.25 17.96 11.34
C GLU A 1083 -1.91 17.31 11.70
N PRO A 1084 -1.32 17.62 12.86
CA PRO A 1084 -0.05 16.97 13.22
C PRO A 1084 -0.21 15.49 13.52
N ALA A 1085 0.85 14.71 13.24
CA ALA A 1085 0.86 13.28 13.53
C ALA A 1085 0.74 13.05 15.02
N THR A 1086 0.14 11.94 15.39
CA THR A 1086 -0.07 11.58 16.79
C THR A 1086 -0.15 10.06 16.90
N GLY A 1087 0.20 9.54 18.06
CA GLY A 1087 0.16 8.12 18.32
C GLY A 1087 1.16 7.28 17.56
N PHE A 1088 1.95 7.88 16.67
CA PHE A 1088 2.95 7.16 15.88
C PHE A 1088 4.39 7.70 16.04
N ILE A 1089 5.34 6.77 16.25
CA ILE A 1089 6.76 7.04 16.34
C ILE A 1089 7.39 6.57 15.04
N ASP A 1090 8.13 7.46 14.36
CA ASP A 1090 8.85 7.24 13.11
C ASP A 1090 10.20 6.55 13.39
N GLY A 1091 10.22 5.23 13.25
CA GLY A 1091 11.40 4.41 13.47
C GLY A 1091 12.58 4.74 12.58
N ASP A 1092 12.30 5.27 11.38
CA ASP A 1092 13.34 5.67 10.44
C ASP A 1092 14.15 6.85 10.95
N LEU A 1093 13.48 7.75 11.70
CA LEU A 1093 14.12 8.89 12.31
C LEU A 1093 14.84 8.44 13.57
N ILE A 1094 14.17 7.65 14.43
CA ILE A 1094 14.77 7.13 15.66
C ILE A 1094 16.10 6.40 15.40
N GLU A 1095 16.13 5.50 14.41
CA GLU A 1095 17.32 4.74 14.04
C GLU A 1095 18.46 5.60 13.49
N SER A 1096 18.17 6.81 13.00
CA SER A 1096 19.21 7.71 12.53
C SER A 1096 20.09 8.26 13.69
N PHE A 1097 19.65 8.07 14.95
CA PHE A 1097 20.40 8.42 16.14
C PHE A 1097 21.74 7.70 16.15
N LEU A 1098 21.79 6.45 15.63
CA LEU A 1098 23.04 5.70 15.61
C LEU A 1098 24.09 6.31 14.69
N ASP A 1099 23.66 7.05 13.67
CA ASP A 1099 24.56 7.64 12.70
C ASP A 1099 25.04 9.05 13.06
N ILE A 1100 24.52 9.67 14.12
CA ILE A 1100 24.96 11.02 14.49
C ILE A 1100 26.24 10.97 15.35
N SER A 1101 26.95 12.10 15.43
CA SER A 1101 28.20 12.16 16.18
C SER A 1101 28.01 11.99 17.68
N ARG A 1102 29.03 11.52 18.38
CA ARG A 1102 29.00 11.31 19.83
C ARG A 1102 28.54 12.57 20.61
N PRO A 1103 29.07 13.79 20.32
CA PRO A 1103 28.58 14.98 21.04
C PRO A 1103 27.11 15.27 20.77
N LYS A 1104 26.68 15.06 19.53
CA LYS A 1104 25.29 15.26 19.11
C LYS A 1104 24.34 14.23 19.77
N MET A 1105 24.83 13.02 20.07
CA MET A 1105 24.06 12.00 20.76
C MET A 1105 23.75 12.47 22.16
N GLN A 1106 24.72 13.10 22.85
CA GLN A 1106 24.48 13.60 24.19
C GLN A 1106 23.57 14.85 24.20
N GLU A 1107 23.54 15.62 23.10
CA GLU A 1107 22.60 16.75 23.00
C GLU A 1107 21.18 16.17 22.92
N VAL A 1108 20.98 15.15 22.08
CA VAL A 1108 19.70 14.47 21.96
C VAL A 1108 19.22 13.92 23.31
N VAL A 1109 20.08 13.18 24.03
CA VAL A 1109 19.67 12.55 25.28
C VAL A 1109 19.84 13.43 26.52
N ALA A 1110 20.24 14.70 26.37
CA ALA A 1110 20.52 15.58 27.51
C ALA A 1110 19.44 15.59 28.60
N ASN A 1111 18.18 15.97 28.31
CA ASN A 1111 17.15 15.98 29.36
C ASN A 1111 16.14 14.83 29.22
N LEU A 1112 16.56 13.72 28.61
CA LEU A 1112 15.68 12.57 28.45
C LEU A 1112 15.59 11.77 29.76
N GLN A 1113 14.40 11.24 30.07
CA GLN A 1113 14.19 10.48 31.28
C GLN A 1113 14.13 8.99 30.98
N TYR A 1114 15.22 8.28 31.20
CA TYR A 1114 15.29 6.85 30.94
C TYR A 1114 14.59 6.06 32.04
N ASP A 1115 13.77 5.09 31.64
CA ASP A 1115 13.03 4.25 32.58
C ASP A 1115 13.51 2.80 32.41
N ASP A 1116 14.29 2.31 33.37
CA ASP A 1116 14.82 0.95 33.30
C ASP A 1116 13.80 -0.16 33.67
N GLY A 1117 12.64 0.24 34.22
CA GLY A 1117 11.58 -0.69 34.62
C GLY A 1117 11.20 -0.53 36.07
N SER A 1118 11.28 0.71 36.60
CA SER A 1118 10.95 0.98 37.99
C SER A 1118 10.22 2.32 38.22
N GLY A 1119 9.93 3.06 37.16
CA GLY A 1119 9.28 4.36 37.29
C GLY A 1119 10.25 5.48 37.58
N MET A 1120 11.39 5.15 38.24
CA MET A 1120 12.47 6.06 38.60
C MET A 1120 13.17 6.53 37.33
N LYS A 1121 12.63 7.58 36.71
CA LYS A 1121 13.15 8.09 35.46
C LYS A 1121 14.42 8.90 35.63
N ARG A 1122 15.56 8.21 35.76
CA ARG A 1122 16.87 8.84 35.86
C ARG A 1122 17.29 9.43 34.50
N GLU A 1123 18.28 10.33 34.47
CA GLU A 1123 18.75 10.92 33.22
C GLU A 1123 19.26 9.83 32.24
N ALA A 1124 18.95 9.98 30.97
CA ALA A 1124 19.36 9.02 29.96
C ALA A 1124 20.75 9.35 29.43
N THR A 1125 21.57 8.31 29.19
CA THR A 1125 22.89 8.50 28.62
C THR A 1125 22.88 8.08 27.12
N ALA A 1126 23.92 8.49 26.37
CA ALA A 1126 24.06 8.12 24.97
C ALA A 1126 24.19 6.60 24.83
N ASP A 1127 24.84 5.92 25.80
CA ASP A 1127 24.99 4.47 25.78
C ASP A 1127 23.69 3.74 26.06
N ASP A 1128 22.80 4.33 26.89
CA ASP A 1128 21.48 3.78 27.18
C ASP A 1128 20.67 3.78 25.89
N LEU A 1129 20.66 4.93 25.19
CA LEU A 1129 19.91 5.04 23.96
C LEU A 1129 20.56 4.31 22.79
N ILE A 1130 21.88 4.08 22.82
CA ILE A 1130 22.56 3.31 21.78
C ILE A 1130 22.06 1.87 21.84
N LYS A 1131 21.95 1.31 23.06
CA LYS A 1131 21.45 -0.05 23.28
C LYS A 1131 19.94 -0.16 23.00
N VAL A 1132 19.17 0.89 23.32
CA VAL A 1132 17.72 0.94 23.08
C VAL A 1132 17.45 1.00 21.57
N VAL A 1133 18.12 1.91 20.86
CA VAL A 1133 17.92 2.03 19.41
C VAL A 1133 18.49 0.81 18.69
N GLU A 1134 19.56 0.19 19.21
CA GLU A 1134 20.10 -1.02 18.59
C GLU A 1134 19.11 -2.18 18.58
N GLU A 1135 18.43 -2.45 19.72
CA GLU A 1135 17.46 -3.54 19.75
C GLU A 1135 16.24 -3.26 18.85
N LEU A 1136 15.95 -1.97 18.56
CA LEU A 1136 14.88 -1.57 17.66
C LEU A 1136 15.25 -1.89 16.20
N THR A 1137 16.53 -1.76 15.85
CA THR A 1137 16.97 -2.13 14.50
C THR A 1137 16.78 -3.65 14.25
N ARG A 1138 16.86 -4.46 15.33
CA ARG A 1138 16.73 -5.91 15.28
C ARG A 1138 15.29 -6.43 15.08
N ILE A 1139 14.28 -5.56 15.04
CA ILE A 1139 12.89 -6.00 14.83
C ILE A 1139 12.47 -6.02 13.35
N HIS A 1140 13.33 -5.55 12.44
CA HIS A 1140 13.04 -5.51 11.01
C HIS A 1140 14.31 -5.76 10.18
N TRP A 1141 14.16 -6.01 8.87
CA TRP A 1141 15.31 -6.24 7.99
C TRP A 1141 16.21 -4.99 7.88
N SER A 1142 17.53 -5.18 7.81
CA SER A 1142 18.45 -4.07 7.70
C SER A 1142 18.59 -3.58 6.25
N HIS A 1143 18.78 -2.27 6.08
CA HIS A 1143 18.88 -1.67 4.75
C HIS A 1143 20.29 -1.79 4.20
N PRO A 1144 20.44 -2.14 2.91
CA PRO A 1144 21.80 -2.24 2.33
C PRO A 1144 22.46 -0.88 2.09
N GLN A 1145 23.79 -0.84 2.20
CA GLN A 1145 24.56 0.38 1.92
C GLN A 1145 24.49 0.59 0.40
N PHE A 1146 24.23 1.83 -0.03
CA PHE A 1146 24.09 2.14 -1.43
C PHE A 1146 25.42 2.13 -2.19
N GLU A 1147 26.32 3.06 -1.84
CA GLU A 1147 27.62 3.30 -2.45
C GLU A 1147 28.62 2.20 -2.19
N LYS A 1148 29.57 2.01 -3.12
CA LYS A 1148 30.61 0.98 -2.93
C LYS A 1148 31.57 1.40 -1.79
N PRO B 9 -48.04 12.85 -20.15
CA PRO B 9 -48.61 14.21 -20.26
C PRO B 9 -47.54 15.30 -20.30
N ASN B 10 -47.84 16.42 -20.98
CA ASN B 10 -46.92 17.55 -21.09
C ASN B 10 -47.45 18.78 -20.35
N ILE B 11 -46.58 19.78 -20.11
CA ILE B 11 -46.99 21.02 -19.47
C ILE B 11 -47.30 22.06 -20.56
N ILE B 12 -48.53 22.57 -20.58
CA ILE B 12 -48.97 23.56 -21.56
C ILE B 12 -49.76 24.67 -20.86
N ASN B 13 -49.56 25.92 -21.28
CA ASN B 13 -50.20 27.11 -20.69
C ASN B 13 -49.93 27.25 -19.18
N PHE B 14 -48.80 26.71 -18.71
CA PHE B 14 -48.34 26.81 -17.32
C PHE B 14 -46.83 27.03 -17.30
N ASP B 15 -46.41 28.17 -16.75
CA ASP B 15 -45.01 28.54 -16.68
C ASP B 15 -44.36 27.79 -15.51
N THR B 16 -43.53 26.77 -15.80
CA THR B 16 -42.88 25.97 -14.75
C THR B 16 -41.94 26.80 -13.84
N SER B 17 -41.64 28.06 -14.21
CA SER B 17 -40.82 28.94 -13.37
C SER B 17 -41.67 29.70 -12.33
N LEU B 18 -43.00 29.73 -12.49
CA LEU B 18 -43.93 30.37 -11.57
C LEU B 18 -43.89 29.80 -10.14
N PRO B 19 -43.89 28.46 -9.90
CA PRO B 19 -43.89 27.98 -8.52
C PRO B 19 -42.67 28.36 -7.66
N THR B 20 -41.46 28.43 -8.25
CA THR B 20 -40.27 28.82 -7.49
C THR B 20 -40.23 30.32 -7.17
N SER B 21 -41.11 31.12 -7.79
CA SER B 21 -41.18 32.54 -7.51
C SER B 21 -42.00 32.85 -6.24
N HIS B 22 -42.92 31.93 -5.84
CA HIS B 22 -43.76 32.07 -4.66
C HIS B 22 -44.59 33.34 -4.74
N THR B 23 -45.17 33.60 -5.90
CA THR B 23 -45.96 34.80 -6.20
C THR B 23 -47.17 34.95 -5.28
N TYR B 24 -47.62 33.86 -4.67
CA TYR B 24 -48.75 33.87 -3.74
C TYR B 24 -48.37 34.68 -2.52
N LEU B 25 -47.09 34.81 -2.26
CA LEU B 25 -46.59 35.57 -1.13
C LEU B 25 -46.96 37.03 -1.26
N GLY B 26 -46.91 37.56 -2.47
CA GLY B 26 -47.28 38.95 -2.66
C GLY B 26 -46.45 39.66 -3.66
N ALA B 27 -46.30 40.95 -3.41
CA ALA B 27 -45.55 41.89 -4.24
C ALA B 27 -44.05 41.71 -4.11
N ASP B 28 -43.31 42.41 -4.96
CA ASP B 28 -41.87 42.30 -4.99
C ASP B 28 -41.25 42.55 -3.63
N MET B 29 -40.29 41.69 -3.30
CA MET B 29 -39.60 41.75 -2.03
C MET B 29 -38.19 42.27 -2.21
N GLU B 30 -37.68 42.93 -1.19
CA GLU B 30 -36.32 43.45 -1.22
C GLU B 30 -35.38 42.24 -1.23
N GLU B 31 -34.42 42.22 -2.16
CA GLU B 31 -33.48 41.11 -2.26
C GLU B 31 -32.16 41.46 -1.62
N PHE B 32 -31.53 40.47 -0.96
CA PHE B 32 -30.24 40.61 -0.32
C PHE B 32 -29.32 39.61 -1.00
N HIS B 33 -28.12 40.05 -1.39
CA HIS B 33 -27.22 39.19 -2.13
C HIS B 33 -25.92 38.84 -1.40
N GLY B 34 -25.66 39.46 -0.23
CA GLY B 34 -24.48 39.13 0.57
C GLY B 34 -24.55 37.69 1.07
N ARG B 35 -23.39 37.04 1.23
CA ARG B 35 -23.37 35.65 1.67
C ARG B 35 -22.50 35.43 2.91
N THR B 36 -23.10 34.86 3.97
CA THR B 36 -22.41 34.56 5.22
C THR B 36 -22.17 33.05 5.33
N LEU B 37 -20.90 32.67 5.54
CA LEU B 37 -20.52 31.27 5.75
C LEU B 37 -19.66 31.20 7.01
N HIS B 38 -19.93 30.24 7.89
CA HIS B 38 -19.17 30.08 9.12
C HIS B 38 -18.08 29.04 8.94
N ASP B 39 -16.92 29.23 9.60
CA ASP B 39 -15.77 28.31 9.51
C ASP B 39 -16.17 26.87 9.79
N ASP B 40 -15.53 25.92 9.11
CA ASP B 40 -15.80 24.51 9.36
C ASP B 40 -15.38 24.12 10.79
N ASP B 41 -16.21 23.31 11.46
CA ASP B 41 -16.01 22.86 12.85
C ASP B 41 -16.11 24.00 13.88
N SER B 42 -16.47 25.24 13.46
CA SER B 42 -16.59 26.36 14.39
C SER B 42 -17.88 26.34 15.20
N CYS B 43 -17.88 27.01 16.35
N CYS B 43 -17.87 27.01 16.36
CA CYS B 43 -19.07 27.06 17.20
CA CYS B 43 -19.04 27.09 17.23
C CYS B 43 -19.77 28.41 17.09
C CYS B 43 -19.76 28.42 17.08
N GLN B 44 -20.97 28.40 16.53
CA GLN B 44 -21.76 29.63 16.35
C GLN B 44 -23.03 29.55 17.18
N VAL B 45 -23.56 30.70 17.62
CA VAL B 45 -24.83 30.72 18.33
C VAL B 45 -25.81 31.40 17.40
N ILE B 46 -26.79 30.64 16.89
CA ILE B 46 -27.73 31.12 15.87
C ILE B 46 -29.20 31.01 16.34
N PRO B 47 -30.05 32.03 16.08
CA PRO B 47 -31.46 31.96 16.57
C PRO B 47 -32.34 30.98 15.81
N VAL B 48 -33.23 30.28 16.52
CA VAL B 48 -34.16 29.33 15.93
C VAL B 48 -35.55 29.95 15.88
N LEU B 49 -36.26 29.80 14.74
CA LEU B 49 -37.64 30.30 14.66
C LEU B 49 -38.54 29.30 15.41
N PRO B 50 -39.44 29.81 16.27
CA PRO B 50 -40.23 28.92 17.14
C PRO B 50 -41.14 27.85 16.48
N GLN B 51 -42.00 28.24 15.52
CA GLN B 51 -42.94 27.27 14.95
C GLN B 51 -42.48 26.57 13.68
N VAL B 52 -41.22 26.75 13.28
CA VAL B 52 -40.71 26.09 12.09
C VAL B 52 -40.44 24.63 12.43
N MET B 53 -41.13 23.71 11.75
CA MET B 53 -40.98 22.29 11.95
C MET B 53 -40.27 21.54 10.81
N MET B 54 -39.88 22.23 9.75
CA MET B 54 -39.24 21.65 8.56
C MET B 54 -37.78 21.20 8.72
N ILE B 55 -37.35 20.20 7.93
CA ILE B 55 -35.95 19.74 7.91
C ILE B 55 -35.34 20.31 6.62
N LEU B 56 -34.48 21.34 6.75
CA LEU B 56 -33.91 22.06 5.62
C LEU B 56 -32.65 21.43 5.05
N ILE B 57 -32.53 21.42 3.73
CA ILE B 57 -31.35 20.91 3.04
C ILE B 57 -30.62 22.08 2.38
N PRO B 58 -29.27 22.15 2.42
CA PRO B 58 -28.56 23.25 1.78
C PRO B 58 -28.97 23.47 0.32
N GLY B 59 -29.17 24.72 -0.07
CA GLY B 59 -29.61 25.09 -1.41
C GLY B 59 -31.11 25.17 -1.57
N GLN B 60 -31.86 24.53 -0.64
CA GLN B 60 -33.31 24.48 -0.66
C GLN B 60 -33.93 25.79 -0.18
N THR B 61 -34.92 26.30 -0.91
N THR B 61 -34.91 26.30 -0.90
CA THR B 61 -35.60 27.53 -0.54
CA THR B 61 -35.58 27.54 -0.54
C THR B 61 -36.69 27.27 0.48
C THR B 61 -36.70 27.29 0.46
N LEU B 62 -36.84 28.18 1.43
CA LEU B 62 -37.84 28.09 2.48
C LEU B 62 -38.64 29.41 2.53
N PRO B 63 -39.91 29.38 2.12
CA PRO B 63 -40.74 30.59 2.22
C PRO B 63 -41.41 30.64 3.59
N LEU B 64 -41.50 31.83 4.22
CA LEU B 64 -42.12 31.98 5.54
C LEU B 64 -43.03 33.19 5.64
N GLN B 65 -44.02 33.13 6.55
CA GLN B 65 -44.98 34.19 6.85
C GLN B 65 -45.10 34.22 8.36
N LEU B 66 -44.63 35.32 8.96
CA LEU B 66 -44.55 35.50 10.41
C LEU B 66 -45.53 36.54 10.91
N PHE B 67 -46.33 36.18 11.91
CA PHE B 67 -47.38 37.08 12.40
C PHE B 67 -47.21 37.51 13.86
N HIS B 68 -46.53 36.69 14.66
N HIS B 68 -46.51 36.69 14.66
CA HIS B 68 -46.33 37.01 16.07
CA HIS B 68 -46.27 36.95 16.07
C HIS B 68 -45.24 38.05 16.24
C HIS B 68 -45.23 38.06 16.22
N PRO B 69 -45.48 39.06 17.09
CA PRO B 69 -44.51 40.16 17.25
C PRO B 69 -43.06 39.79 17.59
N GLN B 70 -42.86 38.71 18.36
CA GLN B 70 -41.50 38.28 18.69
C GLN B 70 -40.80 37.66 17.47
N GLU B 71 -41.54 37.00 16.56
CA GLU B 71 -40.96 36.45 15.34
C GLU B 71 -40.69 37.58 14.36
N VAL B 72 -41.63 38.53 14.25
CA VAL B 72 -41.52 39.70 13.37
C VAL B 72 -40.31 40.52 13.77
N SER B 73 -40.14 40.82 15.06
CA SER B 73 -38.99 41.61 15.51
C SER B 73 -37.68 40.83 15.45
N MET B 74 -37.72 39.49 15.49
CA MET B 74 -36.51 38.68 15.40
C MET B 74 -35.93 38.72 13.98
N VAL B 75 -36.78 38.65 12.98
CA VAL B 75 -36.37 38.73 11.59
C VAL B 75 -35.97 40.17 11.22
N ARG B 76 -36.62 41.18 11.83
CA ARG B 76 -36.27 42.57 11.64
C ARG B 76 -34.84 42.85 12.07
N ASN B 77 -34.42 42.31 13.22
CA ASN B 77 -33.04 42.47 13.71
C ASN B 77 -32.06 41.50 13.02
N LEU B 78 -32.57 40.46 12.35
CA LEU B 78 -31.77 39.49 11.61
C LEU B 78 -31.34 40.10 10.28
N ILE B 79 -32.24 40.89 9.64
CA ILE B 79 -31.98 41.58 8.38
C ILE B 79 -30.82 42.56 8.55
N GLN B 80 -30.78 43.27 9.69
CA GLN B 80 -29.69 44.22 9.99
C GLN B 80 -28.35 43.53 10.33
N LYS B 81 -28.33 42.19 10.47
CA LYS B 81 -27.10 41.47 10.83
C LYS B 81 -26.66 40.47 9.71
N ASP B 82 -26.37 39.18 10.03
CA ASP B 82 -25.92 38.22 9.02
C ASP B 82 -27.08 37.46 8.34
N ARG B 83 -28.35 37.87 8.61
CA ARG B 83 -29.60 37.35 8.03
C ARG B 83 -29.80 35.85 8.15
N THR B 84 -29.09 35.23 9.09
CA THR B 84 -29.10 33.78 9.27
C THR B 84 -29.79 33.33 10.55
N PHE B 85 -30.58 32.25 10.43
CA PHE B 85 -31.25 31.59 11.53
C PHE B 85 -31.02 30.08 11.44
N ALA B 86 -31.31 29.35 12.52
CA ALA B 86 -31.12 27.90 12.57
C ALA B 86 -32.42 27.15 12.35
N VAL B 87 -32.42 26.21 11.41
CA VAL B 87 -33.57 25.37 11.13
C VAL B 87 -33.23 24.00 11.70
N LEU B 88 -33.93 23.58 12.77
CA LEU B 88 -33.60 22.31 13.43
C LEU B 88 -34.29 21.10 12.84
N ALA B 89 -33.54 20.01 12.64
CA ALA B 89 -34.11 18.76 12.16
C ALA B 89 -34.56 17.98 13.40
N TYR B 90 -35.76 18.30 13.92
CA TYR B 90 -36.25 17.69 15.15
C TYR B 90 -36.36 16.17 15.13
N SER B 91 -35.57 15.53 16.01
CA SER B 91 -35.61 14.08 16.27
C SER B 91 -36.94 13.78 17.00
N ASN B 92 -37.41 14.71 17.87
CA ASN B 92 -38.66 14.63 18.62
C ASN B 92 -39.43 15.95 18.45
N VAL B 93 -40.54 15.92 17.69
CA VAL B 93 -41.35 17.12 17.46
C VAL B 93 -42.09 17.52 18.74
N GLN B 94 -42.64 16.53 19.45
CA GLN B 94 -43.34 16.78 20.70
C GLN B 94 -42.37 17.18 21.82
N GLU B 95 -41.25 16.44 21.97
CA GLU B 95 -40.27 16.73 23.01
C GLU B 95 -39.31 17.90 22.66
N ARG B 96 -39.45 18.51 21.45
CA ARG B 96 -38.63 19.62 20.96
C ARG B 96 -37.13 19.28 20.98
N GLU B 97 -36.80 18.01 20.69
CA GLU B 97 -35.42 17.56 20.70
C GLU B 97 -34.88 17.51 19.29
N ALA B 98 -33.64 17.99 19.11
CA ALA B 98 -33.00 18.00 17.80
C ALA B 98 -31.49 17.89 17.99
N GLN B 99 -30.84 17.04 17.18
CA GLN B 99 -29.40 16.84 17.24
C GLN B 99 -28.68 17.52 16.04
N PHE B 100 -29.40 17.76 14.93
CA PHE B 100 -28.82 18.35 13.75
C PHE B 100 -29.70 19.46 13.16
N GLY B 101 -29.18 20.18 12.17
CA GLY B 101 -29.92 21.24 11.52
C GLY B 101 -29.16 21.90 10.39
N THR B 102 -29.76 22.93 9.82
CA THR B 102 -29.19 23.67 8.72
C THR B 102 -29.44 25.17 8.96
N THR B 103 -28.47 26.03 8.62
CA THR B 103 -28.68 27.46 8.72
C THR B 103 -29.51 27.88 7.50
N ALA B 104 -30.36 28.88 7.66
CA ALA B 104 -31.14 29.40 6.55
C ALA B 104 -30.82 30.89 6.45
N GLU B 105 -30.33 31.33 5.31
CA GLU B 105 -29.97 32.73 5.10
C GLU B 105 -31.04 33.42 4.32
N ILE B 106 -31.60 34.51 4.86
CA ILE B 106 -32.67 35.25 4.19
C ILE B 106 -32.20 35.98 2.92
N TYR B 107 -32.78 35.63 1.77
CA TYR B 107 -32.43 36.26 0.50
C TYR B 107 -33.49 37.26 -0.01
N ALA B 108 -34.75 37.12 0.45
CA ALA B 108 -35.85 38.01 0.07
C ALA B 108 -36.69 38.35 1.32
N TYR B 109 -37.21 39.57 1.39
CA TYR B 109 -37.93 40.02 2.58
C TYR B 109 -38.97 41.07 2.26
N ARG B 110 -40.11 41.03 2.97
CA ARG B 110 -41.15 42.03 2.79
C ARG B 110 -42.03 42.22 4.01
N GLU B 111 -42.28 43.47 4.37
CA GLU B 111 -43.13 43.79 5.51
C GLU B 111 -44.48 44.31 5.07
N GLU B 112 -45.53 43.90 5.79
CA GLU B 112 -46.86 44.39 5.53
C GLU B 112 -47.37 44.97 6.82
N GLN B 113 -47.80 46.22 6.78
CA GLN B 113 -48.38 46.85 7.94
C GLN B 113 -49.76 47.43 7.61
N ASP B 114 -50.45 46.83 6.61
CA ASP B 114 -51.77 47.28 6.18
C ASP B 114 -52.75 46.91 7.25
N PHE B 115 -53.67 47.84 7.57
CA PHE B 115 -54.68 47.71 8.63
C PHE B 115 -54.06 47.60 10.04
N GLY B 116 -52.78 47.95 10.18
CA GLY B 116 -52.07 47.89 11.45
C GLY B 116 -51.69 46.48 11.86
N ILE B 117 -51.69 45.54 10.91
CA ILE B 117 -51.31 44.16 11.20
C ILE B 117 -49.93 43.90 10.65
N GLU B 118 -48.91 43.74 11.52
CA GLU B 118 -47.56 43.47 11.04
C GLU B 118 -47.41 42.04 10.59
N ILE B 119 -46.93 41.86 9.36
CA ILE B 119 -46.71 40.55 8.77
C ILE B 119 -45.37 40.60 8.09
N VAL B 120 -44.48 39.64 8.38
CA VAL B 120 -43.20 39.57 7.72
C VAL B 120 -43.15 38.36 6.82
N LYS B 121 -42.88 38.55 5.54
CA LYS B 121 -42.76 37.46 4.59
C LYS B 121 -41.30 37.35 4.17
N VAL B 122 -40.69 36.16 4.28
CA VAL B 122 -39.29 35.98 3.91
C VAL B 122 -39.11 34.78 3.00
N LYS B 123 -38.02 34.78 2.25
CA LYS B 123 -37.60 33.65 1.46
C LYS B 123 -36.15 33.43 1.89
N ALA B 124 -35.89 32.29 2.50
CA ALA B 124 -34.55 31.93 2.97
C ALA B 124 -34.02 30.72 2.20
N ILE B 125 -32.69 30.51 2.23
CA ILE B 125 -32.09 29.36 1.55
C ILE B 125 -31.16 28.65 2.50
N GLY B 126 -31.24 27.32 2.55
CA GLY B 126 -30.37 26.51 3.39
C GLY B 126 -28.92 26.68 3.00
N ARG B 127 -28.04 26.84 3.98
CA ARG B 127 -26.63 27.06 3.71
C ARG B 127 -25.72 25.96 4.25
N GLN B 128 -25.66 25.80 5.57
CA GLN B 128 -24.73 24.88 6.17
C GLN B 128 -25.35 23.95 7.19
N ARG B 129 -24.88 22.70 7.21
CA ARG B 129 -25.33 21.74 8.19
C ARG B 129 -24.56 21.96 9.52
N PHE B 130 -25.16 21.57 10.64
CA PHE B 130 -24.53 21.74 11.95
C PHE B 130 -24.97 20.66 12.96
N LYS B 131 -24.24 20.57 14.08
CA LYS B 131 -24.57 19.67 15.16
C LYS B 131 -25.04 20.53 16.33
N VAL B 132 -26.17 20.18 16.92
CA VAL B 132 -26.71 20.93 18.06
C VAL B 132 -25.93 20.63 19.32
N LEU B 133 -25.33 21.66 19.93
CA LEU B 133 -24.61 21.49 21.19
C LEU B 133 -25.60 21.71 22.33
N GLU B 134 -26.41 22.80 22.24
CA GLU B 134 -27.43 23.09 23.25
C GLU B 134 -28.49 24.05 22.75
N LEU B 135 -29.70 23.90 23.28
CA LEU B 135 -30.87 24.70 22.95
C LEU B 135 -31.35 25.45 24.20
N ARG B 136 -31.27 26.79 24.18
CA ARG B 136 -31.72 27.60 25.32
C ARG B 136 -32.79 28.61 24.88
N THR B 137 -33.93 28.67 25.59
CA THR B 137 -35.00 29.59 25.22
C THR B 137 -34.72 31.01 25.76
N GLN B 138 -35.06 32.04 24.97
CA GLN B 138 -34.84 33.44 25.33
C GLN B 138 -36.07 34.09 25.95
N SER B 139 -35.89 35.27 26.57
CA SER B 139 -36.93 36.08 27.19
C SER B 139 -38.04 36.43 26.19
N ASP B 140 -37.67 36.63 24.91
CA ASP B 140 -38.66 36.92 23.86
C ASP B 140 -39.43 35.69 23.37
N GLY B 141 -39.06 34.50 23.84
CA GLY B 141 -39.70 33.25 23.41
C GLY B 141 -39.00 32.57 22.24
N ILE B 142 -37.98 33.23 21.69
CA ILE B 142 -37.20 32.71 20.57
C ILE B 142 -36.06 31.84 21.09
N GLN B 143 -35.98 30.58 20.65
CA GLN B 143 -34.90 29.68 21.08
C GLN B 143 -33.60 30.11 20.40
N GLN B 144 -32.47 29.94 21.08
CA GLN B 144 -31.17 30.28 20.52
C GLN B 144 -30.34 29.03 20.61
N ALA B 145 -29.86 28.53 19.47
CA ALA B 145 -29.08 27.29 19.46
C ALA B 145 -27.57 27.48 19.35
N LYS B 146 -26.81 26.79 20.20
CA LYS B 146 -25.35 26.82 20.11
C LYS B 146 -25.04 25.65 19.20
N VAL B 147 -24.51 25.92 18.02
CA VAL B 147 -24.27 24.89 17.01
C VAL B 147 -22.82 24.77 16.59
N GLN B 148 -22.44 23.60 16.11
CA GLN B 148 -21.07 23.37 15.61
C GLN B 148 -21.17 23.06 14.13
N ILE B 149 -20.59 23.91 13.28
CA ILE B 149 -20.65 23.74 11.84
C ILE B 149 -20.07 22.41 11.34
N LEU B 150 -20.89 21.63 10.61
CA LEU B 150 -20.43 20.37 10.00
C LEU B 150 -19.81 20.75 8.65
N PRO B 151 -18.63 20.21 8.33
CA PRO B 151 -17.97 20.61 7.09
C PRO B 151 -18.37 19.75 5.89
N GLU B 152 -18.37 20.34 4.68
CA GLU B 152 -18.67 19.57 3.49
C GLU B 152 -17.42 18.83 3.16
N CYS B 153 -17.48 17.51 3.20
CA CYS B 153 -16.33 16.69 2.91
C CYS B 153 -16.12 16.57 1.42
N VAL B 154 -15.03 17.16 0.94
CA VAL B 154 -14.72 17.07 -0.48
C VAL B 154 -13.53 16.12 -0.66
N LEU B 155 -13.72 15.12 -1.52
CA LEU B 155 -12.67 14.14 -1.77
C LEU B 155 -12.13 14.27 -3.18
N PRO B 156 -10.82 14.04 -3.41
CA PRO B 156 -10.34 14.01 -4.80
C PRO B 156 -10.79 12.69 -5.47
N SER B 157 -10.27 12.38 -6.66
CA SER B 157 -10.58 11.13 -7.34
C SER B 157 -10.02 9.95 -6.53
N THR B 158 -10.65 8.76 -6.64
CA THR B 158 -10.09 7.57 -5.97
C THR B 158 -8.67 7.26 -6.46
N MET B 159 -8.38 7.59 -7.71
CA MET B 159 -7.11 7.32 -8.35
C MET B 159 -6.04 8.37 -8.13
N SER B 160 -6.39 9.58 -7.69
CA SER B 160 -5.43 10.68 -7.47
C SER B 160 -4.22 10.29 -6.65
N ALA B 161 -4.40 9.38 -5.68
CA ALA B 161 -3.28 8.93 -4.85
C ALA B 161 -2.40 7.85 -5.55
N VAL B 162 -3.00 6.78 -6.09
CA VAL B 162 -2.25 5.70 -6.72
C VAL B 162 -1.91 5.94 -8.20
N GLN B 163 -2.27 7.11 -8.77
CA GLN B 163 -2.05 7.37 -10.19
C GLN B 163 -0.61 7.44 -10.61
N LEU B 164 -0.24 6.65 -11.64
CA LEU B 164 1.07 6.67 -12.27
C LEU B 164 1.28 8.05 -12.91
N GLU B 165 2.46 8.66 -12.72
CA GLU B 165 2.74 9.99 -13.24
C GLU B 165 2.73 10.02 -14.76
N SER B 166 3.16 8.93 -15.41
CA SER B 166 3.19 8.83 -16.87
C SER B 166 1.79 8.87 -17.49
N LEU B 167 0.79 8.35 -16.77
CA LEU B 167 -0.58 8.36 -17.26
C LEU B 167 -1.39 9.59 -16.78
N ASN B 168 -0.71 10.62 -16.23
CA ASN B 168 -1.37 11.83 -15.77
C ASN B 168 -1.94 12.58 -16.98
N LYS B 169 -1.16 12.66 -18.08
CA LYS B 169 -1.54 13.33 -19.34
C LYS B 169 -2.78 12.69 -20.02
N CYS B 170 -3.15 11.47 -19.62
CA CYS B 170 -4.32 10.79 -20.15
C CYS B 170 -5.60 11.05 -19.29
N GLN B 171 -5.49 11.85 -18.20
CA GLN B 171 -6.60 12.07 -17.29
C GLN B 171 -7.61 13.13 -17.74
N ILE B 172 -7.45 13.66 -18.95
CA ILE B 172 -8.46 14.56 -19.52
C ILE B 172 -9.02 13.81 -20.73
N PHE B 173 -10.33 13.54 -20.72
CA PHE B 173 -10.96 12.80 -21.82
C PHE B 173 -11.68 13.72 -22.77
N PRO B 174 -11.74 13.36 -24.07
CA PRO B 174 -12.50 14.17 -25.03
C PRO B 174 -14.00 14.20 -24.68
N SER B 175 -14.67 15.33 -24.93
CA SER B 175 -16.07 15.61 -24.64
C SER B 175 -17.08 14.45 -24.86
N LYS B 176 -18.00 14.28 -23.90
CA LYS B 176 -19.04 13.24 -23.96
C LYS B 176 -20.12 13.61 -24.97
N PRO B 177 -20.39 12.73 -25.97
CA PRO B 177 -21.45 13.04 -26.95
C PRO B 177 -22.85 13.04 -26.34
N SER B 185 -23.95 7.66 -24.25
CA SER B 185 -23.45 6.50 -24.99
C SER B 185 -22.86 5.44 -24.04
N TYR B 186 -23.33 4.18 -24.15
CA TYR B 186 -22.81 3.09 -23.30
C TYR B 186 -21.34 2.84 -23.55
N LYS B 187 -20.90 2.96 -24.81
CA LYS B 187 -19.51 2.76 -25.23
C LYS B 187 -18.62 3.85 -24.62
N TRP B 188 -19.13 5.09 -24.51
CA TRP B 188 -18.39 6.19 -23.93
C TRP B 188 -18.10 5.93 -22.46
N TRP B 189 -19.10 5.44 -21.72
CA TRP B 189 -18.95 5.12 -20.30
C TRP B 189 -18.03 3.94 -20.06
N GLN B 190 -18.02 2.97 -20.99
CA GLN B 190 -17.12 1.84 -20.90
C GLN B 190 -15.68 2.32 -21.07
N LYS B 191 -15.45 3.28 -22.00
CA LYS B 191 -14.11 3.83 -22.23
C LYS B 191 -13.67 4.77 -21.10
N TYR B 192 -14.63 5.52 -20.53
CA TYR B 192 -14.40 6.45 -19.42
C TYR B 192 -13.93 5.67 -18.20
N GLN B 193 -14.56 4.54 -17.90
CA GLN B 193 -14.22 3.73 -16.76
C GLN B 193 -12.84 3.12 -16.91
N LYS B 194 -12.56 2.48 -18.07
CA LYS B 194 -11.31 1.80 -18.39
C LYS B 194 -10.09 2.74 -18.32
N ARG B 195 -10.27 3.99 -18.75
CA ARG B 195 -9.20 4.97 -18.76
C ARG B 195 -9.03 5.72 -17.44
N LYS B 196 -10.13 6.09 -16.78
CA LYS B 196 -10.04 6.82 -15.51
C LYS B 196 -9.54 5.91 -14.39
N PHE B 197 -9.99 4.65 -14.40
CA PHE B 197 -9.62 3.72 -13.35
C PHE B 197 -8.57 2.72 -13.77
N HIS B 198 -7.73 3.07 -14.74
CA HIS B 198 -6.68 2.17 -15.20
C HIS B 198 -5.72 1.82 -14.07
N CYS B 199 -5.41 2.78 -13.19
CA CYS B 199 -4.50 2.51 -12.10
C CYS B 199 -5.12 1.71 -10.95
N ALA B 200 -6.36 1.19 -11.12
CA ALA B 200 -6.96 0.25 -10.17
C ALA B 200 -6.10 -1.02 -10.10
N ASN B 201 -5.34 -1.34 -11.20
CA ASN B 201 -4.41 -2.45 -11.31
C ASN B 201 -3.26 -2.40 -10.30
N LEU B 202 -3.00 -1.22 -9.69
CA LEU B 202 -2.01 -1.05 -8.63
C LEU B 202 -2.57 -1.27 -7.24
N THR B 203 -3.89 -1.47 -7.12
CA THR B 203 -4.59 -1.58 -5.83
C THR B 203 -5.22 -2.97 -5.66
N SER B 204 -5.98 -3.18 -4.60
CA SER B 204 -6.63 -4.44 -4.31
C SER B 204 -7.99 -4.60 -4.99
N TRP B 205 -8.52 -3.56 -5.66
CA TRP B 205 -9.86 -3.61 -6.22
C TRP B 205 -9.97 -3.38 -7.75
N PRO B 206 -11.05 -3.90 -8.37
CA PRO B 206 -11.25 -3.69 -9.81
C PRO B 206 -11.83 -2.32 -10.17
N ARG B 207 -11.63 -1.87 -11.41
CA ARG B 207 -12.14 -0.60 -11.93
C ARG B 207 -13.64 -0.43 -11.67
N TRP B 208 -14.45 -1.50 -11.85
CA TRP B 208 -15.89 -1.44 -11.64
C TRP B 208 -16.27 -1.08 -10.22
N LEU B 209 -15.42 -1.40 -9.24
CA LEU B 209 -15.64 -1.05 -7.83
C LEU B 209 -15.48 0.46 -7.67
N TYR B 210 -14.41 1.00 -8.23
CA TYR B 210 -14.14 2.43 -8.18
C TYR B 210 -15.26 3.27 -8.86
N SER B 211 -16.01 2.66 -9.79
CA SER B 211 -17.15 3.32 -10.46
C SER B 211 -18.27 3.59 -9.48
N LEU B 212 -18.50 2.66 -8.54
CA LEU B 212 -19.54 2.78 -7.49
C LEU B 212 -19.32 3.97 -6.53
N TYR B 213 -18.09 4.54 -6.53
CA TYR B 213 -17.69 5.68 -5.71
C TYR B 213 -17.29 6.91 -6.54
N ASP B 214 -17.58 6.90 -7.85
CA ASP B 214 -17.21 8.00 -8.73
C ASP B 214 -18.39 8.97 -8.87
N ALA B 215 -18.22 10.21 -8.42
CA ALA B 215 -19.29 11.22 -8.49
C ALA B 215 -19.92 11.36 -9.89
N GLU B 216 -19.11 11.45 -10.96
CA GLU B 216 -19.63 11.59 -12.31
C GLU B 216 -20.53 10.43 -12.74
N THR B 217 -20.11 9.19 -12.47
CA THR B 217 -20.87 8.00 -12.83
C THR B 217 -22.17 7.97 -12.03
N LEU B 218 -22.09 8.27 -10.73
CA LEU B 218 -23.24 8.27 -9.84
C LEU B 218 -24.25 9.33 -10.24
N MET B 219 -23.80 10.53 -10.62
CA MET B 219 -24.71 11.60 -11.05
C MET B 219 -25.44 11.20 -12.34
N ASP B 220 -24.74 10.52 -13.25
CA ASP B 220 -25.33 10.07 -14.51
C ASP B 220 -26.40 9.01 -14.26
N ARG B 221 -26.21 8.15 -13.26
CA ARG B 221 -27.17 7.11 -12.93
C ARG B 221 -28.45 7.75 -12.37
N ILE B 222 -28.29 8.76 -11.51
CA ILE B 222 -29.40 9.51 -10.92
C ILE B 222 -30.12 10.27 -12.02
N LYS B 223 -29.36 10.93 -12.90
CA LYS B 223 -29.82 11.72 -14.04
C LYS B 223 -30.76 10.94 -14.93
N LYS B 224 -30.59 9.61 -15.04
CA LYS B 224 -31.48 8.82 -15.88
C LYS B 224 -32.86 8.73 -15.24
N GLN B 225 -32.92 8.54 -13.92
CA GLN B 225 -34.18 8.44 -13.21
C GLN B 225 -34.84 9.81 -12.99
N LEU B 226 -34.03 10.86 -12.80
CA LEU B 226 -34.54 12.23 -12.68
C LEU B 226 -35.15 12.69 -14.02
N ARG B 227 -34.68 12.15 -15.16
CA ARG B 227 -35.23 12.45 -16.49
C ARG B 227 -36.61 11.83 -16.67
N GLU B 228 -36.92 10.75 -15.94
CA GLU B 228 -38.25 10.13 -15.99
C GLU B 228 -39.27 11.04 -15.29
N TRP B 229 -38.86 11.74 -14.21
CA TRP B 229 -39.72 12.66 -13.48
C TRP B 229 -39.86 13.98 -14.25
N ASP B 230 -38.76 14.48 -14.82
CA ASP B 230 -38.80 15.71 -15.60
C ASP B 230 -38.31 15.46 -17.03
N GLU B 231 -39.19 14.89 -17.88
CA GLU B 231 -38.83 14.58 -19.25
C GLU B 231 -38.62 15.82 -20.14
N ASN B 232 -39.15 16.99 -19.71
CA ASN B 232 -38.99 18.25 -20.42
C ASN B 232 -38.40 19.32 -19.51
N ASP B 236 -31.38 19.34 -18.86
CA ASP B 236 -30.05 19.25 -18.26
C ASP B 236 -29.74 20.51 -17.42
N SER B 237 -30.76 21.03 -16.70
CA SER B 237 -30.60 22.22 -15.86
C SER B 237 -29.97 21.92 -14.47
N LEU B 238 -29.75 20.63 -14.14
CA LEU B 238 -29.14 20.21 -12.87
C LEU B 238 -27.68 20.68 -12.76
N PRO B 239 -27.13 20.83 -11.54
CA PRO B 239 -25.75 21.33 -11.42
C PRO B 239 -24.66 20.34 -11.84
N SER B 240 -23.46 20.87 -12.10
CA SER B 240 -22.29 20.08 -12.48
C SER B 240 -21.52 19.64 -11.23
N ASN B 241 -21.49 20.49 -10.18
CA ASN B 241 -20.82 20.23 -8.91
C ASN B 241 -21.53 19.07 -8.18
N PRO B 242 -20.79 18.01 -7.82
CA PRO B 242 -21.43 16.89 -7.11
C PRO B 242 -22.13 17.31 -5.82
N ILE B 243 -21.58 18.33 -5.11
CA ILE B 243 -22.15 18.86 -3.87
C ILE B 243 -23.53 19.44 -4.16
N ASP B 244 -23.62 20.38 -5.13
CA ASP B 244 -24.87 21.02 -5.49
C ASP B 244 -25.88 20.02 -6.01
N PHE B 245 -25.45 19.10 -6.87
CA PHE B 245 -26.33 18.07 -7.45
C PHE B 245 -26.94 17.17 -6.37
N SER B 246 -26.10 16.67 -5.44
CA SER B 246 -26.58 15.80 -4.38
C SER B 246 -27.57 16.50 -3.45
N TYR B 247 -27.41 17.81 -3.22
CA TYR B 247 -28.35 18.55 -2.38
C TYR B 247 -29.65 18.84 -3.13
N ARG B 248 -29.57 19.09 -4.44
CA ARG B 248 -30.73 19.33 -5.31
C ARG B 248 -31.61 18.07 -5.39
N VAL B 249 -30.97 16.88 -5.46
CA VAL B 249 -31.65 15.60 -5.51
C VAL B 249 -32.21 15.27 -4.13
N ALA B 250 -31.47 15.58 -3.04
CA ALA B 250 -31.91 15.33 -1.66
C ALA B 250 -33.23 16.01 -1.31
N ALA B 251 -33.40 17.26 -1.74
CA ALA B 251 -34.61 18.05 -1.51
C ALA B 251 -35.80 17.61 -2.38
N CYS B 252 -35.59 16.70 -3.32
CA CYS B 252 -36.66 16.21 -4.18
C CYS B 252 -37.15 14.82 -3.78
N LEU B 253 -36.35 14.04 -3.03
CA LEU B 253 -36.75 12.69 -2.63
C LEU B 253 -37.86 12.72 -1.61
N PRO B 254 -39.05 12.19 -1.95
CA PRO B 254 -40.15 12.17 -0.99
C PRO B 254 -39.97 11.06 0.05
N ILE B 255 -39.06 11.28 0.99
CA ILE B 255 -38.78 10.30 2.03
C ILE B 255 -39.29 10.78 3.39
N ASP B 256 -39.47 9.85 4.32
CA ASP B 256 -39.93 10.14 5.67
C ASP B 256 -38.86 10.89 6.45
N ASP B 257 -39.27 11.57 7.52
CA ASP B 257 -38.42 12.38 8.38
C ASP B 257 -37.19 11.62 8.91
N VAL B 258 -37.35 10.34 9.26
CA VAL B 258 -36.23 9.55 9.76
C VAL B 258 -35.13 9.35 8.69
N LEU B 259 -35.52 9.14 7.43
CA LEU B 259 -34.54 8.97 6.36
C LEU B 259 -33.96 10.32 5.94
N ARG B 260 -34.75 11.39 6.00
CA ARG B 260 -34.33 12.74 5.64
C ARG B 260 -33.24 13.26 6.63
N ILE B 261 -33.34 12.90 7.91
CA ILE B 261 -32.34 13.30 8.92
C ILE B 261 -31.03 12.52 8.71
N GLN B 262 -31.12 11.25 8.25
CA GLN B 262 -29.96 10.44 7.93
C GLN B 262 -29.26 11.02 6.71
N LEU B 263 -30.01 11.46 5.70
CA LEU B 263 -29.45 12.08 4.51
C LEU B 263 -28.67 13.36 4.89
N LEU B 264 -29.25 14.20 5.75
CA LEU B 264 -28.64 15.45 6.21
C LEU B 264 -27.34 15.19 6.98
N LYS B 265 -27.29 14.07 7.72
CA LYS B 265 -26.12 13.68 8.51
C LYS B 265 -24.89 13.34 7.65
N ILE B 266 -25.08 13.06 6.35
CA ILE B 266 -23.99 12.71 5.46
C ILE B 266 -23.14 13.90 5.13
N GLY B 267 -21.83 13.76 5.29
CA GLY B 267 -20.89 14.83 5.00
C GLY B 267 -20.29 14.82 3.60
N SER B 268 -20.31 13.68 2.93
CA SER B 268 -19.73 13.55 1.61
C SER B 268 -20.76 13.53 0.49
N ALA B 269 -20.46 14.17 -0.66
CA ALA B 269 -21.36 14.13 -1.80
C ALA B 269 -21.39 12.74 -2.43
N ILE B 270 -20.30 11.94 -2.32
CA ILE B 270 -20.27 10.60 -2.87
C ILE B 270 -21.22 9.69 -2.09
N GLN B 271 -21.14 9.74 -0.75
CA GLN B 271 -22.04 8.97 0.10
C GLN B 271 -23.48 9.44 -0.07
N ARG B 272 -23.71 10.75 -0.29
CA ARG B 272 -25.03 11.33 -0.48
C ARG B 272 -25.62 10.89 -1.81
N LEU B 273 -24.83 10.88 -2.89
CA LEU B 273 -25.28 10.42 -4.21
C LEU B 273 -25.59 8.94 -4.18
N ARG B 274 -24.75 8.16 -3.49
CA ARG B 274 -24.95 6.72 -3.32
C ARG B 274 -26.20 6.44 -2.51
N CYS B 275 -26.44 7.21 -1.45
CA CYS B 275 -27.61 7.07 -0.62
C CYS B 275 -28.87 7.37 -1.43
N GLU B 276 -28.82 8.45 -2.26
CA GLU B 276 -29.92 8.86 -3.11
C GLU B 276 -30.25 7.82 -4.18
N LEU B 277 -29.25 7.15 -4.73
CA LEU B 277 -29.47 6.11 -5.73
C LEU B 277 -30.11 4.89 -5.09
N ASP B 278 -29.77 4.59 -3.84
CA ASP B 278 -30.35 3.45 -3.15
C ASP B 278 -31.84 3.71 -2.91
N ILE B 279 -32.16 4.90 -2.40
CA ILE B 279 -33.52 5.32 -2.13
C ILE B 279 -34.35 5.28 -3.42
N MET B 280 -33.79 5.77 -4.52
CA MET B 280 -34.47 5.78 -5.82
C MET B 280 -34.69 4.42 -6.41
N ASN B 281 -33.78 3.48 -6.14
CA ASN B 281 -33.88 2.11 -6.64
C ASN B 281 -34.74 1.21 -5.74
N LYS B 282 -34.97 1.59 -4.48
CA LYS B 282 -35.77 0.79 -3.55
C LYS B 282 -37.18 1.34 -3.29
N CYS B 283 -37.27 2.62 -2.88
CA CYS B 283 -38.51 3.30 -2.51
C CYS B 283 -39.31 3.78 -3.71
N THR B 284 -40.16 2.90 -4.28
CA THR B 284 -40.97 3.22 -5.46
C THR B 284 -42.48 3.39 -5.21
N SER B 285 -42.94 3.15 -3.97
CA SER B 285 -44.35 3.28 -3.63
C SER B 285 -44.53 4.23 -2.45
N LEU B 286 -45.46 5.19 -2.56
CA LEU B 286 -45.72 6.16 -1.50
C LEU B 286 -47.05 5.87 -0.82
N CYS B 287 -46.99 5.62 0.48
CA CYS B 287 -48.17 5.26 1.27
C CYS B 287 -48.53 6.33 2.28
N CYS B 288 -49.73 6.22 2.87
CA CYS B 288 -50.16 7.12 3.95
C CYS B 288 -49.28 6.76 5.18
N LYS B 289 -48.67 7.74 5.87
CA LYS B 289 -47.82 7.49 7.03
C LYS B 289 -48.64 6.96 8.21
N GLN B 290 -49.86 7.45 8.36
CA GLN B 290 -50.78 7.04 9.43
C GLN B 290 -51.24 5.59 9.25
N CYS B 291 -51.70 5.26 8.05
CA CYS B 291 -52.09 3.93 7.62
C CYS B 291 -50.96 2.97 7.45
N GLN B 292 -49.85 3.51 6.96
CA GLN B 292 -48.60 2.81 6.64
C GLN B 292 -48.64 1.92 5.38
N GLU B 293 -49.58 0.99 5.30
CA GLU B 293 -49.70 0.09 4.17
C GLU B 293 -50.66 0.52 3.07
N THR B 294 -51.30 1.68 3.23
CA THR B 294 -52.24 2.18 2.21
C THR B 294 -51.51 3.01 1.17
N GLU B 295 -51.66 2.62 -0.09
CA GLU B 295 -50.94 3.27 -1.19
C GLU B 295 -51.62 4.47 -1.82
N ILE B 296 -50.91 5.59 -1.82
CA ILE B 296 -51.42 6.84 -2.38
C ILE B 296 -50.97 6.98 -3.84
N THR B 297 -49.65 6.91 -4.10
CA THR B 297 -49.13 7.01 -5.48
C THR B 297 -47.83 6.17 -5.67
N THR B 298 -47.40 6.00 -6.94
CA THR B 298 -46.15 5.30 -7.26
C THR B 298 -45.15 6.33 -7.82
N LYS B 299 -43.85 5.96 -7.88
CA LYS B 299 -42.83 6.86 -8.39
C LYS B 299 -43.03 7.22 -9.87
N ASN B 300 -43.71 6.34 -10.64
CA ASN B 300 -44.00 6.56 -12.06
C ASN B 300 -44.88 7.81 -12.32
N GLU B 301 -45.67 8.21 -11.31
CA GLU B 301 -46.56 9.36 -11.40
C GLU B 301 -45.90 10.69 -11.07
N ILE B 302 -44.75 10.67 -10.38
CA ILE B 302 -44.05 11.88 -9.99
C ILE B 302 -43.61 12.70 -11.20
N PHE B 303 -43.88 14.01 -11.16
CA PHE B 303 -43.49 14.91 -12.24
C PHE B 303 -43.12 16.30 -11.70
N SER B 304 -42.34 17.07 -12.48
CA SER B 304 -41.91 18.40 -12.06
C SER B 304 -42.74 19.50 -12.66
N LEU B 305 -43.67 20.04 -11.88
CA LEU B 305 -44.43 21.22 -12.31
C LEU B 305 -43.59 22.50 -12.05
N SER B 306 -42.60 22.44 -11.14
CA SER B 306 -41.70 23.52 -10.80
C SER B 306 -40.32 23.25 -11.39
N LEU B 307 -39.61 24.32 -11.75
CA LEU B 307 -38.24 24.28 -12.27
C LEU B 307 -37.31 23.53 -11.29
N CYS B 308 -37.56 23.64 -9.97
CA CYS B 308 -36.76 23.01 -8.91
C CYS B 308 -36.89 21.51 -8.80
N GLY B 309 -37.90 20.93 -9.44
CA GLY B 309 -38.10 19.49 -9.40
C GLY B 309 -39.50 19.09 -8.97
N PRO B 310 -39.64 17.82 -8.60
CA PRO B 310 -40.97 17.33 -8.23
C PRO B 310 -41.49 17.73 -6.85
N MET B 311 -40.60 18.20 -5.96
CA MET B 311 -41.01 18.57 -4.61
C MET B 311 -40.31 19.81 -4.13
N ALA B 312 -41.08 20.76 -3.59
CA ALA B 312 -40.57 22.03 -3.10
C ALA B 312 -41.31 22.48 -1.83
N ALA B 313 -40.72 23.37 -1.02
CA ALA B 313 -41.39 23.89 0.17
C ALA B 313 -42.29 25.12 -0.18
N TYR B 314 -43.53 25.13 0.32
CA TYR B 314 -44.45 26.26 0.11
C TYR B 314 -45.09 26.60 1.44
N VAL B 315 -45.38 27.87 1.69
CA VAL B 315 -45.98 28.26 2.96
C VAL B 315 -47.48 28.52 2.78
N ASN B 316 -48.30 28.16 3.77
CA ASN B 316 -49.75 28.37 3.69
C ASN B 316 -50.14 29.74 4.32
N PRO B 317 -51.42 30.18 4.33
CA PRO B 317 -51.73 31.51 4.89
C PRO B 317 -51.44 31.70 6.37
N HIS B 318 -51.31 30.61 7.12
CA HIS B 318 -51.03 30.69 8.56
C HIS B 318 -49.57 30.49 8.92
N GLY B 319 -48.68 30.55 7.95
CA GLY B 319 -47.26 30.36 8.20
C GLY B 319 -46.83 28.91 8.33
N TYR B 320 -47.69 27.95 7.97
CA TYR B 320 -47.32 26.53 8.04
C TYR B 320 -46.69 26.04 6.70
N VAL B 321 -45.48 25.50 6.77
CA VAL B 321 -44.75 25.07 5.59
C VAL B 321 -45.09 23.63 5.21
N HIS B 322 -45.38 23.40 3.92
CA HIS B 322 -45.66 22.07 3.37
C HIS B 322 -44.71 21.77 2.23
N GLU B 323 -43.99 20.62 2.32
CA GLU B 323 -43.11 20.20 1.22
C GLU B 323 -44.00 19.40 0.31
N THR B 324 -44.45 20.03 -0.78
CA THR B 324 -45.46 19.46 -1.65
C THR B 324 -44.84 18.78 -2.89
N LEU B 325 -45.25 17.54 -3.14
CA LEU B 325 -44.76 16.73 -4.24
C LEU B 325 -45.85 16.65 -5.31
N THR B 326 -45.51 16.91 -6.58
CA THR B 326 -46.49 16.90 -7.64
C THR B 326 -46.50 15.57 -8.37
N VAL B 327 -47.67 14.93 -8.43
CA VAL B 327 -47.84 13.66 -9.12
C VAL B 327 -49.02 13.76 -10.09
N TYR B 328 -48.99 12.93 -11.15
CA TYR B 328 -50.08 12.91 -12.13
C TYR B 328 -51.37 12.33 -11.55
N LYS B 329 -51.29 11.18 -10.88
CA LYS B 329 -52.47 10.61 -10.26
C LYS B 329 -52.18 10.01 -8.90
N ALA B 330 -53.14 10.19 -8.00
CA ALA B 330 -53.13 9.67 -6.65
C ALA B 330 -54.39 8.85 -6.45
N CYS B 331 -54.28 7.77 -5.70
CA CYS B 331 -55.39 6.87 -5.42
C CYS B 331 -55.73 6.84 -3.93
N ASN B 332 -56.92 6.31 -3.61
CA ASN B 332 -57.37 6.12 -2.25
C ASN B 332 -57.50 7.41 -1.47
N LEU B 333 -57.97 8.47 -2.11
CA LEU B 333 -58.15 9.75 -1.46
C LEU B 333 -59.57 10.24 -1.65
N ASN B 334 -60.10 10.92 -0.62
CA ASN B 334 -61.42 11.52 -0.65
C ASN B 334 -61.23 13.03 -0.69
N LEU B 335 -62.08 13.72 -1.48
CA LEU B 335 -62.00 15.17 -1.65
C LEU B 335 -63.03 15.93 -0.86
N ILE B 336 -62.56 16.82 0.03
CA ILE B 336 -63.45 17.61 0.89
C ILE B 336 -63.42 19.09 0.49
N GLY B 337 -64.58 19.72 0.53
CA GLY B 337 -64.69 21.12 0.18
C GLY B 337 -64.81 21.35 -1.31
N ARG B 338 -64.82 22.61 -1.71
CA ARG B 338 -64.95 22.98 -3.11
C ARG B 338 -63.66 23.64 -3.60
N PRO B 339 -63.27 23.44 -4.88
CA PRO B 339 -62.01 24.01 -5.37
C PRO B 339 -61.84 25.50 -5.11
N SER B 340 -60.68 25.89 -4.56
CA SER B 340 -60.39 27.28 -4.24
C SER B 340 -59.05 27.70 -4.82
N THR B 341 -58.96 28.92 -5.38
CA THR B 341 -57.70 29.44 -5.88
C THR B 341 -56.99 30.34 -4.84
N GLU B 342 -57.57 30.51 -3.62
CA GLU B 342 -56.98 31.34 -2.57
C GLU B 342 -55.63 30.79 -2.18
N HIS B 343 -54.57 31.66 -2.22
CA HIS B 343 -53.21 31.33 -1.84
C HIS B 343 -52.63 30.16 -2.64
N SER B 344 -53.15 29.89 -3.84
CA SER B 344 -52.71 28.76 -4.65
C SER B 344 -51.23 28.84 -5.05
N TRP B 345 -50.47 27.83 -4.64
CA TRP B 345 -49.04 27.70 -4.92
C TRP B 345 -48.76 27.43 -6.43
N PHE B 346 -49.78 27.07 -7.21
CA PHE B 346 -49.65 26.82 -8.64
C PHE B 346 -50.62 27.76 -9.39
N PRO B 347 -50.20 29.02 -9.64
CA PRO B 347 -51.11 29.99 -10.29
C PRO B 347 -51.75 29.46 -11.58
N GLY B 348 -53.06 29.44 -11.59
CA GLY B 348 -53.85 28.87 -12.67
C GLY B 348 -54.57 27.60 -12.26
N TYR B 349 -54.25 27.07 -11.05
CA TYR B 349 -54.88 25.87 -10.48
C TYR B 349 -55.62 26.19 -9.18
N ALA B 350 -56.74 25.50 -8.94
CA ALA B 350 -57.53 25.58 -7.71
C ALA B 350 -57.21 24.33 -6.89
N TRP B 351 -57.15 24.44 -5.56
CA TRP B 351 -56.86 23.30 -4.69
C TRP B 351 -58.12 22.79 -3.96
N THR B 352 -58.10 21.49 -3.62
CA THR B 352 -59.18 20.82 -2.89
C THR B 352 -58.50 19.84 -1.93
N VAL B 353 -58.88 19.87 -0.65
CA VAL B 353 -58.27 19.01 0.36
C VAL B 353 -58.52 17.55 0.06
N ALA B 354 -57.45 16.75 0.13
CA ALA B 354 -57.48 15.31 -0.11
C ALA B 354 -57.14 14.59 1.17
N GLN B 355 -58.02 13.71 1.63
CA GLN B 355 -57.79 12.93 2.85
C GLN B 355 -57.64 11.45 2.50
N CYS B 356 -56.86 10.68 3.28
CA CYS B 356 -56.77 9.22 3.07
C CYS B 356 -58.15 8.60 3.31
N LYS B 357 -58.67 7.81 2.36
CA LYS B 357 -60.00 7.22 2.51
C LYS B 357 -60.13 6.35 3.77
N ILE B 358 -59.06 5.66 4.17
CA ILE B 358 -59.06 4.79 5.33
C ILE B 358 -59.00 5.56 6.67
N CYS B 359 -57.94 6.37 6.90
CA CYS B 359 -57.73 7.03 8.18
C CYS B 359 -58.08 8.52 8.24
N ALA B 360 -58.58 9.12 7.14
CA ALA B 360 -58.96 10.53 7.05
C ALA B 360 -57.81 11.54 7.22
N SER B 361 -56.54 11.08 7.31
CA SER B 361 -55.41 12.00 7.46
C SER B 361 -55.28 12.90 6.26
N HIS B 362 -54.88 14.17 6.49
CA HIS B 362 -54.68 15.09 5.40
C HIS B 362 -53.41 14.72 4.62
N ILE B 363 -53.58 14.09 3.44
CA ILE B 363 -52.44 13.68 2.61
C ILE B 363 -51.92 14.83 1.74
N GLY B 364 -52.83 15.68 1.28
CA GLY B 364 -52.45 16.80 0.44
C GLY B 364 -53.64 17.45 -0.23
N TRP B 365 -53.52 17.73 -1.53
CA TRP B 365 -54.57 18.42 -2.28
C TRP B 365 -54.64 17.98 -3.74
N LYS B 366 -55.84 18.03 -4.33
CA LYS B 366 -56.00 17.83 -5.77
C LYS B 366 -56.00 19.24 -6.39
N PHE B 367 -55.26 19.43 -7.48
CA PHE B 367 -55.18 20.71 -8.16
C PHE B 367 -55.87 20.62 -9.51
N THR B 368 -56.87 21.45 -9.71
CA THR B 368 -57.67 21.45 -10.93
C THR B 368 -57.38 22.72 -11.74
N ALA B 369 -57.25 22.62 -13.07
CA ALA B 369 -56.95 23.79 -13.90
C ALA B 369 -58.16 24.67 -14.05
N THR B 370 -58.00 25.99 -13.96
CA THR B 370 -59.12 26.92 -14.11
C THR B 370 -59.47 27.19 -15.58
N LYS B 371 -58.48 27.08 -16.50
CA LYS B 371 -58.68 27.28 -17.93
C LYS B 371 -58.61 25.92 -18.65
N LYS B 372 -59.43 25.73 -19.69
CA LYS B 372 -59.45 24.48 -20.47
C LYS B 372 -58.23 24.27 -21.36
N ASP B 373 -57.46 25.34 -21.63
CA ASP B 373 -56.27 25.25 -22.48
C ASP B 373 -55.00 24.83 -21.74
N MET B 374 -55.05 24.67 -20.41
CA MET B 374 -53.90 24.30 -19.62
C MET B 374 -53.66 22.79 -19.62
N SER B 375 -52.42 22.39 -19.35
CA SER B 375 -52.04 20.99 -19.26
C SER B 375 -50.93 20.86 -18.21
N PRO B 376 -51.06 19.90 -17.27
CA PRO B 376 -52.17 18.95 -17.12
C PRO B 376 -53.43 19.60 -16.56
N GLN B 377 -54.61 19.07 -16.91
CA GLN B 377 -55.87 19.60 -16.40
C GLN B 377 -56.07 19.31 -14.90
N LYS B 378 -55.39 18.29 -14.37
CA LYS B 378 -55.50 17.90 -12.97
C LYS B 378 -54.18 17.28 -12.51
N PHE B 379 -53.86 17.44 -11.23
CA PHE B 379 -52.68 16.84 -10.62
C PHE B 379 -52.83 16.82 -9.10
N TRP B 380 -51.91 16.17 -8.39
CA TRP B 380 -51.98 16.09 -6.95
C TRP B 380 -50.72 16.67 -6.31
N GLY B 381 -50.91 17.38 -5.22
CA GLY B 381 -49.85 17.94 -4.40
C GLY B 381 -49.88 17.21 -3.07
N LEU B 382 -48.94 16.31 -2.86
CA LEU B 382 -48.91 15.49 -1.64
C LEU B 382 -47.85 16.03 -0.67
N THR B 383 -48.26 16.28 0.59
CA THR B 383 -47.33 16.82 1.57
C THR B 383 -46.40 15.68 2.06
N ARG B 384 -45.07 15.95 2.07
CA ARG B 384 -44.04 14.98 2.42
C ARG B 384 -44.25 14.36 3.80
N SER B 385 -44.64 15.18 4.77
CA SER B 385 -44.91 14.76 6.14
C SER B 385 -46.03 13.74 6.26
N ALA B 386 -46.88 13.59 5.23
CA ALA B 386 -47.98 12.63 5.24
C ALA B 386 -47.62 11.31 4.58
N LEU B 387 -46.55 11.24 3.79
CA LEU B 387 -46.18 10.05 3.05
C LEU B 387 -45.13 9.20 3.72
N LEU B 388 -45.12 7.91 3.37
CA LEU B 388 -44.16 6.96 3.86
C LEU B 388 -43.69 6.17 2.65
N PRO B 389 -42.39 6.22 2.32
CA PRO B 389 -41.91 5.47 1.17
C PRO B 389 -41.73 4.01 1.54
N THR B 390 -42.33 3.12 0.74
CA THR B 390 -42.22 1.70 0.98
C THR B 390 -41.49 1.02 -0.17
N ILE B 391 -40.73 -0.05 0.15
CA ILE B 391 -40.02 -0.86 -0.84
C ILE B 391 -40.91 -2.08 -1.06
N PRO B 392 -41.76 -2.07 -2.12
CA PRO B 392 -42.70 -3.18 -2.34
C PRO B 392 -42.10 -4.57 -2.54
N ASP B 393 -42.42 -5.50 -1.64
CA ASP B 393 -41.93 -6.88 -1.73
C ASP B 393 -43.09 -7.87 -1.83
N ILE B 404 -33.29 2.27 7.25
CA ILE B 404 -31.96 2.87 7.31
C ILE B 404 -31.43 3.25 5.92
N LEU B 405 -30.49 4.20 5.87
CA LEU B 405 -29.87 4.66 4.63
C LEU B 405 -28.82 3.65 4.08
N CYS B 406 -28.29 3.86 2.86
CA CYS B 406 -27.30 2.95 2.29
C CYS B 406 -26.22 3.66 1.45
N LEU B 407 -25.11 4.03 2.09
CA LEU B 407 -23.99 4.70 1.42
C LEU B 407 -22.76 3.79 1.31
C1 EDO C . 16.98 0.91 -10.00
O1 EDO C . 16.39 0.04 -9.04
C2 EDO C . 18.24 1.54 -9.48
O2 EDO C . 18.94 0.67 -8.60
C1 EDO D . 16.67 13.43 6.26
O1 EDO D . 16.93 12.15 5.74
C2 EDO D . 15.74 14.19 5.34
O2 EDO D . 16.41 14.62 4.18
C1 EDO E . 10.06 -8.59 -13.78
O1 EDO E . 9.55 -7.37 -14.30
C2 EDO E . 8.96 -9.61 -13.76
O2 EDO E . 9.27 -10.69 -14.63
C1 EDO F . 18.58 30.38 -7.37
O1 EDO F . 18.22 30.61 -6.01
C2 EDO F . 19.87 29.56 -7.43
O2 EDO F . 20.41 29.57 -8.75
C1 EDO G . -9.93 27.35 -22.59
O1 EDO G . -10.38 28.26 -23.59
C2 EDO G . -10.77 27.42 -21.33
O2 EDO G . -11.56 26.24 -21.18
C1 EDO H . 22.31 21.44 4.20
O1 EDO H . 22.25 22.77 3.67
C2 EDO H . 20.92 20.83 4.38
O2 EDO H . 20.66 19.82 3.39
ZN ZN I . -54.36 6.54 5.85
C1 Y70 J . -56.60 27.90 5.00
C2 Y70 J . -56.10 26.88 5.78
C3 Y70 J . -55.12 26.04 5.29
C4 Y70 J . -54.64 26.24 4.00
C5 Y70 J . -55.14 27.25 3.19
C6 Y70 J . -56.14 28.11 3.70
C7 Y70 J . -53.59 25.52 3.24
N8 Y70 J . -53.53 26.13 1.99
C9 Y70 J . -54.43 27.20 1.90
N10 Y70 J . -56.64 29.14 2.95
O11 Y70 J . -54.56 27.91 0.92
C12 Y70 J . -52.71 25.68 0.88
O13 Y70 J . -52.89 24.60 3.61
C14 Y70 J . -53.60 24.92 -0.10
C15 Y70 J . -52.01 26.84 0.22
N16 Y70 J . -51.81 26.77 -1.13
C17 Y70 J . -52.14 25.73 -1.96
C18 Y70 J . -52.79 24.54 -1.33
O19 Y70 J . -51.59 27.79 0.86
O20 Y70 J . -51.89 25.78 -3.16
#